data_9EN7
# 
_entry.id   9EN7 
# 
_audit_conform.dict_name       mmcif_pdbx.dic 
_audit_conform.dict_version    5.399 
_audit_conform.dict_location   http://mmcif.pdb.org/dictionaries/ascii/mmcif_pdbx.dic 
# 
loop_
_database_2.database_id 
_database_2.database_code 
_database_2.pdbx_database_accession 
_database_2.pdbx_DOI 
PDB   9EN7         pdb_00009en7 10.2210/pdb9en7/pdb 
WWPDB D_1292128961 ?            ?                   
# 
loop_
_pdbx_audit_revision_history.ordinal 
_pdbx_audit_revision_history.data_content_type 
_pdbx_audit_revision_history.major_revision 
_pdbx_audit_revision_history.minor_revision 
_pdbx_audit_revision_history.revision_date 
1 'Structure model' 1 0 2024-11-13 
2 'Structure model' 1 1 2024-11-20 
# 
_pdbx_audit_revision_details.ordinal             1 
_pdbx_audit_revision_details.revision_ordinal    1 
_pdbx_audit_revision_details.data_content_type   'Structure model' 
_pdbx_audit_revision_details.provider            repository 
_pdbx_audit_revision_details.type                'Initial release' 
_pdbx_audit_revision_details.description         ? 
_pdbx_audit_revision_details.details             ? 
# 
_pdbx_audit_revision_group.ordinal             1 
_pdbx_audit_revision_group.revision_ordinal    2 
_pdbx_audit_revision_group.data_content_type   'Structure model' 
_pdbx_audit_revision_group.group               'Database references' 
# 
_pdbx_audit_revision_category.ordinal             1 
_pdbx_audit_revision_category.revision_ordinal    2 
_pdbx_audit_revision_category.data_content_type   'Structure model' 
_pdbx_audit_revision_category.category            citation 
# 
loop_
_pdbx_audit_revision_item.ordinal 
_pdbx_audit_revision_item.revision_ordinal 
_pdbx_audit_revision_item.data_content_type 
_pdbx_audit_revision_item.item 
1 2 'Structure model' '_citation.journal_volume'          
2 2 'Structure model' '_citation.page_last'               
3 2 'Structure model' '_citation.pdbx_database_id_PubMed' 
4 2 'Structure model' '_citation.title'                   
# 
_pdbx_database_status.status_code                     REL 
_pdbx_database_status.status_code_sf                  REL 
_pdbx_database_status.status_code_mr                  ? 
_pdbx_database_status.entry_id                        9EN7 
_pdbx_database_status.recvd_initial_deposition_date   2024-03-12 
_pdbx_database_status.SG_entry                        N 
_pdbx_database_status.deposit_site                    PDBE 
_pdbx_database_status.process_site                    PDBE 
_pdbx_database_status.status_code_cs                  ? 
_pdbx_database_status.status_code_nmr_data            ? 
_pdbx_database_status.methods_development_category    ? 
_pdbx_database_status.pdb_format_compatible           Y 
# 
_pdbx_contact_author.id                 2 
_pdbx_contact_author.email              Janosch.Hennig@uni-bayreuth.de 
_pdbx_contact_author.name_first         Janosch 
_pdbx_contact_author.name_last          Hennig 
_pdbx_contact_author.name_mi            ? 
_pdbx_contact_author.role               'principal investigator/group leader' 
_pdbx_contact_author.identifier_ORCID   0000-0001-5214-7002 
# 
loop_
_audit_author.name 
_audit_author.pdbx_ordinal 
_audit_author.identifier_ORCID 
'Lomoschitz, A.' 1 0000-0003-0683-2003 
'Hennig, J.'     2 0000-0001-5214-7002 
'Murciano, B.'   3 0000-0001-8886-2972 
'Meyer, J.'      4 0009-0003-1430-9981 
# 
_citation.abstract                  ? 
_citation.abstract_id_CAS           ? 
_citation.book_id_ISBN              ? 
_citation.book_publisher            ? 
_citation.book_publisher_city       ? 
_citation.book_title                ? 
_citation.coordinate_linkage        ? 
_citation.country                   NE 
_citation.database_id_Medline       ? 
_citation.details                   ? 
_citation.id                        primary 
_citation.journal_abbrev            Biophys.Chem. 
_citation.journal_id_ASTM           BICIAZ 
_citation.journal_id_CSD            0829 
_citation.journal_id_ISSN           0301-4622 
_citation.journal_full              ? 
_citation.journal_issue             ? 
_citation.journal_volume            316 
_citation.language                  ? 
_citation.page_first                107346 
_citation.page_last                 107346 
_citation.title                     
;The Drosophila RNA binding protein Hrp48 binds a specific RNA sequence of the msl-2 mRNA 3' UTR to regulate translation.
;
_citation.year                      2024 
_citation.database_id_CSD           ? 
_citation.pdbx_database_id_DOI      10.1016/j.bpc.2024.107346 
_citation.pdbx_database_id_PubMed   39504588 
_citation.pdbx_database_id_patent   ? 
_citation.unpublished_flag          ? 
# 
loop_
_citation_author.citation_id 
_citation_author.name 
_citation_author.ordinal 
_citation_author.identifier_ORCID 
primary 'Lomoschitz, A.' 1  ? 
primary 'Meyer, J.'      2  ? 
primary 'Guitart, T.'    3  ? 
primary 'Krepl, M.'      4  ? 
primary 'Lapouge, K.'    5  ? 
primary 'Hayn, C.'       6  ? 
primary 'Schweimer, K.'  7  ? 
primary 'Simon, B.'      8  ? 
primary 'Sponer, J.'     9  ? 
primary 'Gebauer, F.'    10 ? 
primary 'Hennig, J.'     11 ? 
# 
loop_
_entity.id 
_entity.type 
_entity.src_method 
_entity.pdbx_description 
_entity.formula_weight 
_entity.pdbx_number_of_molecules 
_entity.pdbx_ec 
_entity.pdbx_mutation 
_entity.pdbx_fragment 
_entity.details 
1 polymer     man 'Heterogeneous nuclear ribonucleoprotein 27C' 10102.257 1   ? ? ? ? 
2 non-polymer syn GLYCEROL                                      92.094    2   ? ? ? ? 
3 water       nat water                                         18.015    121 ? ? ? ? 
# 
_entity_name_com.entity_id   1 
_entity_name_com.name        'Hrb27-C,HRP48.1,hnRNP 48' 
# 
_entity_poly.entity_id                      1 
_entity_poly.type                           'polypeptide(L)' 
_entity_poly.nstd_linkage                   no 
_entity_poly.nstd_monomer                   no 
_entity_poly.pdbx_seq_one_letter_code       
;GAMEEDERGKLFVGGLSWETTQENLSRYFCRFGDIIDCVVMKNNESGRSRGFGFVTFADPTNVNHVLQNGPHTLDGRTID
PKPCNPRTLQ
;
_entity_poly.pdbx_seq_one_letter_code_can   
;GAMEEDERGKLFVGGLSWETTQENLSRYFCRFGDIIDCVVMKNNESGRSRGFGFVTFADPTNVNHVLQNGPHTLDGRTID
PKPCNPRTLQ
;
_entity_poly.pdbx_strand_id                 A 
_entity_poly.pdbx_target_identifier         ? 
# 
loop_
_pdbx_entity_nonpoly.entity_id 
_pdbx_entity_nonpoly.name 
_pdbx_entity_nonpoly.comp_id 
2 GLYCEROL GOL 
3 water    HOH 
# 
loop_
_entity_poly_seq.entity_id 
_entity_poly_seq.num 
_entity_poly_seq.mon_id 
_entity_poly_seq.hetero 
1 1  GLY n 
1 2  ALA n 
1 3  MET n 
1 4  GLU n 
1 5  GLU n 
1 6  ASP n 
1 7  GLU n 
1 8  ARG n 
1 9  GLY n 
1 10 LYS n 
1 11 LEU n 
1 12 PHE n 
1 13 VAL n 
1 14 GLY n 
1 15 GLY n 
1 16 LEU n 
1 17 SER n 
1 18 TRP n 
1 19 GLU n 
1 20 THR n 
1 21 THR n 
1 22 GLN n 
1 23 GLU n 
1 24 ASN n 
1 25 LEU n 
1 26 SER n 
1 27 ARG n 
1 28 TYR n 
1 29 PHE n 
1 30 CYS n 
1 31 ARG n 
1 32 PHE n 
1 33 GLY n 
1 34 ASP n 
1 35 ILE n 
1 36 ILE n 
1 37 ASP n 
1 38 CYS n 
1 39 VAL n 
1 40 VAL n 
1 41 MET n 
1 42 LYS n 
1 43 ASN n 
1 44 ASN n 
1 45 GLU n 
1 46 SER n 
1 47 GLY n 
1 48 ARG n 
1 49 SER n 
1 50 ARG n 
1 51 GLY n 
1 52 PHE n 
1 53 GLY n 
1 54 PHE n 
1 55 VAL n 
1 56 THR n 
1 57 PHE n 
1 58 ALA n 
1 59 ASP n 
1 60 PRO n 
1 61 THR n 
1 62 ASN n 
1 63 VAL n 
1 64 ASN n 
1 65 HIS n 
1 66 VAL n 
1 67 LEU n 
1 68 GLN n 
1 69 ASN n 
1 70 GLY n 
1 71 PRO n 
1 72 HIS n 
1 73 THR n 
1 74 LEU n 
1 75 ASP n 
1 76 GLY n 
1 77 ARG n 
1 78 THR n 
1 79 ILE n 
1 80 ASP n 
1 81 PRO n 
1 82 LYS n 
1 83 PRO n 
1 84 CYS n 
1 85 ASN n 
1 86 PRO n 
1 87 ARG n 
1 88 THR n 
1 89 LEU n 
1 90 GLN n 
# 
_entity_src_gen.entity_id                          1 
_entity_src_gen.pdbx_src_id                        1 
_entity_src_gen.pdbx_alt_source_flag               sample 
_entity_src_gen.pdbx_seq_type                      'Biological sequence' 
_entity_src_gen.pdbx_beg_seq_num                   1 
_entity_src_gen.pdbx_end_seq_num                   90 
_entity_src_gen.gene_src_common_name               'fruit fly' 
_entity_src_gen.gene_src_genus                     ? 
_entity_src_gen.pdbx_gene_src_gene                 'Hrb27C, hrp48, Rbp7, CG10377' 
_entity_src_gen.gene_src_species                   ? 
_entity_src_gen.gene_src_strain                    ? 
_entity_src_gen.gene_src_tissue                    ? 
_entity_src_gen.gene_src_tissue_fraction           ? 
_entity_src_gen.gene_src_details                   ? 
_entity_src_gen.pdbx_gene_src_fragment             ? 
_entity_src_gen.pdbx_gene_src_scientific_name      'Drosophila melanogaster' 
_entity_src_gen.pdbx_gene_src_ncbi_taxonomy_id     7227 
_entity_src_gen.pdbx_gene_src_variant              ? 
_entity_src_gen.pdbx_gene_src_cell_line            ? 
_entity_src_gen.pdbx_gene_src_atcc                 ? 
_entity_src_gen.pdbx_gene_src_organ                ? 
_entity_src_gen.pdbx_gene_src_organelle            ? 
_entity_src_gen.pdbx_gene_src_cell                 ? 
_entity_src_gen.pdbx_gene_src_cellular_location    ? 
_entity_src_gen.host_org_common_name               ? 
_entity_src_gen.pdbx_host_org_scientific_name      'Escherichia coli' 
_entity_src_gen.pdbx_host_org_ncbi_taxonomy_id     562 
_entity_src_gen.host_org_genus                     ? 
_entity_src_gen.pdbx_host_org_gene                 ? 
_entity_src_gen.pdbx_host_org_organ                ? 
_entity_src_gen.host_org_species                   ? 
_entity_src_gen.pdbx_host_org_tissue               ? 
_entity_src_gen.pdbx_host_org_tissue_fraction      ? 
_entity_src_gen.pdbx_host_org_strain               'BL-21 (DE3)' 
_entity_src_gen.pdbx_host_org_variant              ? 
_entity_src_gen.pdbx_host_org_cell_line            ? 
_entity_src_gen.pdbx_host_org_atcc                 ? 
_entity_src_gen.pdbx_host_org_culture_collection   ? 
_entity_src_gen.pdbx_host_org_cell                 ? 
_entity_src_gen.pdbx_host_org_organelle            ? 
_entity_src_gen.pdbx_host_org_cellular_location    ? 
_entity_src_gen.pdbx_host_org_vector_type          ? 
_entity_src_gen.pdbx_host_org_vector               ? 
_entity_src_gen.host_org_details                   ? 
_entity_src_gen.expression_system_id               ? 
_entity_src_gen.plasmid_name                       ? 
_entity_src_gen.plasmid_details                    ? 
_entity_src_gen.pdbx_description                   ? 
# 
loop_
_chem_comp.id 
_chem_comp.type 
_chem_comp.mon_nstd_flag 
_chem_comp.name 
_chem_comp.pdbx_synonyms 
_chem_comp.formula 
_chem_comp.formula_weight 
ALA 'L-peptide linking' y ALANINE         ?                               'C3 H7 N O2'     89.093  
ARG 'L-peptide linking' y ARGININE        ?                               'C6 H15 N4 O2 1' 175.209 
ASN 'L-peptide linking' y ASPARAGINE      ?                               'C4 H8 N2 O3'    132.118 
ASP 'L-peptide linking' y 'ASPARTIC ACID' ?                               'C4 H7 N O4'     133.103 
CYS 'L-peptide linking' y CYSTEINE        ?                               'C3 H7 N O2 S'   121.158 
GLN 'L-peptide linking' y GLUTAMINE       ?                               'C5 H10 N2 O3'   146.144 
GLU 'L-peptide linking' y 'GLUTAMIC ACID' ?                               'C5 H9 N O4'     147.129 
GLY 'peptide linking'   y GLYCINE         ?                               'C2 H5 N O2'     75.067  
GOL non-polymer         . GLYCEROL        'GLYCERIN; PROPANE-1,2,3-TRIOL' 'C3 H8 O3'       92.094  
HIS 'L-peptide linking' y HISTIDINE       ?                               'C6 H10 N3 O2 1' 156.162 
HOH non-polymer         . WATER           ?                               'H2 O'           18.015  
ILE 'L-peptide linking' y ISOLEUCINE      ?                               'C6 H13 N O2'    131.173 
LEU 'L-peptide linking' y LEUCINE         ?                               'C6 H13 N O2'    131.173 
LYS 'L-peptide linking' y LYSINE          ?                               'C6 H15 N2 O2 1' 147.195 
MET 'L-peptide linking' y METHIONINE      ?                               'C5 H11 N O2 S'  149.211 
PHE 'L-peptide linking' y PHENYLALANINE   ?                               'C9 H11 N O2'    165.189 
PRO 'L-peptide linking' y PROLINE         ?                               'C5 H9 N O2'     115.130 
SER 'L-peptide linking' y SERINE          ?                               'C3 H7 N O3'     105.093 
THR 'L-peptide linking' y THREONINE       ?                               'C4 H9 N O3'     119.119 
TRP 'L-peptide linking' y TRYPTOPHAN      ?                               'C11 H12 N2 O2'  204.225 
TYR 'L-peptide linking' y TYROSINE        ?                               'C9 H11 N O3'    181.189 
VAL 'L-peptide linking' y VALINE          ?                               'C5 H11 N O2'    117.146 
# 
loop_
_pdbx_poly_seq_scheme.asym_id 
_pdbx_poly_seq_scheme.entity_id 
_pdbx_poly_seq_scheme.seq_id 
_pdbx_poly_seq_scheme.mon_id 
_pdbx_poly_seq_scheme.ndb_seq_num 
_pdbx_poly_seq_scheme.pdb_seq_num 
_pdbx_poly_seq_scheme.auth_seq_num 
_pdbx_poly_seq_scheme.pdb_mon_id 
_pdbx_poly_seq_scheme.auth_mon_id 
_pdbx_poly_seq_scheme.pdb_strand_id 
_pdbx_poly_seq_scheme.pdb_ins_code 
_pdbx_poly_seq_scheme.hetero 
A 1 1  GLY 1  1  ?  ?   ?   A . n 
A 1 2  ALA 2  2  ?  ?   ?   A . n 
A 1 3  MET 3  3  ?  ?   ?   A . n 
A 1 4  GLU 4  4  ?  ?   ?   A . n 
A 1 5  GLU 5  5  ?  ?   ?   A . n 
A 1 6  ASP 6  6  ?  ?   ?   A . n 
A 1 7  GLU 7  7  7  GLU GLU A . n 
A 1 8  ARG 8  8  8  ARG ARG A . n 
A 1 9  GLY 9  9  9  GLY GLY A . n 
A 1 10 LYS 10 10 10 LYS LYS A . n 
A 1 11 LEU 11 11 11 LEU LEU A . n 
A 1 12 PHE 12 12 12 PHE PHE A . n 
A 1 13 VAL 13 13 13 VAL VAL A . n 
A 1 14 GLY 14 14 14 GLY GLY A . n 
A 1 15 GLY 15 15 15 GLY GLY A . n 
A 1 16 LEU 16 16 16 LEU LEU A . n 
A 1 17 SER 17 17 17 SER SER A . n 
A 1 18 TRP 18 18 18 TRP TRP A . n 
A 1 19 GLU 19 19 19 GLU GLU A . n 
A 1 20 THR 20 20 20 THR THR A . n 
A 1 21 THR 21 21 21 THR THR A . n 
A 1 22 GLN 22 22 22 GLN GLN A . n 
A 1 23 GLU 23 23 23 GLU GLU A . n 
A 1 24 ASN 24 24 24 ASN ASN A . n 
A 1 25 LEU 25 25 25 LEU LEU A . n 
A 1 26 SER 26 26 26 SER SER A . n 
A 1 27 ARG 27 27 27 ARG ARG A . n 
A 1 28 TYR 28 28 28 TYR TYR A . n 
A 1 29 PHE 29 29 29 PHE PHE A . n 
A 1 30 CYS 30 30 30 CYS CYS A . n 
A 1 31 ARG 31 31 31 ARG ARG A . n 
A 1 32 PHE 32 32 32 PHE PHE A . n 
A 1 33 GLY 33 33 33 GLY GLY A . n 
A 1 34 ASP 34 34 34 ASP ASP A . n 
A 1 35 ILE 35 35 35 ILE ILE A . n 
A 1 36 ILE 36 36 36 ILE ILE A . n 
A 1 37 ASP 37 37 37 ASP ASP A . n 
A 1 38 CYS 38 38 38 CYS CYS A . n 
A 1 39 VAL 39 39 39 VAL VAL A . n 
A 1 40 VAL 40 40 40 VAL VAL A . n 
A 1 41 MET 41 41 41 MET MET A . n 
A 1 42 LYS 42 42 42 LYS LYS A . n 
A 1 43 ASN 43 43 43 ASN ASN A . n 
A 1 44 ASN 44 44 44 ASN ASN A . n 
A 1 45 GLU 45 45 45 GLU GLU A . n 
A 1 46 SER 46 46 46 SER SER A . n 
A 1 47 GLY 47 47 47 GLY GLY A . n 
A 1 48 ARG 48 48 48 ARG ARG A . n 
A 1 49 SER 49 49 49 SER SER A . n 
A 1 50 ARG 50 50 50 ARG ARG A . n 
A 1 51 GLY 51 51 51 GLY GLY A . n 
A 1 52 PHE 52 52 52 PHE PHE A . n 
A 1 53 GLY 53 53 53 GLY GLY A . n 
A 1 54 PHE 54 54 54 PHE PHE A . n 
A 1 55 VAL 55 55 55 VAL VAL A . n 
A 1 56 THR 56 56 56 THR THR A . n 
A 1 57 PHE 57 57 57 PHE PHE A . n 
A 1 58 ALA 58 58 58 ALA ALA A . n 
A 1 59 ASP 59 59 59 ASP ASP A . n 
A 1 60 PRO 60 60 60 PRO PRO A . n 
A 1 61 THR 61 61 61 THR THR A . n 
A 1 62 ASN 62 62 62 ASN ASN A . n 
A 1 63 VAL 63 63 63 VAL VAL A . n 
A 1 64 ASN 64 64 64 ASN ASN A . n 
A 1 65 HIS 65 65 65 HIS HIS A . n 
A 1 66 VAL 66 66 66 VAL VAL A . n 
A 1 67 LEU 67 67 67 LEU LEU A . n 
A 1 68 GLN 68 68 68 GLN GLN A . n 
A 1 69 ASN 69 69 69 ASN ASN A . n 
A 1 70 GLY 70 70 70 GLY GLY A . n 
A 1 71 PRO 71 71 71 PRO PRO A . n 
A 1 72 HIS 72 72 72 HIS HIS A . n 
A 1 73 THR 73 73 73 THR THR A . n 
A 1 74 LEU 74 74 74 LEU LEU A . n 
A 1 75 ASP 75 75 75 ASP ASP A . n 
A 1 76 GLY 76 76 76 GLY GLY A . n 
A 1 77 ARG 77 77 77 ARG ARG A . n 
A 1 78 THR 78 78 78 THR THR A . n 
A 1 79 ILE 79 79 79 ILE ILE A . n 
A 1 80 ASP 80 80 80 ASP ASP A . n 
A 1 81 PRO 81 81 81 PRO PRO A . n 
A 1 82 LYS 82 82 82 LYS LYS A . n 
A 1 83 PRO 83 83 83 PRO PRO A . n 
A 1 84 CYS 84 84 84 CYS CYS A . n 
A 1 85 ASN 85 85 85 ASN ASN A . n 
A 1 86 PRO 86 86 86 PRO PRO A . n 
A 1 87 ARG 87 87 87 ARG ARG A . n 
A 1 88 THR 88 88 88 THR THR A . n 
A 1 89 LEU 89 89 89 LEU LEU A . n 
A 1 90 GLN 90 90 90 GLN GLN A . n 
# 
loop_
_pdbx_nonpoly_scheme.asym_id 
_pdbx_nonpoly_scheme.entity_id 
_pdbx_nonpoly_scheme.mon_id 
_pdbx_nonpoly_scheme.ndb_seq_num 
_pdbx_nonpoly_scheme.pdb_seq_num 
_pdbx_nonpoly_scheme.auth_seq_num 
_pdbx_nonpoly_scheme.pdb_mon_id 
_pdbx_nonpoly_scheme.auth_mon_id 
_pdbx_nonpoly_scheme.pdb_strand_id 
_pdbx_nonpoly_scheme.pdb_ins_code 
B 2 GOL 1   101 101 GOL GOL A . 
C 2 GOL 1   102 102 GOL GOL A . 
D 3 HOH 1   201 25  HOH HOH A . 
D 3 HOH 2   202 34  HOH HOH A . 
D 3 HOH 3   203 122 HOH HOH A . 
D 3 HOH 4   204 62  HOH HOH A . 
D 3 HOH 5   205 54  HOH HOH A . 
D 3 HOH 6   206 11  HOH HOH A . 
D 3 HOH 7   207 60  HOH HOH A . 
D 3 HOH 8   208 72  HOH HOH A . 
D 3 HOH 9   209 31  HOH HOH A . 
D 3 HOH 10  210 2   HOH HOH A . 
D 3 HOH 11  211 45  HOH HOH A . 
D 3 HOH 12  212 92  HOH HOH A . 
D 3 HOH 13  213 19  HOH HOH A . 
D 3 HOH 14  214 104 HOH HOH A . 
D 3 HOH 15  215 18  HOH HOH A . 
D 3 HOH 16  216 21  HOH HOH A . 
D 3 HOH 17  217 36  HOH HOH A . 
D 3 HOH 18  218 4   HOH HOH A . 
D 3 HOH 19  219 99  HOH HOH A . 
D 3 HOH 20  220 16  HOH HOH A . 
D 3 HOH 21  221 39  HOH HOH A . 
D 3 HOH 22  222 90  HOH HOH A . 
D 3 HOH 23  223 27  HOH HOH A . 
D 3 HOH 24  224 47  HOH HOH A . 
D 3 HOH 25  225 20  HOH HOH A . 
D 3 HOH 26  226 9   HOH HOH A . 
D 3 HOH 27  227 5   HOH HOH A . 
D 3 HOH 28  228 3   HOH HOH A . 
D 3 HOH 29  229 58  HOH HOH A . 
D 3 HOH 30  230 28  HOH HOH A . 
D 3 HOH 31  231 94  HOH HOH A . 
D 3 HOH 32  232 120 HOH HOH A . 
D 3 HOH 33  233 48  HOH HOH A . 
D 3 HOH 34  234 107 HOH HOH A . 
D 3 HOH 35  235 64  HOH HOH A . 
D 3 HOH 36  236 32  HOH HOH A . 
D 3 HOH 37  237 38  HOH HOH A . 
D 3 HOH 38  238 8   HOH HOH A . 
D 3 HOH 39  239 67  HOH HOH A . 
D 3 HOH 40  240 106 HOH HOH A . 
D 3 HOH 41  241 52  HOH HOH A . 
D 3 HOH 42  242 42  HOH HOH A . 
D 3 HOH 43  243 1   HOH HOH A . 
D 3 HOH 44  244 49  HOH HOH A . 
D 3 HOH 45  245 29  HOH HOH A . 
D 3 HOH 46  246 6   HOH HOH A . 
D 3 HOH 47  247 57  HOH HOH A . 
D 3 HOH 48  248 50  HOH HOH A . 
D 3 HOH 49  249 7   HOH HOH A . 
D 3 HOH 50  250 121 HOH HOH A . 
D 3 HOH 51  251 13  HOH HOH A . 
D 3 HOH 52  252 15  HOH HOH A . 
D 3 HOH 53  253 80  HOH HOH A . 
D 3 HOH 54  254 51  HOH HOH A . 
D 3 HOH 55  255 23  HOH HOH A . 
D 3 HOH 56  256 56  HOH HOH A . 
D 3 HOH 57  257 30  HOH HOH A . 
D 3 HOH 58  258 87  HOH HOH A . 
D 3 HOH 59  259 124 HOH HOH A . 
D 3 HOH 60  260 43  HOH HOH A . 
D 3 HOH 61  261 110 HOH HOH A . 
D 3 HOH 62  262 12  HOH HOH A . 
D 3 HOH 63  263 40  HOH HOH A . 
D 3 HOH 64  264 86  HOH HOH A . 
D 3 HOH 65  265 66  HOH HOH A . 
D 3 HOH 66  266 96  HOH HOH A . 
D 3 HOH 67  267 22  HOH HOH A . 
D 3 HOH 68  268 14  HOH HOH A . 
D 3 HOH 69  269 68  HOH HOH A . 
D 3 HOH 70  270 95  HOH HOH A . 
D 3 HOH 71  271 101 HOH HOH A . 
D 3 HOH 72  272 41  HOH HOH A . 
D 3 HOH 73  273 82  HOH HOH A . 
D 3 HOH 74  274 17  HOH HOH A . 
D 3 HOH 75  275 10  HOH HOH A . 
D 3 HOH 76  276 33  HOH HOH A . 
D 3 HOH 77  277 26  HOH HOH A . 
D 3 HOH 78  278 35  HOH HOH A . 
D 3 HOH 79  279 113 HOH HOH A . 
D 3 HOH 80  280 46  HOH HOH A . 
D 3 HOH 81  281 77  HOH HOH A . 
D 3 HOH 82  282 24  HOH HOH A . 
D 3 HOH 83  283 91  HOH HOH A . 
D 3 HOH 84  284 75  HOH HOH A . 
D 3 HOH 85  285 111 HOH HOH A . 
D 3 HOH 86  286 69  HOH HOH A . 
D 3 HOH 87  287 73  HOH HOH A . 
D 3 HOH 88  288 61  HOH HOH A . 
D 3 HOH 89  289 79  HOH HOH A . 
D 3 HOH 90  290 71  HOH HOH A . 
D 3 HOH 91  291 108 HOH HOH A . 
D 3 HOH 92  292 105 HOH HOH A . 
D 3 HOH 93  293 97  HOH HOH A . 
D 3 HOH 94  294 102 HOH HOH A . 
D 3 HOH 95  295 85  HOH HOH A . 
D 3 HOH 96  296 109 HOH HOH A . 
D 3 HOH 97  297 100 HOH HOH A . 
D 3 HOH 98  298 103 HOH HOH A . 
D 3 HOH 99  299 53  HOH HOH A . 
D 3 HOH 100 300 63  HOH HOH A . 
D 3 HOH 101 301 44  HOH HOH A . 
D 3 HOH 102 302 98  HOH HOH A . 
D 3 HOH 103 303 70  HOH HOH A . 
D 3 HOH 104 304 112 HOH HOH A . 
D 3 HOH 105 305 78  HOH HOH A . 
D 3 HOH 106 306 55  HOH HOH A . 
D 3 HOH 107 307 89  HOH HOH A . 
D 3 HOH 108 308 81  HOH HOH A . 
D 3 HOH 109 309 74  HOH HOH A . 
D 3 HOH 110 310 115 HOH HOH A . 
D 3 HOH 111 311 83  HOH HOH A . 
D 3 HOH 112 312 37  HOH HOH A . 
D 3 HOH 113 313 76  HOH HOH A . 
D 3 HOH 114 314 84  HOH HOH A . 
D 3 HOH 115 315 65  HOH HOH A . 
D 3 HOH 116 316 117 HOH HOH A . 
D 3 HOH 117 317 123 HOH HOH A . 
D 3 HOH 118 318 59  HOH HOH A . 
D 3 HOH 119 319 88  HOH HOH A . 
D 3 HOH 120 320 116 HOH HOH A . 
D 3 HOH 121 321 125 HOH HOH A . 
# 
loop_
_software.citation_id 
_software.classification 
_software.compiler_name 
_software.compiler_version 
_software.contact_author 
_software.contact_author_email 
_software.date 
_software.description 
_software.dependencies 
_software.hardware 
_software.language 
_software.location 
_software.mods 
_software.name 
_software.os 
_software.os_version 
_software.type 
_software.version 
_software.pdbx_ordinal 
? refinement       ? ? ? ? ? ? ? ? ? ? ? PHENIX    ? ? ? 1.20.1_4487 1 
? 'model building' ? ? ? ? ? ? ? ? ? ? ? Coot      ? ? ? v1.0.0      2 
? 'data reduction' ? ? ? ? ? ? ? ? ? ? ? XDS       ? ? ? .           3 
? 'data scaling'   ? ? ? ? ? ? ? ? ? ? ? STARANISO ? ? ? .           4 
? phasing          ? ? ? ? ? ? ? ? ? ? ? PHASER    ? ? ? .           5 
# 
_cell.angle_alpha                  90.000 
_cell.angle_alpha_esd              ? 
_cell.angle_beta                   90.000 
_cell.angle_beta_esd               ? 
_cell.angle_gamma                  90.000 
_cell.angle_gamma_esd              ? 
_cell.entry_id                     9EN7 
_cell.details                      ? 
_cell.formula_units_Z              ? 
_cell.length_a                     38.344 
_cell.length_a_esd                 ? 
_cell.length_b                     45.496 
_cell.length_b_esd                 ? 
_cell.length_c                     57.026 
_cell.length_c_esd                 ? 
_cell.volume                       99481.779 
_cell.volume_esd                   ? 
_cell.Z_PDB                        4 
_cell.reciprocal_angle_alpha       ? 
_cell.reciprocal_angle_beta        ? 
_cell.reciprocal_angle_gamma       ? 
_cell.reciprocal_angle_alpha_esd   ? 
_cell.reciprocal_angle_beta_esd    ? 
_cell.reciprocal_angle_gamma_esd   ? 
_cell.reciprocal_length_a          ? 
_cell.reciprocal_length_b          ? 
_cell.reciprocal_length_c          ? 
_cell.reciprocal_length_a_esd      ? 
_cell.reciprocal_length_b_esd      ? 
_cell.reciprocal_length_c_esd      ? 
_cell.pdbx_unique_axis             ? 
_cell.pdbx_esd_method              ? 
# 
_symmetry.entry_id                         9EN7 
_symmetry.cell_setting                     ? 
_symmetry.Int_Tables_number                19 
_symmetry.space_group_name_Hall            'P 2ac 2ab' 
_symmetry.space_group_name_H-M             'P 21 21 21' 
_symmetry.pdbx_full_space_group_name_H-M   ? 
# 
_exptl.absorpt_coefficient_mu     ? 
_exptl.absorpt_correction_T_max   ? 
_exptl.absorpt_correction_T_min   ? 
_exptl.absorpt_correction_type    ? 
_exptl.absorpt_process_details    ? 
_exptl.entry_id                   9EN7 
_exptl.crystals_number            1 
_exptl.details                    ? 
_exptl.method                     'X-RAY DIFFRACTION' 
_exptl.method_details             ? 
# 
_exptl_crystal.colour                       ? 
_exptl_crystal.density_diffrn               ? 
_exptl_crystal.density_Matthews             2.46 
_exptl_crystal.density_method               ? 
_exptl_crystal.density_percent_sol          50.08 
_exptl_crystal.description                  ? 
_exptl_crystal.F_000                        ? 
_exptl_crystal.id                           1 
_exptl_crystal.preparation                  ? 
_exptl_crystal.size_max                     ? 
_exptl_crystal.size_mid                     ? 
_exptl_crystal.size_min                     ? 
_exptl_crystal.size_rad                     ? 
_exptl_crystal.colour_lustre                ? 
_exptl_crystal.colour_modifier              ? 
_exptl_crystal.colour_primary               ? 
_exptl_crystal.density_meas                 ? 
_exptl_crystal.density_meas_esd             ? 
_exptl_crystal.density_meas_gt              ? 
_exptl_crystal.density_meas_lt              ? 
_exptl_crystal.density_meas_temp            ? 
_exptl_crystal.density_meas_temp_esd        ? 
_exptl_crystal.density_meas_temp_gt         ? 
_exptl_crystal.density_meas_temp_lt         ? 
_exptl_crystal.pdbx_crystal_image_url       ? 
_exptl_crystal.pdbx_crystal_image_format    ? 
_exptl_crystal.pdbx_mosaicity               ? 
_exptl_crystal.pdbx_mosaicity_esd           ? 
_exptl_crystal.pdbx_mosaic_method           ? 
_exptl_crystal.pdbx_mosaic_block_size       ? 
_exptl_crystal.pdbx_mosaic_block_size_esd   ? 
# 
_exptl_crystal_grow.apparatus       ? 
_exptl_crystal_grow.atmosphere      ? 
_exptl_crystal_grow.crystal_id      1 
_exptl_crystal_grow.details         ? 
_exptl_crystal_grow.method          'VAPOR DIFFUSION, SITTING DROP' 
_exptl_crystal_grow.method_ref      ? 
_exptl_crystal_grow.pH              6.5 
_exptl_crystal_grow.pressure        ? 
_exptl_crystal_grow.pressure_esd    ? 
_exptl_crystal_grow.seeding         ? 
_exptl_crystal_grow.seeding_ref     ? 
_exptl_crystal_grow.temp_details    ? 
_exptl_crystal_grow.temp_esd        ? 
_exptl_crystal_grow.time            ? 
_exptl_crystal_grow.pdbx_details    '0.2 M K2SO4 and 20% (w/v) PEG 3350' 
_exptl_crystal_grow.pdbx_pH_range   ? 
_exptl_crystal_grow.temp            302 
# 
_diffrn.ambient_environment              ? 
_diffrn.ambient_temp                     100 
_diffrn.ambient_temp_details             ? 
_diffrn.ambient_temp_esd                 ? 
_diffrn.crystal_id                       1 
_diffrn.crystal_support                  ? 
_diffrn.crystal_treatment                ? 
_diffrn.details                          ? 
_diffrn.id                               1 
_diffrn.ambient_pressure                 ? 
_diffrn.ambient_pressure_esd             ? 
_diffrn.ambient_pressure_gt              ? 
_diffrn.ambient_pressure_lt              ? 
_diffrn.ambient_temp_gt                  ? 
_diffrn.ambient_temp_lt                  ? 
_diffrn.pdbx_serial_crystal_experiment   N 
# 
_diffrn_detector.details                      ? 
_diffrn_detector.detector                     PIXEL 
_diffrn_detector.diffrn_id                    1 
_diffrn_detector.type                         'DECTRIS PILATUS 6M-F' 
_diffrn_detector.area_resol_mean              ? 
_diffrn_detector.dtime                        ? 
_diffrn_detector.pdbx_frames_total            ? 
_diffrn_detector.pdbx_collection_time_total   ? 
_diffrn_detector.pdbx_collection_date         2020-03-09 
_diffrn_detector.pdbx_frequency               ? 
_diffrn_detector.id                           ? 
_diffrn_detector.number_of_axes               ? 
# 
_diffrn_radiation.collimation                      ? 
_diffrn_radiation.diffrn_id                        1 
_diffrn_radiation.filter_edge                      ? 
_diffrn_radiation.inhomogeneity                    ? 
_diffrn_radiation.monochromator                    ? 
_diffrn_radiation.polarisn_norm                    ? 
_diffrn_radiation.polarisn_ratio                   ? 
_diffrn_radiation.probe                            ? 
_diffrn_radiation.type                             ? 
_diffrn_radiation.xray_symbol                      ? 
_diffrn_radiation.wavelength_id                    1 
_diffrn_radiation.pdbx_monochromatic_or_laue_m_l   M 
_diffrn_radiation.pdbx_wavelength_list             ? 
_diffrn_radiation.pdbx_wavelength                  ? 
_diffrn_radiation.pdbx_diffrn_protocol             'SINGLE WAVELENGTH' 
_diffrn_radiation.pdbx_analyzer                    ? 
_diffrn_radiation.pdbx_scattering_type             x-ray 
# 
_diffrn_radiation_wavelength.id           1 
_diffrn_radiation_wavelength.wavelength   0.9762 
_diffrn_radiation_wavelength.wt           1.0 
# 
_diffrn_source.current                     ? 
_diffrn_source.details                     ? 
_diffrn_source.diffrn_id                   1 
_diffrn_source.power                       ? 
_diffrn_source.size                        ? 
_diffrn_source.source                      SYNCHROTRON 
_diffrn_source.target                      ? 
_diffrn_source.type                        'PETRA III, EMBL c/o DESY BEAMLINE P13 (MX1)' 
_diffrn_source.voltage                     ? 
_diffrn_source.take-off_angle              ? 
_diffrn_source.pdbx_wavelength_list        0.9762 
_diffrn_source.pdbx_wavelength             ? 
_diffrn_source.pdbx_synchrotron_beamline   'P13 (MX1)' 
_diffrn_source.pdbx_synchrotron_site       'PETRA III, EMBL c/o DESY' 
# 
_reflns.B_iso_Wilson_estimate                          14.59 
_reflns.entry_id                                       9EN7 
_reflns.data_reduction_details                         ? 
_reflns.data_reduction_method                          ? 
_reflns.d_resolution_high                              1.19 
_reflns.d_resolution_low                               31.82 
_reflns.details                                        ? 
_reflns.limit_h_max                                    ? 
_reflns.limit_h_min                                    ? 
_reflns.limit_k_max                                    ? 
_reflns.limit_k_min                                    ? 
_reflns.limit_l_max                                    ? 
_reflns.limit_l_min                                    ? 
_reflns.number_all                                     ? 
_reflns.number_obs                                     32496 
_reflns.observed_criterion                             ? 
_reflns.observed_criterion_F_max                       ? 
_reflns.observed_criterion_F_min                       ? 
_reflns.observed_criterion_I_max                       ? 
_reflns.observed_criterion_I_min                       ? 
_reflns.observed_criterion_sigma_F                     ? 
_reflns.observed_criterion_sigma_I                     ? 
_reflns.percent_possible_obs                           91.18 
_reflns.R_free_details                                 ? 
_reflns.Rmerge_F_all                                   ? 
_reflns.Rmerge_F_obs                                   ? 
_reflns.Friedel_coverage                               ? 
_reflns.number_gt                                      ? 
_reflns.threshold_expression                           ? 
_reflns.pdbx_redundancy                                12.8 
_reflns.pdbx_netI_over_av_sigmaI                       ? 
_reflns.pdbx_netI_over_sigmaI                          18.30 
_reflns.pdbx_res_netI_over_av_sigmaI_2                 ? 
_reflns.pdbx_res_netI_over_sigmaI_2                    ? 
_reflns.pdbx_chi_squared                               ? 
_reflns.pdbx_scaling_rejects                           ? 
_reflns.pdbx_d_res_high_opt                            ? 
_reflns.pdbx_d_res_low_opt                             ? 
_reflns.pdbx_d_res_opt_method                          ? 
_reflns.phase_calculation_details                      ? 
_reflns.pdbx_Rrim_I_all                                0.06773 
_reflns.pdbx_Rpim_I_all                                0.01881 
_reflns.pdbx_d_opt                                     ? 
_reflns.pdbx_number_measured_all                       ? 
_reflns.pdbx_diffrn_id                                 1 
_reflns.pdbx_ordinal                                   1 
_reflns.pdbx_CC_half                                   1 
_reflns.pdbx_CC_star                                   1 
_reflns.pdbx_R_split                                   ? 
_reflns.pdbx_Rmerge_I_obs                              0.06499 
_reflns.pdbx_Rmerge_I_all                              ? 
_reflns.pdbx_Rsym_value                                ? 
_reflns.pdbx_CC_split_method                           ? 
_reflns.pdbx_aniso_diffraction_limit_axis_1_ortho[1]   ? 
_reflns.pdbx_aniso_diffraction_limit_axis_1_ortho[2]   ? 
_reflns.pdbx_aniso_diffraction_limit_axis_1_ortho[3]   ? 
_reflns.pdbx_aniso_diffraction_limit_axis_2_ortho[1]   ? 
_reflns.pdbx_aniso_diffraction_limit_axis_2_ortho[2]   ? 
_reflns.pdbx_aniso_diffraction_limit_axis_2_ortho[3]   ? 
_reflns.pdbx_aniso_diffraction_limit_axis_3_ortho[1]   ? 
_reflns.pdbx_aniso_diffraction_limit_axis_3_ortho[2]   ? 
_reflns.pdbx_aniso_diffraction_limit_axis_3_ortho[3]   ? 
_reflns.pdbx_aniso_diffraction_limit_1                 ? 
_reflns.pdbx_aniso_diffraction_limit_2                 ? 
_reflns.pdbx_aniso_diffraction_limit_3                 ? 
_reflns.pdbx_aniso_B_tensor_eigenvector_1_ortho[1]     ? 
_reflns.pdbx_aniso_B_tensor_eigenvector_1_ortho[2]     ? 
_reflns.pdbx_aniso_B_tensor_eigenvector_1_ortho[3]     ? 
_reflns.pdbx_aniso_B_tensor_eigenvector_2_ortho[1]     ? 
_reflns.pdbx_aniso_B_tensor_eigenvector_2_ortho[2]     ? 
_reflns.pdbx_aniso_B_tensor_eigenvector_2_ortho[3]     ? 
_reflns.pdbx_aniso_B_tensor_eigenvector_3_ortho[1]     ? 
_reflns.pdbx_aniso_B_tensor_eigenvector_3_ortho[2]     ? 
_reflns.pdbx_aniso_B_tensor_eigenvector_3_ortho[3]     ? 
_reflns.pdbx_aniso_B_tensor_eigenvalue_1               ? 
_reflns.pdbx_aniso_B_tensor_eigenvalue_2               ? 
_reflns.pdbx_aniso_B_tensor_eigenvalue_3               ? 
_reflns.pdbx_orthogonalization_convention              ? 
_reflns.pdbx_percent_possible_ellipsoidal              ? 
_reflns.pdbx_percent_possible_spherical                ? 
_reflns.pdbx_percent_possible_ellipsoidal_anomalous    ? 
_reflns.pdbx_percent_possible_spherical_anomalous      ? 
_reflns.pdbx_redundancy_anomalous                      ? 
_reflns.pdbx_CC_half_anomalous                         ? 
_reflns.pdbx_absDiff_over_sigma_anomalous              ? 
_reflns.pdbx_percent_possible_anomalous                ? 
_reflns.pdbx_observed_signal_threshold                 ? 
_reflns.pdbx_signal_type                               ? 
_reflns.pdbx_signal_details                            ? 
_reflns.pdbx_signal_software_id                        ? 
# 
_reflns_shell.d_res_high                                    1.19 
_reflns_shell.d_res_low                                     1.233 
_reflns_shell.meanI_over_sigI_all                           ? 
_reflns_shell.meanI_over_sigI_obs                           1.27 
_reflns_shell.number_measured_all                           ? 
_reflns_shell.number_measured_obs                           ? 
_reflns_shell.number_possible                               ? 
_reflns_shell.number_unique_all                             ? 
_reflns_shell.number_unique_obs                             856 
_reflns_shell.percent_possible_obs                          ? 
_reflns_shell.Rmerge_F_all                                  ? 
_reflns_shell.Rmerge_F_obs                                  ? 
_reflns_shell.meanI_over_sigI_gt                            ? 
_reflns_shell.meanI_over_uI_all                             ? 
_reflns_shell.meanI_over_uI_gt                              ? 
_reflns_shell.number_measured_gt                            ? 
_reflns_shell.number_unique_gt                              ? 
_reflns_shell.percent_possible_gt                           ? 
_reflns_shell.Rmerge_F_gt                                   ? 
_reflns_shell.Rmerge_I_gt                                   ? 
_reflns_shell.pdbx_redundancy                               13.1 
_reflns_shell.pdbx_chi_squared                              ? 
_reflns_shell.pdbx_netI_over_sigmaI_all                     ? 
_reflns_shell.pdbx_netI_over_sigmaI_obs                     ? 
_reflns_shell.pdbx_Rrim_I_all                               1.597 
_reflns_shell.pdbx_Rpim_I_all                               0.4347 
_reflns_shell.pdbx_rejects                                  ? 
_reflns_shell.pdbx_ordinal                                  1 
_reflns_shell.pdbx_diffrn_id                                1 
_reflns_shell.pdbx_CC_half                                  0.609 
_reflns_shell.pdbx_CC_star                                  0.87 
_reflns_shell.pdbx_R_split                                  ? 
_reflns_shell.percent_possible_all                          26.81 
_reflns_shell.Rmerge_I_all                                  ? 
_reflns_shell.Rmerge_I_obs                                  1.536 
_reflns_shell.pdbx_Rsym_value                               ? 
_reflns_shell.pdbx_percent_possible_ellipsoidal             ? 
_reflns_shell.pdbx_percent_possible_spherical               ? 
_reflns_shell.pdbx_percent_possible_ellipsoidal_anomalous   ? 
_reflns_shell.pdbx_percent_possible_spherical_anomalous     ? 
_reflns_shell.pdbx_redundancy_anomalous                     ? 
_reflns_shell.pdbx_CC_half_anomalous                        ? 
_reflns_shell.pdbx_absDiff_over_sigma_anomalous             ? 
_reflns_shell.pdbx_percent_possible_anomalous               ? 
# 
_refine.aniso_B[1][1]                            ? 
_refine.aniso_B[1][2]                            ? 
_refine.aniso_B[1][3]                            ? 
_refine.aniso_B[2][2]                            ? 
_refine.aniso_B[2][3]                            ? 
_refine.aniso_B[3][3]                            ? 
_refine.B_iso_max                                ? 
_refine.B_iso_mean                               24.44 
_refine.B_iso_min                                ? 
_refine.correlation_coeff_Fo_to_Fc               ? 
_refine.correlation_coeff_Fo_to_Fc_free          ? 
_refine.details                                  ? 
_refine.diff_density_max                         ? 
_refine.diff_density_max_esd                     ? 
_refine.diff_density_min                         ? 
_refine.diff_density_min_esd                     ? 
_refine.diff_density_rms                         ? 
_refine.diff_density_rms_esd                     ? 
_refine.entry_id                                 9EN7 
_refine.pdbx_refine_id                           'X-RAY DIFFRACTION' 
_refine.ls_abs_structure_details                 ? 
_refine.ls_abs_structure_Flack                   ? 
_refine.ls_abs_structure_Flack_esd               ? 
_refine.ls_abs_structure_Rogers                  ? 
_refine.ls_abs_structure_Rogers_esd              ? 
_refine.ls_d_res_high                            1.19 
_refine.ls_d_res_low                             31.82 
_refine.ls_extinction_coef                       ? 
_refine.ls_extinction_coef_esd                   ? 
_refine.ls_extinction_expression                 ? 
_refine.ls_extinction_method                     ? 
_refine.ls_goodness_of_fit_all                   ? 
_refine.ls_goodness_of_fit_all_esd               ? 
_refine.ls_goodness_of_fit_obs                   ? 
_refine.ls_goodness_of_fit_obs_esd               ? 
_refine.ls_hydrogen_treatment                    ? 
_refine.ls_matrix_type                           ? 
_refine.ls_number_constraints                    ? 
_refine.ls_number_parameters                     ? 
_refine.ls_number_reflns_all                     ? 
_refine.ls_number_reflns_obs                     29742 
_refine.ls_number_reflns_R_free                  2000 
_refine.ls_number_reflns_R_work                  27742 
_refine.ls_number_restraints                     ? 
_refine.ls_percent_reflns_obs                    90.32 
_refine.ls_percent_reflns_R_free                 6.72 
_refine.ls_R_factor_all                          ? 
_refine.ls_R_factor_obs                          0.1630 
_refine.ls_R_factor_R_free                       0.1703 
_refine.ls_R_factor_R_free_error                 ? 
_refine.ls_R_factor_R_free_error_details         ? 
_refine.ls_R_factor_R_work                       0.1625 
_refine.ls_R_Fsqd_factor_obs                     ? 
_refine.ls_R_I_factor_obs                        ? 
_refine.ls_redundancy_reflns_all                 ? 
_refine.ls_redundancy_reflns_obs                 ? 
_refine.ls_restrained_S_all                      ? 
_refine.ls_restrained_S_obs                      ? 
_refine.ls_shift_over_esd_max                    ? 
_refine.ls_shift_over_esd_mean                   ? 
_refine.ls_structure_factor_coef                 ? 
_refine.ls_weighting_details                     ? 
_refine.ls_weighting_scheme                      ? 
_refine.ls_wR_factor_all                         ? 
_refine.ls_wR_factor_obs                         ? 
_refine.ls_wR_factor_R_free                      ? 
_refine.ls_wR_factor_R_work                      ? 
_refine.occupancy_max                            ? 
_refine.occupancy_min                            ? 
_refine.solvent_model_details                    'FLAT BULK SOLVENT MODEL' 
_refine.solvent_model_param_bsol                 ? 
_refine.solvent_model_param_ksol                 ? 
_refine.pdbx_R_complete                          ? 
_refine.ls_R_factor_gt                           ? 
_refine.ls_goodness_of_fit_gt                    ? 
_refine.ls_goodness_of_fit_ref                   ? 
_refine.ls_shift_over_su_max                     ? 
_refine.ls_shift_over_su_max_lt                  ? 
_refine.ls_shift_over_su_mean                    ? 
_refine.ls_shift_over_su_mean_lt                 ? 
_refine.pdbx_ls_sigma_I                          ? 
_refine.pdbx_ls_sigma_F                          1.34 
_refine.pdbx_ls_sigma_Fsqd                       ? 
_refine.pdbx_data_cutoff_high_absF               ? 
_refine.pdbx_data_cutoff_high_rms_absF           ? 
_refine.pdbx_data_cutoff_low_absF                ? 
_refine.pdbx_isotropic_thermal_model             ? 
_refine.pdbx_ls_cross_valid_method               'FREE R-VALUE' 
_refine.pdbx_method_to_determine_struct          'MOLECULAR REPLACEMENT' 
_refine.pdbx_starting_model                      ? 
_refine.pdbx_stereochemistry_target_values       'GeoStd + Monomer Library + CDL v1.2' 
_refine.pdbx_R_Free_selection_details            ? 
_refine.pdbx_stereochem_target_val_spec_case     ? 
_refine.pdbx_overall_ESU_R                       ? 
_refine.pdbx_overall_ESU_R_Free                  ? 
_refine.pdbx_solvent_vdw_probe_radii             1.1000 
_refine.pdbx_solvent_ion_probe_radii             ? 
_refine.pdbx_solvent_shrinkage_radii             0.9000 
_refine.pdbx_real_space_R                        ? 
_refine.pdbx_density_correlation                 ? 
_refine.pdbx_pd_number_of_powder_patterns        ? 
_refine.pdbx_pd_number_of_points                 ? 
_refine.pdbx_pd_meas_number_of_points            ? 
_refine.pdbx_pd_proc_ls_prof_R_factor            ? 
_refine.pdbx_pd_proc_ls_prof_wR_factor           ? 
_refine.pdbx_pd_Marquardt_correlation_coeff      ? 
_refine.pdbx_pd_Fsqrd_R_factor                   ? 
_refine.pdbx_pd_ls_matrix_band_width             ? 
_refine.pdbx_overall_phase_error                 16.5900 
_refine.pdbx_overall_SU_R_free_Cruickshank_DPI   ? 
_refine.pdbx_overall_SU_R_free_Blow_DPI          ? 
_refine.pdbx_overall_SU_R_Blow_DPI               ? 
_refine.pdbx_TLS_residual_ADP_flag               ? 
_refine.pdbx_diffrn_id                           1 
_refine.overall_SU_B                             ? 
_refine.overall_SU_ML                            0.0924 
_refine.overall_SU_R_Cruickshank_DPI             ? 
_refine.overall_SU_R_free                        ? 
_refine.overall_FOM_free_R_set                   ? 
_refine.overall_FOM_work_R_set                   ? 
_refine.pdbx_average_fsc_overall                 ? 
_refine.pdbx_average_fsc_work                    ? 
_refine.pdbx_average_fsc_free                    ? 
# 
_refine_hist.pdbx_refine_id                   'X-RAY DIFFRACTION' 
_refine_hist.cycle_id                         LAST 
_refine_hist.details                          ? 
_refine_hist.d_res_high                       1.19 
_refine_hist.d_res_low                        31.82 
_refine_hist.number_atoms_solvent             121 
_refine_hist.number_atoms_total               797 
_refine_hist.number_reflns_all                ? 
_refine_hist.number_reflns_obs                ? 
_refine_hist.number_reflns_R_free             ? 
_refine_hist.number_reflns_R_work             ? 
_refine_hist.R_factor_all                     ? 
_refine_hist.R_factor_obs                     ? 
_refine_hist.R_factor_R_free                  ? 
_refine_hist.R_factor_R_work                  ? 
_refine_hist.pdbx_number_residues_total       ? 
_refine_hist.pdbx_B_iso_mean_ligand           ? 
_refine_hist.pdbx_B_iso_mean_solvent          ? 
_refine_hist.pdbx_number_atoms_protein        664 
_refine_hist.pdbx_number_atoms_nucleic_acid   0 
_refine_hist.pdbx_number_atoms_ligand         12 
_refine_hist.pdbx_number_atoms_lipid          ? 
_refine_hist.pdbx_number_atoms_carb           ? 
_refine_hist.pdbx_pseudo_atom_details         ? 
# 
loop_
_refine_ls_restr.pdbx_refine_id 
_refine_ls_restr.criterion 
_refine_ls_restr.dev_ideal 
_refine_ls_restr.dev_ideal_target 
_refine_ls_restr.number 
_refine_ls_restr.rejects 
_refine_ls_restr.type 
_refine_ls_restr.weight 
_refine_ls_restr.pdbx_restraint_function 
'X-RAY DIFFRACTION' ? 0.0059  ? 696 ? f_bond_d           ? ? 
'X-RAY DIFFRACTION' ? 0.8667  ? 939 ? f_angle_d          ? ? 
'X-RAY DIFFRACTION' ? 0.0905  ? 98  ? f_chiral_restr     ? ? 
'X-RAY DIFFRACTION' ? 0.0089  ? 126 ? f_plane_restr      ? ? 
'X-RAY DIFFRACTION' ? 12.9887 ? 259 ? f_dihedral_angle_d ? ? 
# 
loop_
_refine_ls_shell.pdbx_refine_id 
_refine_ls_shell.d_res_high 
_refine_ls_shell.d_res_low 
_refine_ls_shell.number_reflns_all 
_refine_ls_shell.number_reflns_obs 
_refine_ls_shell.number_reflns_R_free 
_refine_ls_shell.number_reflns_R_work 
_refine_ls_shell.percent_reflns_obs 
_refine_ls_shell.percent_reflns_R_free 
_refine_ls_shell.R_factor_all 
_refine_ls_shell.R_factor_obs 
_refine_ls_shell.R_factor_R_free_error 
_refine_ls_shell.R_factor_R_work 
_refine_ls_shell.redundancy_reflns_all 
_refine_ls_shell.redundancy_reflns_obs 
_refine_ls_shell.wR_factor_all 
_refine_ls_shell.wR_factor_obs 
_refine_ls_shell.wR_factor_R_free 
_refine_ls_shell.wR_factor_R_work 
_refine_ls_shell.pdbx_R_complete 
_refine_ls_shell.pdbx_total_number_of_bins_used 
_refine_ls_shell.pdbx_phase_error 
_refine_ls_shell.pdbx_fsc_work 
_refine_ls_shell.pdbx_fsc_free 
_refine_ls_shell.R_factor_R_free 
'X-RAY DIFFRACTION' 1.19 1.22  . . 21  294  13.55  . . . . 0.2260 . . . . . . . . . . . 0.1749 
'X-RAY DIFFRACTION' 1.22 1.25  . . 90  1256 58.45  . . . . 0.2111 . . . . . . . . . . . 0.2257 
'X-RAY DIFFRACTION' 1.25 1.29  . . 144 1996 93.16  . . . . 0.2244 . . . . . . . . . . . 0.2044 
'X-RAY DIFFRACTION' 1.29 1.33  . . 157 2161 98.72  . . . . 0.2045 . . . . . . . . . . . 0.2194 
'X-RAY DIFFRACTION' 1.33 1.38  . . 155 2160 99.61  . . . . 0.2091 . . . . . . . . . . . 0.1864 
'X-RAY DIFFRACTION' 1.38 1.43  . . 155 2160 99.70  . . . . 0.1690 . . . . . . . . . . . 0.1892 
'X-RAY DIFFRACTION' 1.43 1.50  . . 157 2164 99.87  . . . . 0.1603 . . . . . . . . . . . 0.1857 
'X-RAY DIFFRACTION' 1.50 1.57  . . 156 2172 99.83  . . . . 0.1474 . . . . . . . . . . . 0.1562 
'X-RAY DIFFRACTION' 1.57 1.67  . . 159 2187 99.91  . . . . 0.1507 . . . . . . . . . . . 0.1506 
'X-RAY DIFFRACTION' 1.67 1.80  . . 157 2180 99.91  . . . . 0.1629 . . . . . . . . . . . 0.1705 
'X-RAY DIFFRACTION' 1.80 1.98  . . 158 2202 99.92  . . . . 0.1478 . . . . . . . . . . . 0.1703 
'X-RAY DIFFRACTION' 1.98 2.27  . . 160 2222 100.00 . . . . 0.1522 . . . . . . . . . . . 0.1707 
'X-RAY DIFFRACTION' 2.27 2.86  . . 162 2240 99.88  . . . . 0.1669 . . . . . . . . . . . 0.1697 
'X-RAY DIFFRACTION' 2.86 31.82 . . 169 2348 99.96  . . . . 0.1598 . . . . . . . . . . . 0.1641 
# 
_struct.entry_id                     9EN7 
_struct.title                        'Hrp48 RRM1 domain' 
_struct.pdbx_model_details           ? 
_struct.pdbx_formula_weight          ? 
_struct.pdbx_formula_weight_method   ? 
_struct.pdbx_model_type_details      ? 
_struct.pdbx_CASP_flag               N 
# 
_struct_keywords.entry_id        9EN7 
_struct_keywords.text            'RNA-recognition motif, RRM, translational control, RNA BINDING PROTEIN' 
_struct_keywords.pdbx_keywords   'RNA BINDING PROTEIN' 
# 
loop_
_struct_asym.id 
_struct_asym.pdbx_blank_PDB_chainid_flag 
_struct_asym.pdbx_modified 
_struct_asym.entity_id 
_struct_asym.details 
A N N 1 ? 
B N N 2 ? 
C N N 2 ? 
D N N 3 ? 
# 
_struct_ref.id                         1 
_struct_ref.db_name                    UNP 
_struct_ref.db_code                    RB27C_DROME 
_struct_ref.pdbx_db_accession          P48809 
_struct_ref.pdbx_db_isoform            ? 
_struct_ref.entity_id                  1 
_struct_ref.pdbx_seq_one_letter_code   
;MEEDERGKLFVGGLSWETTQENLSRYFCRFGDIIDCVVMKNNESGRSRGFGFVTFADPTNVNHVLQNGPHTLDGRTIDPK
PCNPRTLQ
;
_struct_ref.pdbx_align_begin           1 
# 
_struct_ref_seq.align_id                      1 
_struct_ref_seq.ref_id                        1 
_struct_ref_seq.pdbx_PDB_id_code              9EN7 
_struct_ref_seq.pdbx_strand_id                A 
_struct_ref_seq.seq_align_beg                 3 
_struct_ref_seq.pdbx_seq_align_beg_ins_code   ? 
_struct_ref_seq.seq_align_end                 90 
_struct_ref_seq.pdbx_seq_align_end_ins_code   ? 
_struct_ref_seq.pdbx_db_accession             P48809 
_struct_ref_seq.db_align_beg                  1 
_struct_ref_seq.pdbx_db_align_beg_ins_code    ? 
_struct_ref_seq.db_align_end                  88 
_struct_ref_seq.pdbx_db_align_end_ins_code    ? 
_struct_ref_seq.pdbx_auth_seq_align_beg       3 
_struct_ref_seq.pdbx_auth_seq_align_end       90 
# 
loop_
_struct_ref_seq_dif.align_id 
_struct_ref_seq_dif.pdbx_pdb_id_code 
_struct_ref_seq_dif.mon_id 
_struct_ref_seq_dif.pdbx_pdb_strand_id 
_struct_ref_seq_dif.seq_num 
_struct_ref_seq_dif.pdbx_pdb_ins_code 
_struct_ref_seq_dif.pdbx_seq_db_name 
_struct_ref_seq_dif.pdbx_seq_db_accession_code 
_struct_ref_seq_dif.db_mon_id 
_struct_ref_seq_dif.pdbx_seq_db_seq_num 
_struct_ref_seq_dif.details 
_struct_ref_seq_dif.pdbx_auth_seq_num 
_struct_ref_seq_dif.pdbx_ordinal 
1 9EN7 GLY A 1 ? UNP P48809 ? ? 'expression tag' 1 1 
1 9EN7 ALA A 2 ? UNP P48809 ? ? 'expression tag' 2 2 
# 
_pdbx_struct_assembly.id                   1 
_pdbx_struct_assembly.details              author_defined_assembly 
_pdbx_struct_assembly.method_details       ? 
_pdbx_struct_assembly.oligomeric_details   monomeric 
_pdbx_struct_assembly.oligomeric_count     1 
# 
loop_
_pdbx_struct_assembly_prop.biol_id 
_pdbx_struct_assembly_prop.type 
_pdbx_struct_assembly_prop.value 
_pdbx_struct_assembly_prop.details 
1 'ABSA (A^2)' 360  ? 
1 MORE         0    ? 
1 'SSA (A^2)'  5580 ? 
# 
_pdbx_struct_assembly_gen.assembly_id       1 
_pdbx_struct_assembly_gen.oper_expression   1 
_pdbx_struct_assembly_gen.asym_id_list      A,B,C,D 
# 
_pdbx_struct_assembly_auth_evidence.id                     1 
_pdbx_struct_assembly_auth_evidence.assembly_id            1 
_pdbx_struct_assembly_auth_evidence.experimental_support   none 
_pdbx_struct_assembly_auth_evidence.details                ? 
# 
_pdbx_struct_oper_list.id                   1 
_pdbx_struct_oper_list.type                 'identity operation' 
_pdbx_struct_oper_list.name                 1_555 
_pdbx_struct_oper_list.symmetry_operation   x,y,z 
_pdbx_struct_oper_list.matrix[1][1]         1.0000000000 
_pdbx_struct_oper_list.matrix[1][2]         0.0000000000 
_pdbx_struct_oper_list.matrix[1][3]         0.0000000000 
_pdbx_struct_oper_list.vector[1]            0.0000000000 
_pdbx_struct_oper_list.matrix[2][1]         0.0000000000 
_pdbx_struct_oper_list.matrix[2][2]         1.0000000000 
_pdbx_struct_oper_list.matrix[2][3]         0.0000000000 
_pdbx_struct_oper_list.vector[2]            0.0000000000 
_pdbx_struct_oper_list.matrix[3][1]         0.0000000000 
_pdbx_struct_oper_list.matrix[3][2]         0.0000000000 
_pdbx_struct_oper_list.matrix[3][3]         1.0000000000 
_pdbx_struct_oper_list.vector[3]            0.0000000000 
# 
loop_
_struct_conf.conf_type_id 
_struct_conf.id 
_struct_conf.pdbx_PDB_helix_id 
_struct_conf.beg_label_comp_id 
_struct_conf.beg_label_asym_id 
_struct_conf.beg_label_seq_id 
_struct_conf.pdbx_beg_PDB_ins_code 
_struct_conf.end_label_comp_id 
_struct_conf.end_label_asym_id 
_struct_conf.end_label_seq_id 
_struct_conf.pdbx_end_PDB_ins_code 
_struct_conf.beg_auth_comp_id 
_struct_conf.beg_auth_asym_id 
_struct_conf.beg_auth_seq_id 
_struct_conf.end_auth_comp_id 
_struct_conf.end_auth_asym_id 
_struct_conf.end_auth_seq_id 
_struct_conf.pdbx_PDB_helix_class 
_struct_conf.details 
_struct_conf.pdbx_PDB_helix_length 
HELX_P HELX_P1 AA1 THR A 21 ? CYS A 30 ? THR A 21 CYS A 30 1 ? 10 
HELX_P HELX_P2 AA2 ARG A 31 ? GLY A 33 ? ARG A 31 GLY A 33 5 ? 3  
HELX_P HELX_P3 AA3 THR A 61 ? ASN A 69 ? THR A 61 ASN A 69 1 ? 9  
# 
_struct_conf_type.id          HELX_P 
_struct_conf_type.criteria    ? 
_struct_conf_type.reference   ? 
# 
_struct_mon_prot_cis.pdbx_id                1 
_struct_mon_prot_cis.label_comp_id          GLY 
_struct_mon_prot_cis.label_seq_id           70 
_struct_mon_prot_cis.label_asym_id          A 
_struct_mon_prot_cis.label_alt_id           . 
_struct_mon_prot_cis.pdbx_PDB_ins_code      ? 
_struct_mon_prot_cis.auth_comp_id           GLY 
_struct_mon_prot_cis.auth_seq_id            70 
_struct_mon_prot_cis.auth_asym_id           A 
_struct_mon_prot_cis.pdbx_label_comp_id_2   PRO 
_struct_mon_prot_cis.pdbx_label_seq_id_2    71 
_struct_mon_prot_cis.pdbx_label_asym_id_2   A 
_struct_mon_prot_cis.pdbx_PDB_ins_code_2    ? 
_struct_mon_prot_cis.pdbx_auth_comp_id_2    PRO 
_struct_mon_prot_cis.pdbx_auth_seq_id_2     71 
_struct_mon_prot_cis.pdbx_auth_asym_id_2    A 
_struct_mon_prot_cis.pdbx_PDB_model_num     1 
_struct_mon_prot_cis.pdbx_omega_angle       -1.45 
# 
_struct_sheet.id               AA1 
_struct_sheet.type             ? 
_struct_sheet.number_strands   5 
_struct_sheet.details          ? 
# 
loop_
_struct_sheet_order.sheet_id 
_struct_sheet_order.range_id_1 
_struct_sheet_order.range_id_2 
_struct_sheet_order.offset 
_struct_sheet_order.sense 
AA1 1 2 ? anti-parallel 
AA1 2 3 ? anti-parallel 
AA1 3 4 ? anti-parallel 
AA1 4 5 ? anti-parallel 
# 
loop_
_struct_sheet_range.sheet_id 
_struct_sheet_range.id 
_struct_sheet_range.beg_label_comp_id 
_struct_sheet_range.beg_label_asym_id 
_struct_sheet_range.beg_label_seq_id 
_struct_sheet_range.pdbx_beg_PDB_ins_code 
_struct_sheet_range.end_label_comp_id 
_struct_sheet_range.end_label_asym_id 
_struct_sheet_range.end_label_seq_id 
_struct_sheet_range.pdbx_end_PDB_ins_code 
_struct_sheet_range.beg_auth_comp_id 
_struct_sheet_range.beg_auth_asym_id 
_struct_sheet_range.beg_auth_seq_id 
_struct_sheet_range.end_auth_comp_id 
_struct_sheet_range.end_auth_asym_id 
_struct_sheet_range.end_auth_seq_id 
AA1 1 ILE A 35 ? LYS A 42 ? ILE A 35 LYS A 42 
AA1 2 SER A 49 ? PHE A 57 ? SER A 49 PHE A 57 
AA1 3 LYS A 10 ? GLY A 14 ? LYS A 10 GLY A 14 
AA1 4 ARG A 77 ? PRO A 83 ? ARG A 77 PRO A 83 
AA1 5 HIS A 72 ? LEU A 74 ? HIS A 72 LEU A 74 
# 
loop_
_pdbx_struct_sheet_hbond.sheet_id 
_pdbx_struct_sheet_hbond.range_id_1 
_pdbx_struct_sheet_hbond.range_id_2 
_pdbx_struct_sheet_hbond.range_1_label_atom_id 
_pdbx_struct_sheet_hbond.range_1_label_comp_id 
_pdbx_struct_sheet_hbond.range_1_label_asym_id 
_pdbx_struct_sheet_hbond.range_1_label_seq_id 
_pdbx_struct_sheet_hbond.range_1_PDB_ins_code 
_pdbx_struct_sheet_hbond.range_1_auth_atom_id 
_pdbx_struct_sheet_hbond.range_1_auth_comp_id 
_pdbx_struct_sheet_hbond.range_1_auth_asym_id 
_pdbx_struct_sheet_hbond.range_1_auth_seq_id 
_pdbx_struct_sheet_hbond.range_2_label_atom_id 
_pdbx_struct_sheet_hbond.range_2_label_comp_id 
_pdbx_struct_sheet_hbond.range_2_label_asym_id 
_pdbx_struct_sheet_hbond.range_2_label_seq_id 
_pdbx_struct_sheet_hbond.range_2_PDB_ins_code 
_pdbx_struct_sheet_hbond.range_2_auth_atom_id 
_pdbx_struct_sheet_hbond.range_2_auth_comp_id 
_pdbx_struct_sheet_hbond.range_2_auth_asym_id 
_pdbx_struct_sheet_hbond.range_2_auth_seq_id 
AA1 1 2 N MET A 41 ? N MET A 41 O ARG A 50 ? O ARG A 50 
AA1 2 3 O VAL A 55 ? O VAL A 55 N LEU A 11 ? N LEU A 11 
AA1 3 4 N PHE A 12 ? N PHE A 12 O LYS A 82 ? O LYS A 82 
AA1 4 5 O ARG A 77 ? O ARG A 77 N LEU A 74 ? N LEU A 74 
# 
_pdbx_entry_details.entry_id                   9EN7 
_pdbx_entry_details.has_ligand_of_interest     N 
_pdbx_entry_details.compound_details           ? 
_pdbx_entry_details.source_details             ? 
_pdbx_entry_details.nonpolymer_details         ? 
_pdbx_entry_details.sequence_details           ? 
_pdbx_entry_details.has_protein_modification   N 
# 
loop_
_space_group_symop.id 
_space_group_symop.operation_xyz 
1 x,y,z           
2 x+1/2,-y+1/2,-z 
3 -x,y+1/2,-z+1/2 
4 -x+1/2,-y,z+1/2 
# 
loop_
_pdbx_unobs_or_zero_occ_residues.id 
_pdbx_unobs_or_zero_occ_residues.PDB_model_num 
_pdbx_unobs_or_zero_occ_residues.polymer_flag 
_pdbx_unobs_or_zero_occ_residues.occupancy_flag 
_pdbx_unobs_or_zero_occ_residues.auth_asym_id 
_pdbx_unobs_or_zero_occ_residues.auth_comp_id 
_pdbx_unobs_or_zero_occ_residues.auth_seq_id 
_pdbx_unobs_or_zero_occ_residues.PDB_ins_code 
_pdbx_unobs_or_zero_occ_residues.label_asym_id 
_pdbx_unobs_or_zero_occ_residues.label_comp_id 
_pdbx_unobs_or_zero_occ_residues.label_seq_id 
1 1 Y 1 A GLY 1 ? A GLY 1 
2 1 Y 1 A ALA 2 ? A ALA 2 
3 1 Y 1 A MET 3 ? A MET 3 
4 1 Y 1 A GLU 4 ? A GLU 4 
5 1 Y 1 A GLU 5 ? A GLU 5 
6 1 Y 1 A ASP 6 ? A ASP 6 
# 
loop_
_chem_comp_atom.comp_id 
_chem_comp_atom.atom_id 
_chem_comp_atom.type_symbol 
_chem_comp_atom.pdbx_aromatic_flag 
_chem_comp_atom.pdbx_stereo_config 
_chem_comp_atom.pdbx_ordinal 
ALA N    N N N 1   
ALA CA   C N S 2   
ALA C    C N N 3   
ALA O    O N N 4   
ALA CB   C N N 5   
ALA OXT  O N N 6   
ALA H    H N N 7   
ALA H2   H N N 8   
ALA HA   H N N 9   
ALA HB1  H N N 10  
ALA HB2  H N N 11  
ALA HB3  H N N 12  
ALA HXT  H N N 13  
ARG N    N N N 14  
ARG CA   C N S 15  
ARG C    C N N 16  
ARG O    O N N 17  
ARG CB   C N N 18  
ARG CG   C N N 19  
ARG CD   C N N 20  
ARG NE   N N N 21  
ARG CZ   C N N 22  
ARG NH1  N N N 23  
ARG NH2  N N N 24  
ARG OXT  O N N 25  
ARG H    H N N 26  
ARG H2   H N N 27  
ARG HA   H N N 28  
ARG HB2  H N N 29  
ARG HB3  H N N 30  
ARG HG2  H N N 31  
ARG HG3  H N N 32  
ARG HD2  H N N 33  
ARG HD3  H N N 34  
ARG HE   H N N 35  
ARG HH11 H N N 36  
ARG HH12 H N N 37  
ARG HH21 H N N 38  
ARG HH22 H N N 39  
ARG HXT  H N N 40  
ASN N    N N N 41  
ASN CA   C N S 42  
ASN C    C N N 43  
ASN O    O N N 44  
ASN CB   C N N 45  
ASN CG   C N N 46  
ASN OD1  O N N 47  
ASN ND2  N N N 48  
ASN OXT  O N N 49  
ASN H    H N N 50  
ASN H2   H N N 51  
ASN HA   H N N 52  
ASN HB2  H N N 53  
ASN HB3  H N N 54  
ASN HD21 H N N 55  
ASN HD22 H N N 56  
ASN HXT  H N N 57  
ASP N    N N N 58  
ASP CA   C N S 59  
ASP C    C N N 60  
ASP O    O N N 61  
ASP CB   C N N 62  
ASP CG   C N N 63  
ASP OD1  O N N 64  
ASP OD2  O N N 65  
ASP OXT  O N N 66  
ASP H    H N N 67  
ASP H2   H N N 68  
ASP HA   H N N 69  
ASP HB2  H N N 70  
ASP HB3  H N N 71  
ASP HD2  H N N 72  
ASP HXT  H N N 73  
CYS N    N N N 74  
CYS CA   C N R 75  
CYS C    C N N 76  
CYS O    O N N 77  
CYS CB   C N N 78  
CYS SG   S N N 79  
CYS OXT  O N N 80  
CYS H    H N N 81  
CYS H2   H N N 82  
CYS HA   H N N 83  
CYS HB2  H N N 84  
CYS HB3  H N N 85  
CYS HG   H N N 86  
CYS HXT  H N N 87  
GLN N    N N N 88  
GLN CA   C N S 89  
GLN C    C N N 90  
GLN O    O N N 91  
GLN CB   C N N 92  
GLN CG   C N N 93  
GLN CD   C N N 94  
GLN OE1  O N N 95  
GLN NE2  N N N 96  
GLN OXT  O N N 97  
GLN H    H N N 98  
GLN H2   H N N 99  
GLN HA   H N N 100 
GLN HB2  H N N 101 
GLN HB3  H N N 102 
GLN HG2  H N N 103 
GLN HG3  H N N 104 
GLN HE21 H N N 105 
GLN HE22 H N N 106 
GLN HXT  H N N 107 
GLU N    N N N 108 
GLU CA   C N S 109 
GLU C    C N N 110 
GLU O    O N N 111 
GLU CB   C N N 112 
GLU CG   C N N 113 
GLU CD   C N N 114 
GLU OE1  O N N 115 
GLU OE2  O N N 116 
GLU OXT  O N N 117 
GLU H    H N N 118 
GLU H2   H N N 119 
GLU HA   H N N 120 
GLU HB2  H N N 121 
GLU HB3  H N N 122 
GLU HG2  H N N 123 
GLU HG3  H N N 124 
GLU HE2  H N N 125 
GLU HXT  H N N 126 
GLY N    N N N 127 
GLY CA   C N N 128 
GLY C    C N N 129 
GLY O    O N N 130 
GLY OXT  O N N 131 
GLY H    H N N 132 
GLY H2   H N N 133 
GLY HA2  H N N 134 
GLY HA3  H N N 135 
GLY HXT  H N N 136 
GOL C1   C N N 137 
GOL O1   O N N 138 
GOL C2   C N N 139 
GOL O2   O N N 140 
GOL C3   C N N 141 
GOL O3   O N N 142 
GOL H11  H N N 143 
GOL H12  H N N 144 
GOL HO1  H N N 145 
GOL H2   H N N 146 
GOL HO2  H N N 147 
GOL H31  H N N 148 
GOL H32  H N N 149 
GOL HO3  H N N 150 
HIS N    N N N 151 
HIS CA   C N S 152 
HIS C    C N N 153 
HIS O    O N N 154 
HIS CB   C N N 155 
HIS CG   C Y N 156 
HIS ND1  N Y N 157 
HIS CD2  C Y N 158 
HIS CE1  C Y N 159 
HIS NE2  N Y N 160 
HIS OXT  O N N 161 
HIS H    H N N 162 
HIS H2   H N N 163 
HIS HA   H N N 164 
HIS HB2  H N N 165 
HIS HB3  H N N 166 
HIS HD1  H N N 167 
HIS HD2  H N N 168 
HIS HE1  H N N 169 
HIS HE2  H N N 170 
HIS HXT  H N N 171 
HOH O    O N N 172 
HOH H1   H N N 173 
HOH H2   H N N 174 
ILE N    N N N 175 
ILE CA   C N S 176 
ILE C    C N N 177 
ILE O    O N N 178 
ILE CB   C N S 179 
ILE CG1  C N N 180 
ILE CG2  C N N 181 
ILE CD1  C N N 182 
ILE OXT  O N N 183 
ILE H    H N N 184 
ILE H2   H N N 185 
ILE HA   H N N 186 
ILE HB   H N N 187 
ILE HG12 H N N 188 
ILE HG13 H N N 189 
ILE HG21 H N N 190 
ILE HG22 H N N 191 
ILE HG23 H N N 192 
ILE HD11 H N N 193 
ILE HD12 H N N 194 
ILE HD13 H N N 195 
ILE HXT  H N N 196 
LEU N    N N N 197 
LEU CA   C N S 198 
LEU C    C N N 199 
LEU O    O N N 200 
LEU CB   C N N 201 
LEU CG   C N N 202 
LEU CD1  C N N 203 
LEU CD2  C N N 204 
LEU OXT  O N N 205 
LEU H    H N N 206 
LEU H2   H N N 207 
LEU HA   H N N 208 
LEU HB2  H N N 209 
LEU HB3  H N N 210 
LEU HG   H N N 211 
LEU HD11 H N N 212 
LEU HD12 H N N 213 
LEU HD13 H N N 214 
LEU HD21 H N N 215 
LEU HD22 H N N 216 
LEU HD23 H N N 217 
LEU HXT  H N N 218 
LYS N    N N N 219 
LYS CA   C N S 220 
LYS C    C N N 221 
LYS O    O N N 222 
LYS CB   C N N 223 
LYS CG   C N N 224 
LYS CD   C N N 225 
LYS CE   C N N 226 
LYS NZ   N N N 227 
LYS OXT  O N N 228 
LYS H    H N N 229 
LYS H2   H N N 230 
LYS HA   H N N 231 
LYS HB2  H N N 232 
LYS HB3  H N N 233 
LYS HG2  H N N 234 
LYS HG3  H N N 235 
LYS HD2  H N N 236 
LYS HD3  H N N 237 
LYS HE2  H N N 238 
LYS HE3  H N N 239 
LYS HZ1  H N N 240 
LYS HZ2  H N N 241 
LYS HZ3  H N N 242 
LYS HXT  H N N 243 
MET N    N N N 244 
MET CA   C N S 245 
MET C    C N N 246 
MET O    O N N 247 
MET CB   C N N 248 
MET CG   C N N 249 
MET SD   S N N 250 
MET CE   C N N 251 
MET OXT  O N N 252 
MET H    H N N 253 
MET H2   H N N 254 
MET HA   H N N 255 
MET HB2  H N N 256 
MET HB3  H N N 257 
MET HG2  H N N 258 
MET HG3  H N N 259 
MET HE1  H N N 260 
MET HE2  H N N 261 
MET HE3  H N N 262 
MET HXT  H N N 263 
PHE N    N N N 264 
PHE CA   C N S 265 
PHE C    C N N 266 
PHE O    O N N 267 
PHE CB   C N N 268 
PHE CG   C Y N 269 
PHE CD1  C Y N 270 
PHE CD2  C Y N 271 
PHE CE1  C Y N 272 
PHE CE2  C Y N 273 
PHE CZ   C Y N 274 
PHE OXT  O N N 275 
PHE H    H N N 276 
PHE H2   H N N 277 
PHE HA   H N N 278 
PHE HB2  H N N 279 
PHE HB3  H N N 280 
PHE HD1  H N N 281 
PHE HD2  H N N 282 
PHE HE1  H N N 283 
PHE HE2  H N N 284 
PHE HZ   H N N 285 
PHE HXT  H N N 286 
PRO N    N N N 287 
PRO CA   C N S 288 
PRO C    C N N 289 
PRO O    O N N 290 
PRO CB   C N N 291 
PRO CG   C N N 292 
PRO CD   C N N 293 
PRO OXT  O N N 294 
PRO H    H N N 295 
PRO HA   H N N 296 
PRO HB2  H N N 297 
PRO HB3  H N N 298 
PRO HG2  H N N 299 
PRO HG3  H N N 300 
PRO HD2  H N N 301 
PRO HD3  H N N 302 
PRO HXT  H N N 303 
SER N    N N N 304 
SER CA   C N S 305 
SER C    C N N 306 
SER O    O N N 307 
SER CB   C N N 308 
SER OG   O N N 309 
SER OXT  O N N 310 
SER H    H N N 311 
SER H2   H N N 312 
SER HA   H N N 313 
SER HB2  H N N 314 
SER HB3  H N N 315 
SER HG   H N N 316 
SER HXT  H N N 317 
THR N    N N N 318 
THR CA   C N S 319 
THR C    C N N 320 
THR O    O N N 321 
THR CB   C N R 322 
THR OG1  O N N 323 
THR CG2  C N N 324 
THR OXT  O N N 325 
THR H    H N N 326 
THR H2   H N N 327 
THR HA   H N N 328 
THR HB   H N N 329 
THR HG1  H N N 330 
THR HG21 H N N 331 
THR HG22 H N N 332 
THR HG23 H N N 333 
THR HXT  H N N 334 
TRP N    N N N 335 
TRP CA   C N S 336 
TRP C    C N N 337 
TRP O    O N N 338 
TRP CB   C N N 339 
TRP CG   C Y N 340 
TRP CD1  C Y N 341 
TRP CD2  C Y N 342 
TRP NE1  N Y N 343 
TRP CE2  C Y N 344 
TRP CE3  C Y N 345 
TRP CZ2  C Y N 346 
TRP CZ3  C Y N 347 
TRP CH2  C Y N 348 
TRP OXT  O N N 349 
TRP H    H N N 350 
TRP H2   H N N 351 
TRP HA   H N N 352 
TRP HB2  H N N 353 
TRP HB3  H N N 354 
TRP HD1  H N N 355 
TRP HE1  H N N 356 
TRP HE3  H N N 357 
TRP HZ2  H N N 358 
TRP HZ3  H N N 359 
TRP HH2  H N N 360 
TRP HXT  H N N 361 
TYR N    N N N 362 
TYR CA   C N S 363 
TYR C    C N N 364 
TYR O    O N N 365 
TYR CB   C N N 366 
TYR CG   C Y N 367 
TYR CD1  C Y N 368 
TYR CD2  C Y N 369 
TYR CE1  C Y N 370 
TYR CE2  C Y N 371 
TYR CZ   C Y N 372 
TYR OH   O N N 373 
TYR OXT  O N N 374 
TYR H    H N N 375 
TYR H2   H N N 376 
TYR HA   H N N 377 
TYR HB2  H N N 378 
TYR HB3  H N N 379 
TYR HD1  H N N 380 
TYR HD2  H N N 381 
TYR HE1  H N N 382 
TYR HE2  H N N 383 
TYR HH   H N N 384 
TYR HXT  H N N 385 
VAL N    N N N 386 
VAL CA   C N S 387 
VAL C    C N N 388 
VAL O    O N N 389 
VAL CB   C N N 390 
VAL CG1  C N N 391 
VAL CG2  C N N 392 
VAL OXT  O N N 393 
VAL H    H N N 394 
VAL H2   H N N 395 
VAL HA   H N N 396 
VAL HB   H N N 397 
VAL HG11 H N N 398 
VAL HG12 H N N 399 
VAL HG13 H N N 400 
VAL HG21 H N N 401 
VAL HG22 H N N 402 
VAL HG23 H N N 403 
VAL HXT  H N N 404 
# 
loop_
_chem_comp_bond.comp_id 
_chem_comp_bond.atom_id_1 
_chem_comp_bond.atom_id_2 
_chem_comp_bond.value_order 
_chem_comp_bond.pdbx_aromatic_flag 
_chem_comp_bond.pdbx_stereo_config 
_chem_comp_bond.pdbx_ordinal 
ALA N   CA   sing N N 1   
ALA N   H    sing N N 2   
ALA N   H2   sing N N 3   
ALA CA  C    sing N N 4   
ALA CA  CB   sing N N 5   
ALA CA  HA   sing N N 6   
ALA C   O    doub N N 7   
ALA C   OXT  sing N N 8   
ALA CB  HB1  sing N N 9   
ALA CB  HB2  sing N N 10  
ALA CB  HB3  sing N N 11  
ALA OXT HXT  sing N N 12  
ARG N   CA   sing N N 13  
ARG N   H    sing N N 14  
ARG N   H2   sing N N 15  
ARG CA  C    sing N N 16  
ARG CA  CB   sing N N 17  
ARG CA  HA   sing N N 18  
ARG C   O    doub N N 19  
ARG C   OXT  sing N N 20  
ARG CB  CG   sing N N 21  
ARG CB  HB2  sing N N 22  
ARG CB  HB3  sing N N 23  
ARG CG  CD   sing N N 24  
ARG CG  HG2  sing N N 25  
ARG CG  HG3  sing N N 26  
ARG CD  NE   sing N N 27  
ARG CD  HD2  sing N N 28  
ARG CD  HD3  sing N N 29  
ARG NE  CZ   sing N N 30  
ARG NE  HE   sing N N 31  
ARG CZ  NH1  sing N N 32  
ARG CZ  NH2  doub N N 33  
ARG NH1 HH11 sing N N 34  
ARG NH1 HH12 sing N N 35  
ARG NH2 HH21 sing N N 36  
ARG NH2 HH22 sing N N 37  
ARG OXT HXT  sing N N 38  
ASN N   CA   sing N N 39  
ASN N   H    sing N N 40  
ASN N   H2   sing N N 41  
ASN CA  C    sing N N 42  
ASN CA  CB   sing N N 43  
ASN CA  HA   sing N N 44  
ASN C   O    doub N N 45  
ASN C   OXT  sing N N 46  
ASN CB  CG   sing N N 47  
ASN CB  HB2  sing N N 48  
ASN CB  HB3  sing N N 49  
ASN CG  OD1  doub N N 50  
ASN CG  ND2  sing N N 51  
ASN ND2 HD21 sing N N 52  
ASN ND2 HD22 sing N N 53  
ASN OXT HXT  sing N N 54  
ASP N   CA   sing N N 55  
ASP N   H    sing N N 56  
ASP N   H2   sing N N 57  
ASP CA  C    sing N N 58  
ASP CA  CB   sing N N 59  
ASP CA  HA   sing N N 60  
ASP C   O    doub N N 61  
ASP C   OXT  sing N N 62  
ASP CB  CG   sing N N 63  
ASP CB  HB2  sing N N 64  
ASP CB  HB3  sing N N 65  
ASP CG  OD1  doub N N 66  
ASP CG  OD2  sing N N 67  
ASP OD2 HD2  sing N N 68  
ASP OXT HXT  sing N N 69  
CYS N   CA   sing N N 70  
CYS N   H    sing N N 71  
CYS N   H2   sing N N 72  
CYS CA  C    sing N N 73  
CYS CA  CB   sing N N 74  
CYS CA  HA   sing N N 75  
CYS C   O    doub N N 76  
CYS C   OXT  sing N N 77  
CYS CB  SG   sing N N 78  
CYS CB  HB2  sing N N 79  
CYS CB  HB3  sing N N 80  
CYS SG  HG   sing N N 81  
CYS OXT HXT  sing N N 82  
GLN N   CA   sing N N 83  
GLN N   H    sing N N 84  
GLN N   H2   sing N N 85  
GLN CA  C    sing N N 86  
GLN CA  CB   sing N N 87  
GLN CA  HA   sing N N 88  
GLN C   O    doub N N 89  
GLN C   OXT  sing N N 90  
GLN CB  CG   sing N N 91  
GLN CB  HB2  sing N N 92  
GLN CB  HB3  sing N N 93  
GLN CG  CD   sing N N 94  
GLN CG  HG2  sing N N 95  
GLN CG  HG3  sing N N 96  
GLN CD  OE1  doub N N 97  
GLN CD  NE2  sing N N 98  
GLN NE2 HE21 sing N N 99  
GLN NE2 HE22 sing N N 100 
GLN OXT HXT  sing N N 101 
GLU N   CA   sing N N 102 
GLU N   H    sing N N 103 
GLU N   H2   sing N N 104 
GLU CA  C    sing N N 105 
GLU CA  CB   sing N N 106 
GLU CA  HA   sing N N 107 
GLU C   O    doub N N 108 
GLU C   OXT  sing N N 109 
GLU CB  CG   sing N N 110 
GLU CB  HB2  sing N N 111 
GLU CB  HB3  sing N N 112 
GLU CG  CD   sing N N 113 
GLU CG  HG2  sing N N 114 
GLU CG  HG3  sing N N 115 
GLU CD  OE1  doub N N 116 
GLU CD  OE2  sing N N 117 
GLU OE2 HE2  sing N N 118 
GLU OXT HXT  sing N N 119 
GLY N   CA   sing N N 120 
GLY N   H    sing N N 121 
GLY N   H2   sing N N 122 
GLY CA  C    sing N N 123 
GLY CA  HA2  sing N N 124 
GLY CA  HA3  sing N N 125 
GLY C   O    doub N N 126 
GLY C   OXT  sing N N 127 
GLY OXT HXT  sing N N 128 
GOL C1  O1   sing N N 129 
GOL C1  C2   sing N N 130 
GOL C1  H11  sing N N 131 
GOL C1  H12  sing N N 132 
GOL O1  HO1  sing N N 133 
GOL C2  O2   sing N N 134 
GOL C2  C3   sing N N 135 
GOL C2  H2   sing N N 136 
GOL O2  HO2  sing N N 137 
GOL C3  O3   sing N N 138 
GOL C3  H31  sing N N 139 
GOL C3  H32  sing N N 140 
GOL O3  HO3  sing N N 141 
HIS N   CA   sing N N 142 
HIS N   H    sing N N 143 
HIS N   H2   sing N N 144 
HIS CA  C    sing N N 145 
HIS CA  CB   sing N N 146 
HIS CA  HA   sing N N 147 
HIS C   O    doub N N 148 
HIS C   OXT  sing N N 149 
HIS CB  CG   sing N N 150 
HIS CB  HB2  sing N N 151 
HIS CB  HB3  sing N N 152 
HIS CG  ND1  sing Y N 153 
HIS CG  CD2  doub Y N 154 
HIS ND1 CE1  doub Y N 155 
HIS ND1 HD1  sing N N 156 
HIS CD2 NE2  sing Y N 157 
HIS CD2 HD2  sing N N 158 
HIS CE1 NE2  sing Y N 159 
HIS CE1 HE1  sing N N 160 
HIS NE2 HE2  sing N N 161 
HIS OXT HXT  sing N N 162 
HOH O   H1   sing N N 163 
HOH O   H2   sing N N 164 
ILE N   CA   sing N N 165 
ILE N   H    sing N N 166 
ILE N   H2   sing N N 167 
ILE CA  C    sing N N 168 
ILE CA  CB   sing N N 169 
ILE CA  HA   sing N N 170 
ILE C   O    doub N N 171 
ILE C   OXT  sing N N 172 
ILE CB  CG1  sing N N 173 
ILE CB  CG2  sing N N 174 
ILE CB  HB   sing N N 175 
ILE CG1 CD1  sing N N 176 
ILE CG1 HG12 sing N N 177 
ILE CG1 HG13 sing N N 178 
ILE CG2 HG21 sing N N 179 
ILE CG2 HG22 sing N N 180 
ILE CG2 HG23 sing N N 181 
ILE CD1 HD11 sing N N 182 
ILE CD1 HD12 sing N N 183 
ILE CD1 HD13 sing N N 184 
ILE OXT HXT  sing N N 185 
LEU N   CA   sing N N 186 
LEU N   H    sing N N 187 
LEU N   H2   sing N N 188 
LEU CA  C    sing N N 189 
LEU CA  CB   sing N N 190 
LEU CA  HA   sing N N 191 
LEU C   O    doub N N 192 
LEU C   OXT  sing N N 193 
LEU CB  CG   sing N N 194 
LEU CB  HB2  sing N N 195 
LEU CB  HB3  sing N N 196 
LEU CG  CD1  sing N N 197 
LEU CG  CD2  sing N N 198 
LEU CG  HG   sing N N 199 
LEU CD1 HD11 sing N N 200 
LEU CD1 HD12 sing N N 201 
LEU CD1 HD13 sing N N 202 
LEU CD2 HD21 sing N N 203 
LEU CD2 HD22 sing N N 204 
LEU CD2 HD23 sing N N 205 
LEU OXT HXT  sing N N 206 
LYS N   CA   sing N N 207 
LYS N   H    sing N N 208 
LYS N   H2   sing N N 209 
LYS CA  C    sing N N 210 
LYS CA  CB   sing N N 211 
LYS CA  HA   sing N N 212 
LYS C   O    doub N N 213 
LYS C   OXT  sing N N 214 
LYS CB  CG   sing N N 215 
LYS CB  HB2  sing N N 216 
LYS CB  HB3  sing N N 217 
LYS CG  CD   sing N N 218 
LYS CG  HG2  sing N N 219 
LYS CG  HG3  sing N N 220 
LYS CD  CE   sing N N 221 
LYS CD  HD2  sing N N 222 
LYS CD  HD3  sing N N 223 
LYS CE  NZ   sing N N 224 
LYS CE  HE2  sing N N 225 
LYS CE  HE3  sing N N 226 
LYS NZ  HZ1  sing N N 227 
LYS NZ  HZ2  sing N N 228 
LYS NZ  HZ3  sing N N 229 
LYS OXT HXT  sing N N 230 
MET N   CA   sing N N 231 
MET N   H    sing N N 232 
MET N   H2   sing N N 233 
MET CA  C    sing N N 234 
MET CA  CB   sing N N 235 
MET CA  HA   sing N N 236 
MET C   O    doub N N 237 
MET C   OXT  sing N N 238 
MET CB  CG   sing N N 239 
MET CB  HB2  sing N N 240 
MET CB  HB3  sing N N 241 
MET CG  SD   sing N N 242 
MET CG  HG2  sing N N 243 
MET CG  HG3  sing N N 244 
MET SD  CE   sing N N 245 
MET CE  HE1  sing N N 246 
MET CE  HE2  sing N N 247 
MET CE  HE3  sing N N 248 
MET OXT HXT  sing N N 249 
PHE N   CA   sing N N 250 
PHE N   H    sing N N 251 
PHE N   H2   sing N N 252 
PHE CA  C    sing N N 253 
PHE CA  CB   sing N N 254 
PHE CA  HA   sing N N 255 
PHE C   O    doub N N 256 
PHE C   OXT  sing N N 257 
PHE CB  CG   sing N N 258 
PHE CB  HB2  sing N N 259 
PHE CB  HB3  sing N N 260 
PHE CG  CD1  doub Y N 261 
PHE CG  CD2  sing Y N 262 
PHE CD1 CE1  sing Y N 263 
PHE CD1 HD1  sing N N 264 
PHE CD2 CE2  doub Y N 265 
PHE CD2 HD2  sing N N 266 
PHE CE1 CZ   doub Y N 267 
PHE CE1 HE1  sing N N 268 
PHE CE2 CZ   sing Y N 269 
PHE CE2 HE2  sing N N 270 
PHE CZ  HZ   sing N N 271 
PHE OXT HXT  sing N N 272 
PRO N   CA   sing N N 273 
PRO N   CD   sing N N 274 
PRO N   H    sing N N 275 
PRO CA  C    sing N N 276 
PRO CA  CB   sing N N 277 
PRO CA  HA   sing N N 278 
PRO C   O    doub N N 279 
PRO C   OXT  sing N N 280 
PRO CB  CG   sing N N 281 
PRO CB  HB2  sing N N 282 
PRO CB  HB3  sing N N 283 
PRO CG  CD   sing N N 284 
PRO CG  HG2  sing N N 285 
PRO CG  HG3  sing N N 286 
PRO CD  HD2  sing N N 287 
PRO CD  HD3  sing N N 288 
PRO OXT HXT  sing N N 289 
SER N   CA   sing N N 290 
SER N   H    sing N N 291 
SER N   H2   sing N N 292 
SER CA  C    sing N N 293 
SER CA  CB   sing N N 294 
SER CA  HA   sing N N 295 
SER C   O    doub N N 296 
SER C   OXT  sing N N 297 
SER CB  OG   sing N N 298 
SER CB  HB2  sing N N 299 
SER CB  HB3  sing N N 300 
SER OG  HG   sing N N 301 
SER OXT HXT  sing N N 302 
THR N   CA   sing N N 303 
THR N   H    sing N N 304 
THR N   H2   sing N N 305 
THR CA  C    sing N N 306 
THR CA  CB   sing N N 307 
THR CA  HA   sing N N 308 
THR C   O    doub N N 309 
THR C   OXT  sing N N 310 
THR CB  OG1  sing N N 311 
THR CB  CG2  sing N N 312 
THR CB  HB   sing N N 313 
THR OG1 HG1  sing N N 314 
THR CG2 HG21 sing N N 315 
THR CG2 HG22 sing N N 316 
THR CG2 HG23 sing N N 317 
THR OXT HXT  sing N N 318 
TRP N   CA   sing N N 319 
TRP N   H    sing N N 320 
TRP N   H2   sing N N 321 
TRP CA  C    sing N N 322 
TRP CA  CB   sing N N 323 
TRP CA  HA   sing N N 324 
TRP C   O    doub N N 325 
TRP C   OXT  sing N N 326 
TRP CB  CG   sing N N 327 
TRP CB  HB2  sing N N 328 
TRP CB  HB3  sing N N 329 
TRP CG  CD1  doub Y N 330 
TRP CG  CD2  sing Y N 331 
TRP CD1 NE1  sing Y N 332 
TRP CD1 HD1  sing N N 333 
TRP CD2 CE2  doub Y N 334 
TRP CD2 CE3  sing Y N 335 
TRP NE1 CE2  sing Y N 336 
TRP NE1 HE1  sing N N 337 
TRP CE2 CZ2  sing Y N 338 
TRP CE3 CZ3  doub Y N 339 
TRP CE3 HE3  sing N N 340 
TRP CZ2 CH2  doub Y N 341 
TRP CZ2 HZ2  sing N N 342 
TRP CZ3 CH2  sing Y N 343 
TRP CZ3 HZ3  sing N N 344 
TRP CH2 HH2  sing N N 345 
TRP OXT HXT  sing N N 346 
TYR N   CA   sing N N 347 
TYR N   H    sing N N 348 
TYR N   H2   sing N N 349 
TYR CA  C    sing N N 350 
TYR CA  CB   sing N N 351 
TYR CA  HA   sing N N 352 
TYR C   O    doub N N 353 
TYR C   OXT  sing N N 354 
TYR CB  CG   sing N N 355 
TYR CB  HB2  sing N N 356 
TYR CB  HB3  sing N N 357 
TYR CG  CD1  doub Y N 358 
TYR CG  CD2  sing Y N 359 
TYR CD1 CE1  sing Y N 360 
TYR CD1 HD1  sing N N 361 
TYR CD2 CE2  doub Y N 362 
TYR CD2 HD2  sing N N 363 
TYR CE1 CZ   doub Y N 364 
TYR CE1 HE1  sing N N 365 
TYR CE2 CZ   sing Y N 366 
TYR CE2 HE2  sing N N 367 
TYR CZ  OH   sing N N 368 
TYR OH  HH   sing N N 369 
TYR OXT HXT  sing N N 370 
VAL N   CA   sing N N 371 
VAL N   H    sing N N 372 
VAL N   H2   sing N N 373 
VAL CA  C    sing N N 374 
VAL CA  CB   sing N N 375 
VAL CA  HA   sing N N 376 
VAL C   O    doub N N 377 
VAL C   OXT  sing N N 378 
VAL CB  CG1  sing N N 379 
VAL CB  CG2  sing N N 380 
VAL CB  HB   sing N N 381 
VAL CG1 HG11 sing N N 382 
VAL CG1 HG12 sing N N 383 
VAL CG1 HG13 sing N N 384 
VAL CG2 HG21 sing N N 385 
VAL CG2 HG22 sing N N 386 
VAL CG2 HG23 sing N N 387 
VAL OXT HXT  sing N N 388 
# 
_pdbx_audit_support.funding_organization   'German Research Foundation (DFG)' 
_pdbx_audit_support.country                Germany 
_pdbx_audit_support.grant_number           'HE 7291/5-1' 
_pdbx_audit_support.ordinal                1 
# 
_pdbx_initial_refinement_model.id               1 
_pdbx_initial_refinement_model.entity_id_list   ? 
_pdbx_initial_refinement_model.type             'experimental model' 
_pdbx_initial_refinement_model.source_name      PDB 
_pdbx_initial_refinement_model.accession_code   1ha1 
_pdbx_initial_refinement_model.details          ? 
# 
_space_group.name_H-M_alt     'P 21 21 21' 
_space_group.name_Hall        'P 2ac 2ab' 
_space_group.IT_number        19 
_space_group.crystal_system   orthorhombic 
_space_group.id               1 
# 
_atom_sites.entry_id                    9EN7 
_atom_sites.Cartn_transf_matrix[1][1]   ? 
_atom_sites.Cartn_transf_matrix[1][2]   ? 
_atom_sites.Cartn_transf_matrix[1][3]   ? 
_atom_sites.Cartn_transf_matrix[2][1]   ? 
_atom_sites.Cartn_transf_matrix[2][2]   ? 
_atom_sites.Cartn_transf_matrix[2][3]   ? 
_atom_sites.Cartn_transf_matrix[3][1]   ? 
_atom_sites.Cartn_transf_matrix[3][2]   ? 
_atom_sites.Cartn_transf_matrix[3][3]   ? 
_atom_sites.Cartn_transf_vector[1]      ? 
_atom_sites.Cartn_transf_vector[2]      ? 
_atom_sites.Cartn_transf_vector[3]      ? 
_atom_sites.Cartn_transform_axes        ? 
_atom_sites.fract_transf_matrix[1][1]   0.01885266 
_atom_sites.fract_transf_matrix[1][2]   0.01776802 
_atom_sites.fract_transf_matrix[1][3]   -0.00300681 
_atom_sites.fract_transf_matrix[2][1]   0.01167351 
_atom_sites.fract_transf_matrix[2][2]   -0.00969520 
_atom_sites.fract_transf_matrix[2][3]   0.01590134 
_atom_sites.fract_transf_matrix[3][1]   0.00775129 
_atom_sites.fract_transf_matrix[3][2]   -0.01024443 
_atom_sites.fract_transf_matrix[3][3]   -0.01193652 
_atom_sites.fract_transf_vector[1]      0.400452 
_atom_sites.fract_transf_vector[2]      0.168218 
_atom_sites.fract_transf_vector[3]      0.396163 
_atom_sites.solution_primary            ? 
_atom_sites.solution_secondary          ? 
_atom_sites.solution_hydrogens          ? 
_atom_sites.special_details             ? 
# 
loop_
_atom_type.symbol 
_atom_type.scat_dispersion_real 
_atom_type.scat_dispersion_imag 
_atom_type.scat_Cromer_Mann_a1 
_atom_type.scat_Cromer_Mann_a2 
_atom_type.scat_Cromer_Mann_a3 
_atom_type.scat_Cromer_Mann_a4 
_atom_type.scat_Cromer_Mann_b1 
_atom_type.scat_Cromer_Mann_b2 
_atom_type.scat_Cromer_Mann_b3 
_atom_type.scat_Cromer_Mann_b4 
_atom_type.scat_Cromer_Mann_c 
_atom_type.scat_source 
_atom_type.scat_dispersion_source 
C ? ? 3.54356 2.42580 ? ? 25.62398 1.50364  ? ? 0.0 
;2-Gaussian fit: Grosse-Kunstleve RW, Sauter NK, Adams PD: Newsletter of the IUCr Commission on Crystallographic Computing 2004, 3, 22-31.
;
? 
H ? ? 0.51345 0.48472 ? ? 24.73122 6.32584  ? ? 0.0 
;2-Gaussian fit: Grosse-Kunstleve RW, Sauter NK, Adams PD: Newsletter of the IUCr Commission on Crystallographic Computing 2004, 3, 22-31.
;
? 
N ? ? 4.01032 2.96436 ? ? 19.97189 1.75589  ? ? 0.0 
;2-Gaussian fit: Grosse-Kunstleve RW, Sauter NK, Adams PD: Newsletter of the IUCr Commission on Crystallographic Computing 2004, 3, 22-31.
;
? 
O ? ? 4.49882 3.47563 ? ? 15.80542 1.70748  ? ? 0.0 
;2-Gaussian fit: Grosse-Kunstleve RW, Sauter NK, Adams PD: Newsletter of the IUCr Commission on Crystallographic Computing 2004, 3, 22-31.
;
? 
S ? ? 9.55732 6.39887 ? ? 1.23737  29.19336 ? ? 0.0 
;2-Gaussian fit: Grosse-Kunstleve RW, Sauter NK, Adams PD: Newsletter of the IUCr Commission on Crystallographic Computing 2004, 3, 22-31.
;
? 
# 
loop_
_atom_site.group_PDB 
_atom_site.id 
_atom_site.type_symbol 
_atom_site.label_atom_id 
_atom_site.label_alt_id 
_atom_site.label_comp_id 
_atom_site.label_asym_id 
_atom_site.label_entity_id 
_atom_site.label_seq_id 
_atom_site.pdbx_PDB_ins_code 
_atom_site.Cartn_x 
_atom_site.Cartn_y 
_atom_site.Cartn_z 
_atom_site.occupancy 
_atom_site.B_iso_or_equiv 
_atom_site.pdbx_formal_charge 
_atom_site.auth_seq_id 
_atom_site.auth_comp_id 
_atom_site.auth_asym_id 
_atom_site.auth_atom_id 
_atom_site.pdbx_PDB_model_num 
ATOM   1   N N   . GLU A 1 7  ? 10.61939  -12.18283 -2.93084  1.000 55.69000  ? 7   GLU A N   1 
ATOM   2   C CA  . GLU A 1 7  ? 10.51974  -10.81596 -2.43430  1.000 88.29000  ? 7   GLU A CA  1 
ATOM   3   C C   . GLU A 1 7  ? 9.92757   -10.80177 -1.02884  1.000 149.67000 ? 7   GLU A C   1 
ATOM   4   O O   . GLU A 1 7  ? 9.01286   -11.56646 -0.72475  1.000 97.66000  ? 7   GLU A O   1 
ATOM   5   C CB  . GLU A 1 7  ? 9.67176   -9.96625  -3.37938  1.000 105.93000 ? 7   GLU A CB  1 
ATOM   6   C CG  . GLU A 1 7  ? 9.58962   -8.50333  -2.99153  1.000 79.91000  ? 7   GLU A CG  1 
ATOM   7   C CD  . GLU A 1 7  ? 8.80572   -7.68734  -3.99597  1.000 94.62000  ? 7   GLU A CD  1 
ATOM   8   O OE1 . GLU A 1 7  ? 8.27823   -8.27540  -4.96313  1.000 86.26000  ? 7   GLU A OE1 1 
ATOM   9   O OE2 . GLU A 1 7  ? 8.71793   -6.45754  -3.82117  1.000 161.82000 ? 7   GLU A OE2 1 
ATOM   10  N N   . ARG A 1 8  ? 10.44934  -9.92066  -0.17460  1.000 41.04000  ? 8   ARG A N   1 
ATOM   11  C CA  . ARG A 1 8  ? 10.08921  -9.90404  1.23446   1.000 31.88000  ? 8   ARG A CA  1 
ATOM   12  C C   . ARG A 1 8  ? 9.43141   -8.61245  1.70387   1.000 63.47000  ? 8   ARG A C   1 
ATOM   13  O O   . ARG A 1 8  ? 8.89845   -8.58632  2.81905   1.000 35.52000  ? 8   ARG A O   1 
ATOM   14  C CB  . ARG A 1 8  ? 11.33062  -10.16226 2.10653   1.000 43.21000  ? 8   ARG A CB  1 
ATOM   15  C CG  . ARG A 1 8  ? 11.33265  -11.49470 2.83515   1.000 49.29000  ? 8   ARG A CG  1 
ATOM   16  C CD  . ARG A 1 8  ? 12.02655  -12.57840 2.02907   1.000 97.48000  ? 8   ARG A CD  1 
ATOM   17  N NE  . ARG A 1 8  ? 12.01200  -13.85690 2.72980   1.000 154.60000 ? 8   ARG A NE  1 
ATOM   18  C CZ  . ARG A 1 8  ? 12.69816  -14.92743 2.35424   1.000 124.02000 ? 8   ARG A CZ  1 
ATOM   19  N NH1 . ARG A 1 8  ? 13.48310  -14.90710 1.28944   1.000 66.99000  ? 8   ARG A NH1 1 
ATOM   20  N NH2 . ARG A 1 8  ? 12.59682  -16.04561 3.06725   1.000 74.25000  ? 8   ARG A NH2 1 
ATOM   21  N N   . GLY A 1 9  ? 9.43807   -7.55187  0.90106   1.000 43.38152  ? 9   GLY A N   1 
ATOM   22  C CA  . GLY A 1 9  ? 9.05783   -6.24776  1.41249   1.000 27.41381  ? 9   GLY A CA  1 
ATOM   23  C C   . GLY A 1 9  ? 7.76513   -5.66170  0.88492   1.000 16.24142  ? 9   GLY A C   1 
ATOM   24  O O   . GLY A 1 9  ? 7.60785   -4.43563  0.86417   1.000 13.58847  ? 9   GLY A O   1 
ATOM   25  N N   . LYS A 1 10 ? 6.82311   -6.51207  0.48983   1.000 14.20697  ? 10  LYS A N   1 
ATOM   26  C CA  . LYS A 1 10 ? 5.58699   -6.06104  -0.13362  1.000 13.50425  ? 10  LYS A CA  1 
ATOM   27  C C   . LYS A 1 10 ? 4.43388   -6.06512  0.86621   1.000 12.25410  ? 10  LYS A C   1 
ATOM   28  O O   . LYS A 1 10 ? 4.22213   -7.04368  1.59377   1.000 13.88851  ? 10  LYS A O   1 
ATOM   29  C CB  . LYS A 1 10 ? 5.26364   -6.89100  -1.37764  1.000 14.02800  ? 10  LYS A CB  1 
ATOM   30  C CG  . LYS A 1 10 ? 4.19032   -6.28426  -2.28024  1.000 13.82008  ? 10  LYS A CG  1 
ATOM   31  C CD  . LYS A 1 10 ? 4.03205   -7.10961  -3.56316  1.000 14.06221  ? 10  LYS A CD  1 
ATOM   32  C CE  . LYS A 1 10 ? 3.16832   -6.40503  -4.58588  1.000 14.61228  ? 10  LYS A CE  1 
ATOM   33  N NZ  . LYS A 1 10 ? 3.05987   -7.18534  -5.83913  1.000 15.15971  ? 10  LYS A NZ  1 
ATOM   34  N N   . LEU A 1 11 ? 3.67546   -4.97657  0.85583   1.000 12.45939  ? 11  LEU A N   1 
ATOM   35  C CA  . LEU A 1 11 ? 2.52181   -4.77017  1.71507   1.000 14.45963  ? 11  LEU A CA  1 
ATOM   36  C C   . LEU A 1 11 ? 1.27750   -4.60152  0.85061   1.000 14.05958  ? 11  LEU A C   1 
ATOM   37  O O   . LEU A 1 11 ? 1.25240   -3.74993  -0.03774  1.000 15.78610  ? 11  LEU A O   1 
ATOM   38  C CB  . LEU A 1 11 ? 2.77503   -3.46604  2.46881   1.000 18.08901  ? 11  LEU A CB  1 
ATOM   39  C CG  . LEU A 1 11 ? 1.98850   -3.01695  3.68389   1.000 19.56814  ? 11  LEU A CG  1 
ATOM   40  C CD1 . LEU A 1 11 ? 2.27344   -3.94999  4.85738   1.000 18.53643  ? 11  LEU A CD1 1 
ATOM   41  C CD2 . LEU A 1 11 ? 2.35035   -1.57431  4.00776   1.000 20.63405  ? 11  LEU A CD2 1 
ATOM   42  N N   . PHE A 1 12 ? 0.25121   -5.40837  1.10817   1.000 12.95155  ? 12  PHE A N   1 
ATOM   43  C CA  . PHE A 1 12 ? -1.09603  -5.10793  0.63265   1.000 11.76457  ? 12  PHE A CA  1 
ATOM   44  C C   . PHE A 1 12 ? -1.68369  -4.01651  1.51889   1.000 10.76182  ? 12  PHE A C   1 
ATOM   45  O O   . PHE A 1 12 ? -1.43744  -3.99909  2.72956   1.000 12.52255  ? 12  PHE A O   1 
ATOM   46  C CB  . PHE A 1 12 ? -1.93793  -6.38602  0.75356   1.000 13.19895  ? 12  PHE A CB  1 
ATOM   47  C CG  . PHE A 1 12 ? -3.43797  -6.16385  0.73707   1.000 13.38582  ? 12  PHE A CG  1 
ATOM   48  C CD1 . PHE A 1 12 ? -4.13438  -6.04306  -0.46138  1.000 14.53069  ? 12  PHE A CD1 1 
ATOM   49  C CD2 . PHE A 1 12 ? -4.15744  -6.09326  1.92267   1.000 14.28066  ? 12  PHE A CD2 1 
ATOM   50  C CE1 . PHE A 1 12 ? -5.51807  -5.86435  -0.46786  1.000 15.05180  ? 12  PHE A CE1 1 
ATOM   51  C CE2 . PHE A 1 12 ? -5.54017  -5.91068  1.91279   1.000 15.12023  ? 12  PHE A CE2 1 
ATOM   52  C CZ  . PHE A 1 12 ? -6.21537  -5.80357  0.72078   1.000 14.99917  ? 12  PHE A CZ  1 
ATOM   53  N N   . VAL A 1 13 ? -2.42731  -3.08355  0.91781   1.000 11.11186  ? 13  VAL A N   1 
ATOM   54  C CA  . VAL A 1 13 ? -3.13423  -2.06913  1.69290   1.000 11.91195  ? 13  VAL A CA  1 
ATOM   55  C C   . VAL A 1 13 ? -4.58821  -2.03888  1.26216   1.000 11.93564  ? 13  VAL A C   1 
ATOM   56  O O   . VAL A 1 13 ? -4.90169  -1.59046  0.15147   1.000 12.60941  ? 13  VAL A O   1 
ATOM   57  C CB  . VAL A 1 13 ? -2.49978  -0.67495  1.58691   1.000 12.83838  ? 13  VAL A CB  1 
ATOM   58  C CG1 . VAL A 1 13 ? -3.17495  0.26661   2.57970   1.000 13.52794  ? 13  VAL A CG1 1 
ATOM   59  C CG2 . VAL A 1 13 ? -0.99312  -0.73437  1.83501   1.000 13.67532  ? 13  VAL A CG2 1 
ATOM   60  N N   . GLY A 1 14 ? -5.47558  -2.49566  2.13908   1.000 11.89616  ? 14  GLY A N   1 
ATOM   61  C CA  . GLY A 1 14 ? -6.89029  -2.48323  1.85656   1.000 12.79364  ? 14  GLY A CA  1 
ATOM   62  C C   . GLY A 1 14 ? -7.61455  -1.31970  2.51484   1.000 12.69100  ? 14  GLY A C   1 
ATOM   63  O O   . GLY A 1 14 ? -7.07346  -0.57726  3.33068   1.000 13.27791  ? 14  GLY A O   1 
ATOM   64  N N   . GLY A 1 15 ? -8.88384  -1.18238  2.14922   1.000 13.54110  ? 15  GLY A N   1 
ATOM   65  C CA  . GLY A 1 15 ? -9.74239  -0.20645  2.79042   1.000 14.25171  ? 15  GLY A CA  1 
ATOM   66  C C   . GLY A 1 15 ? -9.50761  1.22814   2.38253   1.000 13.66216  ? 15  GLY A C   1 
ATOM   67  O O   . GLY A 1 15 ? -9.89534  2.14185   3.11296   1.000 16.34670  ? 15  GLY A O   1 
ATOM   68  N N   . LEU A 1 16 ? -8.88232  1.46067   1.23543   1.000 13.10683  ? 16  LEU A N   1 
ATOM   69  C CA  . LEU A 1 16 ? -8.64292  2.82115   0.78386   1.000 13.41477  ? 16  LEU A CA  1 
ATOM   70  C C   . LEU A 1 16 ? -9.92183  3.43858   0.24091   1.000 16.00718  ? 16  LEU A C   1 
ATOM   71  O O   . LEU A 1 16 ? -10.74421 2.76320   -0.37982  1.000 16.67305  ? 16  LEU A O   1 
ATOM   72  C CB  . LEU A 1 16 ? -7.63971  2.82857   -0.36571  1.000 13.75954  ? 16  LEU A CB  1 
ATOM   73  C CG  . LEU A 1 16 ? -6.31294  2.12038   -0.17448  1.000 13.92535  ? 16  LEU A CG  1 
ATOM   74  C CD1 . LEU A 1 16 ? -5.51276  2.22054   -1.44902  1.000 15.01759  ? 16  LEU A CD1 1 
ATOM   75  C CD2 . LEU A 1 16 ? -5.58533  2.73465   0.99763   1.000 15.90980  ? 16  LEU A CD2 1 
ATOM   76  N N   A SER A 1 17 ? -10.09293 4.73385   0.47638   0.737 17.10468  ? 17  SER A N   1 
ATOM   77  N N   B SER A 1 17 ? -10.06832 4.74274   0.44462   0.263 16.85465  ? 17  SER A N   1 
ATOM   78  C CA  A SER A 1 17 ? -11.09701 5.44765   -0.29178  0.737 17.91004  ? 17  SER A CA  1 
ATOM   79  C CA  B SER A 1 17 ? -11.09199 5.47912   -0.28022  0.263 17.57053  ? 17  SER A CA  1 
ATOM   80  C C   A SER A 1 17 ? -10.70103 5.41919   -1.75853  0.737 17.27312  ? 17  SER A C   1 
ATOM   81  C C   B SER A 1 17 ? -10.71084 5.53827   -1.75429  0.263 17.54684  ? 17  SER A C   1 
ATOM   82  O O   A SER A 1 17 ? -9.51702  5.40629   -2.09991  0.737 14.63597  ? 17  SER A O   1 
ATOM   83  O O   B SER A 1 17 ? -9.53722  5.70070   -2.09826  0.263 16.60725  ? 17  SER A O   1 
ATOM   84  C CB  A SER A 1 17 ? -11.19440 6.90144   0.15162   0.737 19.07597  ? 17  SER A CB  1 
ATOM   85  C CB  B SER A 1 17 ? -11.21115 6.89545   0.27887   0.263 18.36536  ? 17  SER A CB  1 
ATOM   86  O OG  A SER A 1 17 ? -12.00749 7.62223   -0.76568  0.737 18.28903  ? 17  SER A OG  1 
ATOM   87  O OG  B SER A 1 17 ? -10.02179 7.63463   0.06436   0.263 18.59170  ? 17  SER A OG  1 
ATOM   88  N N   . TRP A 1 18 ? -11.70624 5.39289   -2.63449  1.000 17.69423  ? 18  TRP A N   1 
ATOM   89  C CA  . TRP A 1 18 ? -11.41622 5.43414   -4.06085  1.000 18.73383  ? 18  TRP A CA  1 
ATOM   90  C C   . TRP A 1 18 ? -10.77246 6.74271   -4.49025  1.000 16.68621  ? 18  TRP A C   1 
ATOM   91  O O   . TRP A 1 18 ? -10.22157 6.80011   -5.59372  1.000 18.43379  ? 18  TRP A O   1 
ATOM   92  C CB  . TRP A 1 18 ? -12.64881 5.10106   -4.91223  1.000 23.31069  ? 18  TRP A CB  1 
ATOM   93  C CG  . TRP A 1 18 ? -13.62176 6.22781   -5.13730  1.000 27.52962  ? 18  TRP A CG  1 
ATOM   94  C CD1 . TRP A 1 18 ? -14.62774 6.62214   -4.30014  1.000 29.07191  ? 18  TRP A CD1 1 
ATOM   95  C CD2 . TRP A 1 18 ? -13.70192 7.08627   -6.28895  1.000 30.60367  ? 18  TRP A CD2 1 
ATOM   96  N NE1 . TRP A 1 18 ? -15.32108 7.67312   -4.85422  1.000 30.25889  ? 18  TRP A NE1 1 
ATOM   97  C CE2 . TRP A 1 18 ? -14.77267 7.97796   -6.07175  1.000 31.06425  ? 18  TRP A CE2 1 
ATOM   98  C CE3 . TRP A 1 18 ? -12.96774 7.19122   -7.47646  1.000 32.42757  ? 18  TRP A CE3 1 
ATOM   99  C CZ2 . TRP A 1 18 ? -15.12558 8.95987   -6.99570  1.000 32.58549  ? 18  TRP A CZ2 1 
ATOM   100 C CZ3 . TRP A 1 18 ? -13.32160 8.16562   -8.39418  1.000 33.43559  ? 18  TRP A CZ3 1 
ATOM   101 C CH2 . TRP A 1 18 ? -14.38963 9.03708   -8.14796  1.000 33.41453  ? 18  TRP A CH2 1 
ATOM   102 N N   . GLU A 1 19 ? -10.79732 7.77406   -3.63930  1.000 15.50186  ? 19  GLU A N   1 
ATOM   103 C CA  . GLU A 1 19 ? -10.17223 9.04919   -3.95661  1.000 15.80189  ? 19  GLU A CA  1 
ATOM   104 C C   . GLU A 1 19 ? -8.65784  9.02345   -3.77929  1.000 14.78335  ? 19  GLU A C   1 
ATOM   105 O O   . GLU A 1 19 ? -7.97753  9.92967   -4.26404  1.000 16.10983  ? 19  GLU A O   1 
ATOM   106 C CB  . GLU A 1 19 ? -10.74849 10.13006  -3.03088  1.000 17.27576  ? 19  GLU A CB  1 
ATOM   107 C CG  . GLU A 1 19 ? -10.16120 10.08396  -1.60629  1.000 18.56012  ? 19  GLU A CG  1 
ATOM   108 C CD  . GLU A 1 19 ? -11.03896 10.73989  -0.54800  1.000 19.25231  ? 19  GLU A CD  1 
ATOM   109 O OE1 . GLU A 1 19 ? -12.06985 10.14402  -0.14917  1.000 18.46537  ? 19  GLU A OE1 1 
ATOM   110 O OE2 . GLU A 1 19 ? -10.69615 11.84974  -0.09819  1.000 20.19716  ? 19  GLU A OE2 1 
ATOM   111 N N   . THR A 1 20 ? -8.11335  8.04222   -3.06023  1.000 13.80429  ? 20  THR A N   1 
ATOM   112 C CA  . THR A 1 20 ? -6.70968  8.07953   -2.66733  1.000 13.71217  ? 20  THR A CA  1 
ATOM   113 C C   . THR A 1 20 ? -5.83096  7.67986   -3.84807  1.000 13.37529  ? 20  THR A C   1 
ATOM   114 O O   . THR A 1 20 ? -5.98553  6.58546   -4.40312  1.000 14.12538  ? 20  THR A O   1 
ATOM   115 C CB  . THR A 1 20 ? -6.49109  7.11054   -1.50999  1.000 14.22539  ? 20  THR A CB  1 
ATOM   116 O OG1 . THR A 1 20 ? -7.29427  7.50047   -0.38856  1.000 15.71504  ? 20  THR A OG1 1 
ATOM   117 C CG2 . THR A 1 20 ? -5.01678  7.07628   -1.10899  1.000 14.62544  ? 20  THR A CG2 1 
ATOM   118 N N   . THR A 1 21 ? -4.91147  8.55910   -4.23420  1.000 13.63058  ? 21  THR A N   1 
ATOM   119 C CA  . THR A 1 21 ? -3.99890  8.25780   -5.32745  1.000 13.65690  ? 21  THR A CA  1 
ATOM   120 C C   . THR A 1 21 ? -2.83802  7.40895   -4.82228  1.000 13.68848  ? 21  THR A C   1 
ATOM   121 O O   . THR A 1 21 ? -2.51791  7.37367   -3.63086  1.000 13.37002  ? 21  THR A O   1 
ATOM   122 C CB  . THR A 1 21 ? -3.40374  9.53768   -5.91758  1.000 14.40173  ? 21  THR A CB  1 
ATOM   123 O OG1 . THR A 1 21 ? -2.56258  10.13932  -4.93021  1.000 13.99641  ? 21  THR A OG1 1 
ATOM   124 C CG2 . THR A 1 21 ? -4.49287  10.53531  -6.35192  1.000 14.82020  ? 21  THR A CG2 1 
ATOM   125 N N   . GLN A 1 22 ? -2.18240  6.72271   -5.75625  1.000 14.16486  ? 22  GLN A N   1 
ATOM   126 C CA  . GLN A 1 22 ? -1.00901  5.95498   -5.35199  1.000 14.52543  ? 22  GLN A CA  1 
ATOM   127 C C   . GLN A 1 22 ? 0.13349   6.86534   -4.91877  1.000 13.89640  ? 22  GLN A C   1 
ATOM   128 O O   . GLN A 1 22 ? 0.95283   6.46422   -4.09122  1.000 13.61479  ? 22  GLN A O   1 
ATOM   129 C CB  . GLN A 1 22 ? -0.60999  4.93449   -6.41978  1.000 16.72832  ? 22  GLN A CB  1 
ATOM   130 C CG  . GLN A 1 22 ? -0.27812  5.52535   -7.75319  1.000 17.68633  ? 22  GLN A CG  1 
ATOM   131 C CD  . GLN A 1 22 ? -0.22212  4.45878   -8.84256  1.000 19.02860  ? 22  GLN A CD  1 
ATOM   132 O OE1 . GLN A 1 22 ? -1.07254  3.55742   -8.90865  1.000 19.14177  ? 22  GLN A OE1 1 
ATOM   133 N NE2 . GLN A 1 22 ? 0.79345   4.54731   -9.68824  1.000 20.14189  ? 22  GLN A NE2 1 
ATOM   134 N N   . GLU A 1 23 ? 0.18762   8.09704   -5.42803  1.000 13.13315  ? 23  GLU A N   1 
ATOM   135 C CA  . GLU A 1 23 ? 1.18201   9.04725   -4.93684  1.000 14.16486  ? 23  GLU A CA  1 
ATOM   136 C C   . GLU A 1 23 ? 0.94040   9.40604   -3.47189  1.000 13.17790  ? 23  GLU A C   1 
ATOM   137 O O   . GLU A 1 23 ? 1.88607   9.50654   -2.68178  1.000 13.05946  ? 23  GLU A O   1 
ATOM   138 C CB  . GLU A 1 23 ? 1.17867   10.29141  -5.82210  1.000 16.13615  ? 23  GLU A CB  1 
ATOM   139 C CG  . GLU A 1 23 ? 1.69311   10.03419  -7.24629  1.000 20.25243  ? 23  GLU A CG  1 
ATOM   140 C CD  . GLU A 1 23 ? 0.69194   9.32040   -8.18228  1.000 22.05001  ? 23  GLU A CD  1 
ATOM   141 O OE1 . GLU A 1 23 ? -0.54552  9.39814   -7.95987  1.000 20.73933  ? 23  GLU A OE1 1 
ATOM   142 O OE2 . GLU A 1 23 ? 1.16075   8.67613   -9.15494  1.000 25.35041  ? 23  GLU A OE2 1 
ATOM   143 N N   . ASN A 1 24 ? -0.31794  9.60630   -3.09234  1.000 12.35674  ? 24  ASN A N   1 
ATOM   144 C CA  . ASN A 1 24 ? -0.64372  9.86772   -1.69521  1.000 12.61993  ? 24  ASN A CA  1 
ATOM   145 C C   . ASN A 1 24 ? -0.37240  8.63629   -0.83082  1.000 11.77773  ? 24  ASN A C   1 
ATOM   146 O O   . ASN A 1 24 ? 0.16022   8.74338   0.28111   1.000 12.31463  ? 24  ASN A O   1 
ATOM   147 C CB  . ASN A 1 24 ? -2.11438  10.28393  -1.62169  1.000 13.69638  ? 24  ASN A CB  1 
ATOM   148 C CG  . ASN A 1 24 ? -2.51837  10.81837  -0.25823  1.000 14.20170  ? 24  ASN A CG  1 
ATOM   149 O OD1 . ASN A 1 24 ? -1.69730  11.32769  0.50043   1.000 15.19393  ? 24  ASN A OD1 1 
ATOM   150 N ND2 . ASN A 1 24 ? -3.80170  10.69531  0.05646   1.000 16.36512  ? 24  ASN A ND2 1 
ATOM   151 N N   . LEU A 1 25 ? -0.72522  7.45266   -1.32727  1.000 11.67508  ? 25  LEU A N   1 
ATOM   152 C CA  . LEU A 1 25 ? -0.42815  6.22330   -0.59825  1.000 11.82773  ? 25  LEU A CA  1 
ATOM   153 C C   . LEU A 1 25 ? 1.06923   6.09124   -0.33501  1.000 11.41453  ? 25  LEU A C   1 
ATOM   154 O O   . LEU A 1 25 ? 1.50191   5.73795   0.76918   1.000 12.08829  ? 25  LEU A O   1 
ATOM   155 C CB  . LEU A 1 25 ? -0.94627  5.03807   -1.41557  1.000 12.80680  ? 25  LEU A CB  1 
ATOM   156 C CG  . LEU A 1 25 ? -0.87425  3.65588   -0.77313  1.000 12.89365  ? 25  LEU A CG  1 
ATOM   157 C CD1 . LEU A 1 25 ? -1.76770  3.60339   0.46685   1.000 14.56227  ? 25  LEU A CD1 1 
ATOM   158 C CD2 . LEU A 1 25 ? -1.26503  2.59142   -1.78618  1.000 13.66743  ? 25  LEU A CD2 1 
ATOM   159 N N   . SER A 1 26 ? 1.87778   6.33450   -1.36176  1.000 12.56993  ? 26  SER A N   1 
ATOM   160 C CA  . SER A 1 26 ? 3.32366   6.25811   -1.20803  1.000 13.27264  ? 26  SER A CA  1 
ATOM   161 C C   . SER A 1 26 ? 3.82176   7.28845   -0.20477  1.000 13.56478  ? 26  SER A C   1 
ATOM   162 O O   . SER A 1 26 ? 4.63174   6.97074   0.67609   1.000 14.79651  ? 26  SER A O   1 
ATOM   163 C CB  . SER A 1 26 ? 3.97778   6.46015   -2.56771  1.000 15.09391  ? 26  SER A CB  1 
ATOM   164 O OG  . SER A 1 26 ? 5.36024   6.22873   -2.47476  1.000 17.83635  ? 26  SER A OG  1 
ATOM   165 N N   . ARG A 1 27 ? 3.34141   8.52714   -0.32298  1.000 14.24381  ? 27  ARG A N   1 
ATOM   166 C CA  . ARG A 1 27 ? 3.72393   9.56729   0.62517   1.000 14.91758  ? 27  ARG A CA  1 
ATOM   167 C C   . ARG A 1 27 ? 3.47374   9.12883   2.06277   1.000 14.40436  ? 27  ARG A C   1 
ATOM   168 O O   . ARG A 1 27 ? 4.33564   9.29073   2.93550   1.000 16.12562  ? 27  ARG A O   1 
ATOM   169 C CB  . ARG A 1 27 ? 2.94693   10.84679  0.31253   1.000 16.26248  ? 27  ARG A CB  1 
ATOM   170 C CG  . ARG A 1 27 ? 3.20313   11.99225  1.28666   1.000 18.58381  ? 27  ARG A CG  1 
ATOM   171 C CD  . ARG A 1 27 ? 2.07238   13.01728  1.24403   1.000 20.34454  ? 27  ARG A CD  1 
ATOM   172 N NE  . ARG A 1 27 ? 0.80261   12.43136  1.66093   1.000 21.56574  ? 27  ARG A NE  1 
ATOM   173 C CZ  . ARG A 1 27 ? 0.48036   12.15580  2.91851   1.000 22.79747  ? 27  ARG A CZ  1 
ATOM   174 N NH1 . ARG A 1 27 ? 1.29189   12.45098  3.92160   1.000 23.76864  ? 27  ARG A NH1 1 
ATOM   175 N NH2 . ARG A 1 27 ? -0.67796  11.55219  3.17540   1.000 22.72904  ? 27  ARG A NH2 1 
ATOM   176 N N   . TYR A 1 28 ? 2.30019   8.55947   2.32862   1.000 13.57268  ? 28  TYR A N   1 
ATOM   177 C CA  . TYR A 1 28 ? 1.99914   8.13485   3.68812   1.000 13.17263  ? 28  TYR A CA  1 
ATOM   178 C C   . TYR A 1 28 ? 2.98731   7.07220   4.16138   1.000 13.00419  ? 28  TYR A C   1 
ATOM   179 O O   . TYR A 1 28 ? 3.56648   7.17524   5.25441   1.000 14.12275  ? 28  TYR A O   1 
ATOM   180 C CB  . TYR A 1 28 ? 0.55199   7.63696   3.80104   1.000 13.68322  ? 28  TYR A CB  1 
ATOM   181 C CG  . TYR A 1 28 ? 0.29062   7.11111   5.19303   1.000 14.54911  ? 28  TYR A CG  1 
ATOM   182 C CD1 . TYR A 1 28 ? 0.05843   7.98589   6.25201   1.000 16.92571  ? 28  TYR A CD1 1 
ATOM   183 C CD2 . TYR A 1 28 ? 0.35624   5.74394   5.47056   1.000 14.68334  ? 28  TYR A CD2 1 
ATOM   184 C CE1 . TYR A 1 28 ? -0.13459  7.51305   7.53717   1.000 18.45748  ? 28  TYR A CE1 1 
ATOM   185 C CE2 . TYR A 1 28 ? 0.16808   5.25789   6.75704   1.000 16.33091  ? 28  TYR A CE2 1 
ATOM   186 C CZ  . TYR A 1 28 ? -0.07902  6.14932   7.78614   1.000 17.81529  ? 28  TYR A CZ  1 
ATOM   187 O OH  . TYR A 1 28 ? -0.26607  5.70244   9.07653   1.000 20.19716  ? 28  TYR A OH  1 
ATOM   188 N N   . PHE A 1 29 ? 3.19235   6.03342   3.35301   1.000 12.26463  ? 29  PHE A N   1 
ATOM   189 C CA  . PHE A 1 29 ? 3.98464   4.91393   3.83871   1.000 12.54624  ? 29  PHE A CA  1 
ATOM   190 C C   . PHE A 1 29 ? 5.47849   5.18454   3.83365   1.000 12.91207  ? 29  PHE A C   1 
ATOM   191 O O   . PHE A 1 29 ? 6.22038   4.45659   4.50173   1.000 12.88839  ? 29  PHE A O   1 
ATOM   192 C CB  . PHE A 1 29 ? 3.60292   3.61007   3.11795   1.000 12.69626  ? 29  PHE A CB  1 
ATOM   193 C CG  . PHE A 1 29 ? 2.34019   3.01287   3.64396   1.000 12.29095  ? 29  PHE A CG  1 
ATOM   194 C CD1 . PHE A 1 29 ? 2.33096   2.40155   4.88893   1.000 13.98062  ? 29  PHE A CD1 1 
ATOM   195 C CD2 . PHE A 1 29 ? 1.13536   3.12870   2.94345   1.000 12.18567  ? 29  PHE A CD2 1 
ATOM   196 C CE1 . PHE A 1 29 ? 1.16903   1.89376   5.41306   1.000 14.54911  ? 29  PHE A CE1 1 
ATOM   197 C CE2 . PHE A 1 29 ? -0.03065  2.60825   3.46798   1.000 12.63309  ? 29  PHE A CE2 1 
ATOM   198 C CZ  . PHE A 1 29 ? -0.01812  1.99831   4.70552   1.000 13.67269  ? 29  PHE A CZ  1 
ATOM   199 N N   . CYS A 1 30 ? 5.93055   6.24212   3.16409   1.000 13.46214  ? 30  CYS A N   1 
ATOM   200 C CA  . CYS A 1 30 ? 7.34893   6.57067   3.20830   1.000 14.63597  ? 30  CYS A CA  1 
ATOM   201 C C   . CYS A 1 30 ? 7.82572   6.94361   4.60059   1.000 14.86757  ? 30  CYS A C   1 
ATOM   202 O O   . CYS A 1 30 ? 9.03887   6.97812   4.83272   1.000 15.63872  ? 30  CYS A O   1 
ATOM   203 C CB  . CYS A 1 30 ? 7.65499   7.74976   2.29906   1.000 18.18639  ? 30  CYS A CB  1 
ATOM   204 S SG  . CYS A 1 30 ? 7.88074   7.30400   0.63348   1.000 20.28927  ? 30  CYS A SG  1 
ATOM   205 N N   . ARG A 1 31 ? 6.91517   7.23624   5.53177   1.000 15.38869  ? 31  ARG A N   1 
ATOM   206 C CA  . ARG A 1 31 ? 7.38380   7.47738   6.88985   1.000 17.18101  ? 31  ARG A CA  1 
ATOM   207 C C   . ARG A 1 31 ? 8.01128   6.23046   7.49781   1.000 16.32038  ? 31  ARG A C   1 
ATOM   208 O O   . ARG A 1 31 ? 8.71598   6.32763   8.50745   1.000 18.41800  ? 31  ARG A O   1 
ATOM   209 C CB  . ARG A 1 31 ? 6.25997   8.00572   7.77787   1.000 21.44731  ? 31  ARG A CB  1 
ATOM   210 C CG  . ARG A 1 31 ? 5.25611   6.96088   8.22401   1.000 25.43989  ? 31  ARG A CG  1 
ATOM   211 C CD  . ARG A 1 31 ? 4.38688   7.48460   9.36252   1.000 30.61683  ? 31  ARG A CD  1 
ATOM   212 N NE  . ARG A 1 31 ? 3.62705   8.66539   8.97433   1.000 34.20410  ? 31  ARG A NE  1 
ATOM   213 C CZ  . ARG A 1 31 ? 2.85099   9.35823   9.79615   1.000 36.59913  ? 31  ARG A CZ  1 
ATOM   214 N NH1 . ARG A 1 31 ? 2.72890   9.03079   11.07324  1.000 37.06760  ? 31  ARG A NH1 1 
ATOM   215 N NH2 . ARG A 1 31 ? 2.17705   10.40366  9.32569   1.000 37.14130  ? 31  ARG A NH2 1 
ATOM   216 N N   . PHE A 1 32 ? 7.76473   5.06696   6.91700   1.000 13.82008  ? 32  PHE A N   1 
ATOM   217 C CA  . PHE A 1 32 ? 8.31816   3.82614   7.42416   1.000 14.25434  ? 32  PHE A CA  1 
ATOM   218 C C   . PHE A 1 32 ? 9.48600   3.30871   6.60265   1.000 13.96483  ? 32  PHE A C   1 
ATOM   219 O O   . PHE A 1 32 ? 10.01457  2.24532   6.92798   1.000 15.61240  ? 32  PHE A O   1 
ATOM   220 C CB  . PHE A 1 32 ? 7.22368   2.76491   7.50327   1.000 15.07023  ? 32  PHE A CB  1 
ATOM   221 C CG  . PHE A 1 32 ? 6.08119   3.16708   8.38568   1.000 14.94653  ? 32  PHE A CG  1 
ATOM   222 C CD1 . PHE A 1 32 ? 6.20052   3.11367   9.76317   1.000 15.19919  ? 32  PHE A CD1 1 
ATOM   223 C CD2 . PHE A 1 32 ? 4.89391   3.62778   7.84011   1.000 16.87308  ? 32  PHE A CD2 1 
ATOM   224 C CE1 . PHE A 1 32 ? 5.15449   3.50508   10.57414  1.000 16.40986  ? 32  PHE A CE1 1 
ATOM   225 C CE2 . PHE A 1 32 ? 3.84174   4.00845   8.65567   1.000 18.33378  ? 32  PHE A CE2 1 
ATOM   226 C CZ  . PHE A 1 32 ? 3.98008   3.95347   10.01874  1.000 17.58369  ? 32  PHE A CZ  1 
ATOM   227 N N   . GLY A 1 33 ? 9.90232   4.01533   5.56015   1.000 12.72521  ? 33  GLY A N   1 
ATOM   228 C CA  . GLY A 1 33 ? 11.04746  3.58255   4.77689   1.000 13.53583  ? 33  GLY A CA  1 
ATOM   229 C C   . GLY A 1 33 ? 10.92749  3.94437   3.30833   1.000 12.90944  ? 33  GLY A C   1 
ATOM   230 O O   . GLY A 1 33 ? 9.87051   4.31618   2.80332   1.000 13.62532  ? 33  GLY A O   1 
ATOM   231 N N   . ASP A 1 34 ? 12.05486  3.79764   2.60898   1.000 12.28832  ? 34  ASP A N   1 
ATOM   232 C CA  . ASP A 1 34 ? 12.11966  4.08296   1.17737   1.000 12.37254  ? 34  ASP A CA  1 
ATOM   233 C C   . ASP A 1 34 ? 11.26612  3.08604   0.40115   1.000 11.64877  ? 34  ASP A C   1 
ATOM   234 O O   . ASP A 1 34 ? 11.28573  1.88389   0.68511   1.000 12.04355  ? 34  ASP A O   1 
ATOM   235 C CB  . ASP A 1 34 ? 13.56308  3.96170   0.70994   1.000 13.16210  ? 34  ASP A CB  1 
ATOM   236 C CG  . ASP A 1 34 ? 14.49234  4.80829   1.53226   1.000 13.68322  ? 34  ASP A CG  1 
ATOM   237 O OD1 . ASP A 1 34 ? 14.66168  6.00018   1.20962   1.000 14.19644  ? 34  ASP A OD1 1 
ATOM   238 O OD2 . ASP A 1 34 ? 15.03585  4.29599   2.53473   1.000 15.26499  ? 34  ASP A OD2 1 
ATOM   239 N N   . ILE A 1 35 ? 10.53839  3.57950   -0.60100  1.000 11.26714  ? 35  ILE A N   1 
ATOM   240 C CA  . ILE A 1 35 ? 9.56840   2.78281   -1.34638  1.000 11.30136  ? 35  ILE A CA  1 
ATOM   241 C C   . ILE A 1 35 ? 10.00299  2.66596   -2.80691  1.000 11.51717  ? 35  ILE A C   1 
ATOM   242 O O   . ILE A 1 35 ? 10.28268  3.67490   -3.46594  1.000 12.60414  ? 35  ILE A O   1 
ATOM   243 C CB  . ILE A 1 35 ? 8.15953   3.38651   -1.20446  1.000 12.18830  ? 35  ILE A CB  1 
ATOM   244 C CG1 . ILE A 1 35 ? 7.64502   3.13653   0.21819   1.000 13.84377  ? 35  ILE A CG1 1 
ATOM   245 C CG2 . ILE A 1 35 ? 7.19666   2.81049   -2.23355  1.000 12.89891  ? 35  ILE A CG2 1 
ATOM   246 C CD1 . ILE A 1 35 ? 6.37784   3.85467   0.55873   1.000 14.89389  ? 35  ILE A CD1 1 
ATOM   247 N N   . ILE A 1 36 ? 10.02769  1.43294   -3.32144  1.000 11.49348  ? 36  ILE A N   1 
ATOM   248 C CA  . ILE A 1 36 ? 10.41891  1.17424   -4.70592  1.000 11.91195  ? 36  ILE A CA  1 
ATOM   249 C C   . ILE A 1 36 ? 9.24903   0.83494   -5.61852  1.000 12.30411  ? 36  ILE A C   1 
ATOM   250 O O   . ILE A 1 36 ? 9.43978   0.76079   -6.84211  1.000 13.82534  ? 36  ILE A O   1 
ATOM   251 C CB  . ILE A 1 36 ? 11.54181  0.11813   -4.82014  1.000 13.20685  ? 36  ILE A CB  1 
ATOM   252 C CG1 . ILE A 1 36 ? 11.18042  -1.17202  -4.06842  1.000 14.74387  ? 36  ILE A CG1 1 
ATOM   253 C CG2 . ILE A 1 36 ? 12.87960  0.71126   -4.35732  1.000 14.69387  ? 36  ILE A CG2 1 
ATOM   254 C CD1 . ILE A 1 36 ? 12.11800  -2.33182  -4.34602  1.000 16.61778  ? 36  ILE A CD1 1 
ATOM   255 N N   . ASP A 1 37 ? 8.05472   0.62673   -5.08253  1.000 11.79615  ? 37  ASP A N   1 
ATOM   256 C CA  . ASP A 1 37 ? 6.88086   0.43997   -5.92189  1.000 12.55414  ? 37  ASP A CA  1 
ATOM   257 C C   . ASP A 1 37 ? 5.65590   0.77636   -5.09366  1.000 12.19620  ? 37  ASP A C   1 
ATOM   258 O O   . ASP A 1 37 ? 5.58467   0.42535   -3.91837  1.000 12.51992  ? 37  ASP A O   1 
ATOM   259 C CB  . ASP A 1 37 ? 6.75791   -1.00576  -6.42823  1.000 14.34383  ? 37  ASP A CB  1 
ATOM   260 C CG  . ASP A 1 37 ? 5.68113   -1.16370  -7.48785  1.000 18.07059  ? 37  ASP A CG  1 
ATOM   261 O OD1 . ASP A 1 37 ? 5.85576   -0.61611  -8.58772  1.000 20.71038  ? 37  ASP A OD1 1 
ATOM   262 O OD2 . ASP A 1 37 ? 4.65912   -1.82726  -7.22120  1.000 19.60761  ? 37  ASP A OD2 1 
ATOM   263 N N   . CYS A 1 38 ? 4.69185   1.44050   -5.71001  1.000 12.63046  ? 38  CYS A N   1 
ATOM   264 C CA  . CYS A 1 38 ? 3.43888   1.71895   -5.02022  1.000 12.66731  ? 38  CYS A CA  1 
ATOM   265 C C   . CYS A 1 38 ? 2.35005   1.88141   -6.05995  1.000 14.34909  ? 38  CYS A C   1 
ATOM   266 O O   . CYS A 1 38 ? 2.41453   2.79749   -6.88403  1.000 16.89939  ? 38  CYS A O   1 
ATOM   267 C CB  . CYS A 1 38 ? 3.55067   2.96891   -4.14831  1.000 15.25972  ? 38  CYS A CB  1 
ATOM   268 S SG  . CYS A 1 38 ? 2.04458   3.30276   -3.20944  1.000 17.19153  ? 38  CYS A SG  1 
ATOM   269 N N   . VAL A 1 39 ? 1.36024   0.99807   -6.02735  1.000 13.22527  ? 39  VAL A N   1 
ATOM   270 C CA  . VAL A 1 39 ? 0.27246   1.03998   -6.99032  1.000 13.86219  ? 39  VAL A CA  1 
ATOM   271 C C   . VAL A 1 39 ? -1.05779  0.95468   -6.26906  1.000 13.17263  ? 39  VAL A C   1 
ATOM   272 O O   . VAL A 1 39 ? -1.18973  0.29539   -5.23195  1.000 14.35698  ? 39  VAL A O   1 
ATOM   273 C CB  . VAL A 1 39 ? 0.37617   -0.08388  -8.03742  1.000 16.26774  ? 39  VAL A CB  1 
ATOM   274 C CG1 . VAL A 1 39 ? 1.61962   0.10133   -8.87478  1.000 19.76816  ? 39  VAL A CG1 1 
ATOM   275 C CG2 . VAL A 1 39 ? 0.36536   -1.45091  -7.36046  1.000 17.14153  ? 39  VAL A CG2 1 
ATOM   276 N N   . VAL A 1 40 ? -2.04829  1.63779   -6.83474  1.000 12.69100  ? 40  VAL A N   1 
ATOM   277 C CA  . VAL A 1 40 ? -3.44890  1.47924   -6.47163  1.000 12.93839  ? 40  VAL A CA  1 
ATOM   278 C C   . VAL A 1 40 ? -4.11827  0.75714   -7.62973  1.000 13.29633  ? 40  VAL A C   1 
ATOM   279 O O   . VAL A 1 40 ? -4.00410  1.18974   -8.78228  1.000 14.35962  ? 40  VAL A O   1 
ATOM   280 C CB  . VAL A 1 40 ? -4.11722  2.83387   -6.17583  1.000 14.12538  ? 40  VAL A CB  1 
ATOM   281 C CG1 . VAL A 1 40 ? -5.62834  2.69044   -6.12534  1.000 14.47805  ? 40  VAL A CG1 1 
ATOM   282 C CG2 . VAL A 1 40 ? -3.60773  3.39896   -4.85849  1.000 16.08088  ? 40  VAL A CG2 1 
ATOM   283 N N   . MET A 1 41 ? -4.77234  -0.36602  -7.33474  1.000 13.14894  ? 41  MET A N   1 
ATOM   284 C CA  . MET A 1 41 ? -5.36489  -1.16430  -8.39817  1.000 13.87008  ? 41  MET A CA  1 
ATOM   285 C C   . MET A 1 41 ? -6.59012  -0.45459  -8.95508  1.000 15.38606  ? 41  MET A C   1 
ATOM   286 O O   . MET A 1 41 ? -7.41557  0.07316   -8.20616  1.000 15.52555  ? 41  MET A O   1 
ATOM   287 C CB  . MET A 1 41 ? -5.74808  -2.54425  -7.87028  1.000 15.09128  ? 41  MET A CB  1 
ATOM   288 C CG  . MET A 1 41 ? -4.56847  -3.33260  -7.28857  1.000 17.22575  ? 41  MET A CG  1 
ATOM   289 S SD  . MET A 1 41 ? -3.15695  -3.50260  -8.40130  1.000 21.43415  ? 41  MET A SD  1 
ATOM   290 C CE  . MET A 1 41 ? -3.90674  -4.42945  -9.73709  1.000 24.66612  ? 41  MET A CE  1 
ATOM   291 N N   . LYS A 1 42 ? -6.70517  -0.44314  -10.28061 1.000 16.32564  ? 42  LYS A N   1 
ATOM   292 C CA  . LYS A 1 42 ? -7.73495  0.31285   -10.98121 1.000 17.84951  ? 42  LYS A CA  1 
ATOM   293 C C   . LYS A 1 42 ? -8.65492  -0.62180  -11.76214 1.000 19.01281  ? 42  LYS A C   1 
ATOM   294 O O   . LYS A 1 42 ? -8.23398  -1.67265  -12.26346 1.000 18.99701  ? 42  LYS A O   1 
ATOM   295 C CB  . LYS A 1 42 ? -7.11580  1.28954   -11.99779 1.000 20.10504  ? 42  LYS A CB  1 
ATOM   296 C CG  . LYS A 1 42 ? -6.00918  2.18801   -11.47987 1.000 21.77630  ? 42  LYS A CG  1 
ATOM   297 C CD  . LYS A 1 42 ? -6.50967  3.08789   -10.38169 1.000 21.47626  ? 42  LYS A CD  1 
ATOM   298 C CE  . LYS A 1 42 ? -5.54661  4.26511   -10.12822 1.000 20.07346  ? 42  LYS A CE  1 
ATOM   299 N NZ  . LYS A 1 42 ? -4.12731  3.85839   -9.92272  1.000 19.83659  ? 42  LYS A NZ  1 
ATOM   300 N N   . ASN A 1 43 ? -9.91395  -0.20802  -11.89668 1.000 21.21307  ? 43  ASN A N   1 
ATOM   301 C CA  . ASN A 1 43 ? -10.85262 -0.92939  -12.74292 1.000 26.86112  ? 43  ASN A CA  1 
ATOM   302 C C   . ASN A 1 43 ? -10.42681 -0.79328  -14.19680 1.000 31.60116  ? 43  ASN A C   1 
ATOM   303 O O   . ASN A 1 43 ? -10.12741 0.30854   -14.66520 1.000 30.85633  ? 43  ASN A O   1 
ATOM   304 C CB  . ASN A 1 43 ? -12.25659 -0.36069  -12.56089 1.000 28.80082  ? 43  ASN A CB  1 
ATOM   305 C CG  . ASN A 1 43 ? -13.28371 -1.07219  -13.41202 1.000 31.76170  ? 43  ASN A CG  1 
ATOM   306 O OD1 . ASN A 1 43 ? -13.40986 -0.79925  -14.60409 1.000 34.39623  ? 43  ASN A OD1 1 
ATOM   307 N ND2 . ASN A 1 43 ? -14.01989 -1.99489  -12.80558 1.000 31.87224  ? 43  ASN A ND2 1 
ATOM   308 N N   . ASN A 1 44 ? -10.40341 -1.91960  -14.91185 1.000 37.05181  ? 44  ASN A N   1 
ATOM   309 C CA  . ASN A 1 44 ? -9.88790  -1.91845  -16.27713 1.000 43.12359  ? 44  ASN A CA  1 
ATOM   310 C C   . ASN A 1 44 ? -10.71414 -1.01892  -17.19005 1.000 45.02382  ? 44  ASN A C   1 
ATOM   311 O O   . ASN A 1 44 ? -10.16120 -0.30621  -18.03613 1.000 45.60547  ? 44  ASN A O   1 
ATOM   312 C CB  . ASN A 1 44 ? -9.84537  -3.34790  -16.81458 1.000 46.82930  ? 44  ASN A CB  1 
ATOM   313 C CG  . ASN A 1 44 ? -8.54457  -3.66420  -17.51607 1.000 49.98757  ? 44  ASN A CG  1 
ATOM   314 O OD1 . ASN A 1 44 ? -7.99996  -2.83300  -18.24312 1.000 51.37984  ? 44  ASN A OD1 1 
ATOM   315 N ND2 . ASN A 1 44 ? -8.03090  -4.86895  -17.29389 1.000 51.01401  ? 44  ASN A ND2 1 
ATOM   316 N N   . GLU A 1 45 ? -12.03839 -1.03179  -17.03334 1.000 46.20554  ? 45  GLU A N   1 
ATOM   317 C CA  . GLU A 1 45 ? -12.89378 -0.26643  -17.93525 1.000 47.56623  ? 45  GLU A CA  1 
ATOM   318 C C   . GLU A 1 45 ? -12.93882 1.20889   -17.55373 1.000 45.79496  ? 45  GLU A C   1 
ATOM   319 O O   . GLU A 1 45 ? -12.77991 2.08479   -18.41158 1.000 46.76350  ? 45  GLU A O   1 
ATOM   320 C CB  . GLU A 1 45 ? -14.30662 -0.85527  -17.95800 1.000 50.49816  ? 45  GLU A CB  1 
ATOM   321 C CG  . GLU A 1 45 ? -14.36075 -2.34289  -18.25416 1.000 53.14058  ? 45  GLU A CG  1 
ATOM   322 C CD  . GLU A 1 45 ? -14.24691 -3.18632  -17.00083 1.000 55.52771  ? 45  GLU A CD  1 
ATOM   323 O OE1 . GLU A 1 45 ? -15.17393 -3.13688  -16.16386 1.000 56.48309  ? 45  GLU A OE1 1 
ATOM   324 O OE2 . GLU A 1 45 ? -13.22757 -3.89086  -16.84712 1.000 56.25148  ? 45  GLU A OE2 1 
ATOM   325 N N   . SER A 1 46 ? -13.15089 1.50241   -16.27062 1.000 42.35245  ? 46  SER A N   1 
ATOM   326 C CA  . SER A 1 46 ? -13.38412 2.87129   -15.83009 1.000 38.95730  ? 46  SER A CA  1 
ATOM   327 C C   . SER A 1 46 ? -12.11511 3.60392   -15.42348 1.000 37.02812  ? 46  SER A C   1 
ATOM   328 O O   . SER A 1 46 ? -12.10745 4.84142   -15.42097 1.000 37.01760  ? 46  SER A O   1 
ATOM   329 C CB  . SER A 1 46 ? -14.35516 2.88686   -14.64680 1.000 38.38092  ? 46  SER A CB  1 
ATOM   330 O OG  . SER A 1 46 ? -13.73422 2.37178   -13.48091 1.000 37.70978  ? 46  SER A OG  1 
ATOM   331 N N   . GLY A 1 47 ? -11.05129 2.88040   -15.08252 1.000 34.00408  ? 47  GLY A N   1 
ATOM   332 C CA  . GLY A 1 47 ? -9.85220  3.49610   -14.56241 1.000 31.83803  ? 47  GLY A CA  1 
ATOM   333 C C   . GLY A 1 47 ? -9.94063  3.94024   -13.12064 1.000 29.04822  ? 47  GLY A C   1 
ATOM   334 O O   . GLY A 1 47 ? -8.95314  4.46609   -12.59082 1.000 29.41932  ? 47  GLY A O   1 
ATOM   335 N N   . ARG A 1 48 ? -11.08041 3.73898   -12.46446 1.000 27.65332  ? 48  ARG A N   1 
ATOM   336 C CA  . ARG A 1 48 ? -11.24485 4.16534   -11.08464 1.000 27.10062  ? 48  ARG A CA  1 
ATOM   337 C C   . ARG A 1 48 ? -10.58241 3.18605   -10.12371 1.000 22.20529  ? 48  ARG A C   1 
ATOM   338 O O   . ARG A 1 48 ? -10.50941 1.98048   -10.37424 1.000 21.47626  ? 48  ARG A O   1 
ATOM   339 C CB  . ARG A 1 48 ? -12.72783 4.29225   -10.73552 1.000 32.09859  ? 48  ARG A CB  1 
ATOM   340 C CG  . ARG A 1 48 ? -13.46176 5.34461   -11.56118 1.000 38.09404  ? 48  ARG A CG  1 
ATOM   341 C CD  . ARG A 1 48 ? -14.72385 5.84155   -10.86420 1.000 43.55522  ? 48  ARG A CD  1 
ATOM   342 N NE  . ARG A 1 48 ? -15.87322 4.96922   -11.07943 1.000 48.21104  ? 48  ARG A NE  1 
ATOM   343 C CZ  . ARG A 1 48 ? -16.68740 5.04786   -12.12377 1.000 51.64303  ? 48  ARG A CZ  1 
ATOM   344 N NH1 . ARG A 1 48 ? -16.48462 5.92439   -13.09440 1.000 52.83265  ? 48  ARG A NH1 1 
ATOM   345 N NH2 . ARG A 1 48 ? -17.73041 4.22536   -12.19764 1.000 52.73527  ? 48  ARG A NH2 1 
ATOM   346 N N   . SER A 1 49 ? -10.09960 3.72603   -9.01022  1.000 18.77594  ? 49  SER A N   1 
ATOM   347 C CA  . SER A 1 49 ? -9.52298  2.90816   -7.95728  1.000 17.16258  ? 49  SER A CA  1 
ATOM   348 C C   . SER A 1 49 ? -10.50034 1.83559   -7.49582  1.000 16.38618  ? 49  SER A C   1 
ATOM   349 O O   . SER A 1 49 ? -11.69725 2.08609   -7.33944  1.000 18.28903  ? 49  SER A O   1 
ATOM   350 C CB  . SER A 1 49 ? -9.16951  3.79050   -6.76136  1.000 16.55725  ? 49  SER A CB  1 
ATOM   351 O OG  . SER A 1 49 ? -8.85119  2.96855   -5.65325  1.000 15.03075  ? 49  SER A OG  1 
ATOM   352 N N   . ARG A 1 50 ? -9.96592  0.64355   -7.24266  1.000 15.11234  ? 50  ARG A N   1 
ATOM   353 C CA  . ARG A 1 50 ? -10.69890 -0.45574  -6.63739  1.000 15.94665  ? 50  ARG A CA  1 
ATOM   354 C C   . ARG A 1 50 ? -10.59924 -0.45277  -5.11417  1.000 15.50975  ? 50  ARG A C   1 
ATOM   355 O O   . ARG A 1 50 ? -11.10041 -1.38402  -4.47685  1.000 16.85202  ? 50  ARG A O   1 
ATOM   356 C CB  . ARG A 1 50 ? -10.20578 -1.79337  -7.21221  1.000 15.97034  ? 50  ARG A CB  1 
ATOM   357 C CG  . ARG A 1 50 ? -10.41076 -1.89760  -8.71010  1.000 16.50987  ? 50  ARG A CG  1 
ATOM   358 C CD  . ARG A 1 50 ? -9.76414  -3.12725  -9.32117  1.000 16.54146  ? 50  ARG A CD  1 
ATOM   359 N NE  . ARG A 1 50 ? -10.24002 -4.35702  -8.69926  1.000 15.77294  ? 50  ARG A NE  1 
ATOM   360 C CZ  . ARG A 1 50 ? -9.55506  -5.49425  -8.65537  1.000 15.25972  ? 50  ARG A CZ  1 
ATOM   361 N NH1 . ARG A 1 50 ? -8.36325  -5.61125  -9.22453  1.000 16.13088  ? 50  ARG A NH1 1 
ATOM   362 N NH2 . ARG A 1 50 ? -10.05988 -6.52810  -7.99185  1.000 16.10193  ? 50  ARG A NH2 1 
ATOM   363 N N   . GLY A 1 51 ? -9.95574  0.55434   -4.51878  1.000 14.75177  ? 51  GLY A N   1 
ATOM   364 C CA  . GLY A 1 51 ? -9.92043  0.68379   -3.07233  1.000 15.14392  ? 51  GLY A CA  1 
ATOM   365 C C   . GLY A 1 51 ? -8.84530  -0.11603  -2.36942  1.000 13.93588  ? 51  GLY A C   1 
ATOM   366 O O   . GLY A 1 51 ? -8.93098  -0.29165  -1.14843  1.000 14.21223  ? 51  GLY A O   1 
ATOM   367 N N   . PHE A 1 52 ? -7.84794  -0.62411  -3.09457  1.000 13.33844  ? 52  PHE A N   1 
ATOM   368 C CA  . PHE A 1 52 ? -6.72270  -1.30837  -2.47533  1.000 13.17000  ? 52  PHE A CA  1 
ATOM   369 C C   . PHE A 1 52 ? -5.49943  -1.12627  -3.35440  1.000 12.58572  ? 52  PHE A C   1 
ATOM   370 O O   . PHE A 1 52 ? -5.61108  -0.78420  -4.53507  1.000 12.78311  ? 52  PHE A O   1 
ATOM   371 C CB  . PHE A 1 52 ? -7.01568  -2.78776  -2.17762  1.000 13.61479  ? 52  PHE A CB  1 
ATOM   372 C CG  . PHE A 1 52 ? -7.11993  -3.67068  -3.39805  1.000 13.28580  ? 52  PHE A CG  1 
ATOM   373 C CD1 . PHE A 1 52 ? -8.29983  -3.75197  -4.11703  1.000 14.40436  ? 52  PHE A CD1 1 
ATOM   374 C CD2 . PHE A 1 52 ? -6.04313  -4.45018  -3.80264  1.000 14.18328  ? 52  PHE A CD2 1 
ATOM   375 C CE1 . PHE A 1 52 ? -8.40437  -4.58774  -5.22801  1.000 16.30985  ? 52  PHE A CE1 1 
ATOM   376 C CE2 . PHE A 1 52 ? -6.14572  -5.29774  -4.90205  1.000 15.20445  ? 52  PHE A CE2 1 
ATOM   377 C CZ  . PHE A 1 52 ? -7.32948  -5.35772  -5.62169  1.000 15.55976  ? 52  PHE A CZ  1 
ATOM   378 N N   . GLY A 1 53 ? -4.33523  -1.33991  -2.75734  1.000 12.11724  ? 53  GLY A N   1 
ATOM   379 C CA  . GLY A 1 53 ? -3.08243  -1.17512  -3.45507  1.000 12.44623  ? 53  GLY A CA  1 
ATOM   380 C C   . GLY A 1 53 ? -1.99268  -1.99177  -2.80747  1.000 11.47506  ? 53  GLY A C   1 
ATOM   381 O O   . GLY A 1 53 ? -2.24235  -2.78525  -1.89541  1.000 11.45927  ? 53  GLY A O   1 
ATOM   382 N N   . PHE A 1 54 ? -0.76979  -1.75120  -3.27748  1.000 10.94868  ? 54  PHE A N   1 
ATOM   383 C CA  . PHE A 1 54 ? 0.40341   -2.46361  -2.79589  1.000 11.24609  ? 54  PHE A CA  1 
ATOM   384 C C   . PHE A 1 54 ? 1.56718   -1.49725  -2.69260  1.000 11.24872  ? 54  PHE A C   1 
ATOM   385 O O   . PHE A 1 54 ? 1.78431   -0.68562  -3.59652  1.000 12.71995  ? 54  PHE A O   1 
ATOM   386 C CB  . PHE A 1 54 ? 0.80430   -3.59715  -3.74950  1.000 11.89880  ? 54  PHE A CB  1 
ATOM   387 C CG  . PHE A 1 54 ? -0.26380  -4.64362  -3.92373  1.000 11.72772  ? 54  PHE A CG  1 
ATOM   388 C CD1 . PHE A 1 54 ? -0.33722  -5.74634  -3.07093  1.000 11.76720  ? 54  PHE A CD1 1 
ATOM   389 C CD2 . PHE A 1 54 ? -1.19038  -4.53788  -4.94649  1.000 13.09368  ? 54  PHE A CD2 1 
ATOM   390 C CE1 . PHE A 1 54 ? -1.32628  -6.70523  -3.22838  1.000 12.57782  ? 54  PHE A CE1 1 
ATOM   391 C CE2 . PHE A 1 54 ? -2.17574  -5.49558  -5.08846  1.000 13.91483  ? 54  PHE A CE2 1 
ATOM   392 C CZ  . PHE A 1 54 ? -2.23236  -6.57859  -4.23684  1.000 13.34897  ? 54  PHE A CZ  1 
ATOM   393 N N   . VAL A 1 55 ? 2.32096   -1.61894  -1.60249  1.000 11.05659  ? 55  VAL A N   1 
ATOM   394 C CA  . VAL A 1 55 ? 3.52133   -0.83349  -1.35051  1.000 11.76457  ? 55  VAL A CA  1 
ATOM   395 C C   . VAL A 1 55 ? 4.67845   -1.81334  -1.21784  1.000 11.43558  ? 55  VAL A C   1 
ATOM   396 O O   . VAL A 1 55 ? 4.58251   -2.77666  -0.45228  1.000 12.78838  ? 55  VAL A O   1 
ATOM   397 C CB  . VAL A 1 55 ? 3.36488   -0.02872  -0.04578  1.000 13.71480  ? 55  VAL A CB  1 
ATOM   398 C CG1 . VAL A 1 55 ? 4.67079   0.64975   0.31824   1.000 15.25709  ? 55  VAL A CG1 1 
ATOM   399 C CG2 . VAL A 1 55 ? 2.22881   0.97555   -0.16605  1.000 16.64673  ? 55  VAL A CG2 1 
ATOM   400 N N   . THR A 1 56 ? 5.77614   -1.56319  -1.93161  1.000 11.36978  ? 56  THR A N   1 
ATOM   401 C CA  . THR A 1 56 ? 6.98182   -2.37532  -1.79654  1.000 11.92511  ? 56  THR A CA  1 
ATOM   402 C C   . THR A 1 56 ? 8.09934   -1.52194  -1.22608  1.000 11.08817  ? 56  THR A C   1 
ATOM   403 O O   . THR A 1 56 ? 8.50966   -0.53562  -1.84707  1.000 11.59613  ? 56  THR A O   1 
ATOM   404 C CB  . THR A 1 56 ? 7.40686   -2.97725  -3.13098  1.000 13.72270  ? 56  THR A CB  1 
ATOM   405 O OG1 . THR A 1 56 ? 6.31698   -3.73021  -3.66371  1.000 14.84652  ? 56  THR A OG1 1 
ATOM   406 C CG2 . THR A 1 56 ? 8.60941   -3.89161  -2.93891  1.000 14.97811  ? 56  THR A CG2 1 
ATOM   407 N N   . PHE A 1 57 ? 8.59206   -1.91673  -0.05425  1.000 11.12502  ? 57  PHE A N   1 
ATOM   408 C CA  . PHE A 1 57 ? 9.72551   -1.25001  0.55902   1.000 11.53559  ? 57  PHE A CA  1 
ATOM   409 C C   . PHE A 1 57 ? 11.03183  -1.77979  -0.00630  1.000 11.40926  ? 57  PHE A C   1 
ATOM   410 O O   . PHE A 1 57 ? 11.17164  -2.97197  -0.27802  1.000 13.43845  ? 57  PHE A O   1 
ATOM   411 C CB  . PHE A 1 57 ? 9.69412   -1.46295  2.07080   1.000 12.04355  ? 57  PHE A CB  1 
ATOM   412 C CG  . PHE A 1 57 ? 8.60798   -0.68622  2.75458   1.000 11.80668  ? 57  PHE A CG  1 
ATOM   413 C CD1 . PHE A 1 57 ? 8.76589   0.67034   2.99848   1.000 12.50413  ? 57  PHE A CD1 1 
ATOM   414 C CD2 . PHE A 1 57 ? 7.42477   -1.28958  3.12527   1.000 13.44898  ? 57  PHE A CD2 1 
ATOM   415 C CE1 . PHE A 1 57 ? 7.76851   1.41688   3.61650   1.000 12.90155  ? 57  PHE A CE1 1 
ATOM   416 C CE2 . PHE A 1 57 ? 6.42885   -0.55506  3.75229   1.000 14.48595  ? 57  PHE A CE2 1 
ATOM   417 C CZ  . PHE A 1 57 ? 6.60096   0.79442   3.99452   1.000 14.37804  ? 57  PHE A CZ  1 
ATOM   418 N N   . ALA A 1 58 ? 11.99279  -0.87476  -0.17310  1.000 12.06724  ? 58  ALA A N   1 
ATOM   419 C CA  . ALA A 1 58 ? 13.33624  -1.28223  -0.56305  1.000 13.35423  ? 58  ALA A CA  1 
ATOM   420 C C   . ALA A 1 58 ? 13.94382  -2.22537  0.46749   1.000 13.56478  ? 58  ALA A C   1 
ATOM   421 O O   . ALA A 1 58 ? 14.64735  -3.18018  0.11078   1.000 15.72557  ? 58  ALA A O   1 
ATOM   422 C CB  . ALA A 1 58 ? 14.20673  -0.03936  -0.72195  1.000 14.80177  ? 58  ALA A CB  1 
ATOM   423 N N   . ASP A 1 59 ? 13.70461  -1.95597  1.75069   1.000 13.53057  ? 59  ASP A N   1 
ATOM   424 C CA  . ASP A 1 59 ? 14.24858  -2.74354  2.85002   1.000 13.58321  ? 59  ASP A CA  1 
ATOM   425 C C   . ASP A 1 59 ? 13.10215  -3.53947  3.44982   1.000 13.74639  ? 59  ASP A C   1 
ATOM   426 O O   . ASP A 1 59 ? 12.18998  -2.94358  4.04856   1.000 13.05683  ? 59  ASP A O   1 
ATOM   427 C CB  . ASP A 1 59 ? 14.85044  -1.79855  3.89495   1.000 14.40436  ? 59  ASP A CB  1 
ATOM   428 C CG  . ASP A 1 59 ? 15.53250  -2.52522  5.04719   1.000 15.24920  ? 59  ASP A CG  1 
ATOM   429 O OD1 . ASP A 1 59 ? 15.16947  -3.68959  5.34218   1.000 15.49396  ? 59  ASP A OD1 1 
ATOM   430 O OD2 . ASP A 1 59 ? 16.43416  -1.91391  5.67031   1.000 16.49671  ? 59  ASP A OD2 1 
ATOM   431 N N   . PRO A 1 60 ? 13.10100  -4.87098  3.31319   1.000 14.55438  ? 60  PRO A N   1 
ATOM   432 C CA  . PRO A 1 60 ? 11.93397  -5.65506  3.74808   1.000 14.75703  ? 60  PRO A CA  1 
ATOM   433 C C   . PRO A 1 60 ? 11.68061  -5.61508  5.23629   1.000 15.08076  ? 60  PRO A C   1 
ATOM   434 O O   . PRO A 1 60 ? 10.55982  -5.93430  5.65967   1.000 15.77558  ? 60  PRO A O   1 
ATOM   435 C CB  . PRO A 1 60 ? 12.26204  -7.07463  3.27234   1.000 16.98625  ? 60  PRO A CB  1 
ATOM   436 C CG  . PRO A 1 60 ? 13.75776  -7.09178  3.19605   1.000 18.86542  ? 60  PRO A CG  1 
ATOM   437 C CD  . PRO A 1 60 ? 14.12704  -5.72380  2.69068   1.000 16.51777  ? 60  PRO A CD  1 
ATOM   438 N N   . THR A 1 61 ? 12.68039  -5.24724  6.04404   1.000 15.02285  ? 61  THR A N   1 
ATOM   439 C CA  . THR A 1 61 ? 12.45404  -5.13668  7.47737   1.000 16.49145  ? 61  THR A CA  1 
ATOM   440 C C   . THR A 1 61 ? 11.47243  -4.02446  7.81963   1.000 16.23879  ? 61  THR A C   1 
ATOM   441 O O   . THR A 1 61 ? 10.94316  -3.99865  8.93402   1.000 17.46788  ? 61  THR A O   1 
ATOM   442 C CB  . THR A 1 61 ? 13.76879  -4.94636  8.24666   1.000 18.17586  ? 61  THR A CB  1 
ATOM   443 O OG1 . THR A 1 61 ? 14.34618  -3.66885  7.94566   1.000 19.32600  ? 61  THR A OG1 1 
ATOM   444 C CG2 . THR A 1 61 ? 14.76196  -6.05245  7.92120   1.000 18.88384  ? 61  THR A CG2 1 
ATOM   445 N N   . ASN A 1 62 ? 11.20774  -3.10563  6.88862   1.000 15.05707  ? 62  ASN A N   1 
ATOM   446 C CA  . ASN A 1 62 ? 10.27653  -2.02482  7.18636   1.000 14.89126  ? 62  ASN A CA  1 
ATOM   447 C C   . ASN A 1 62 ? 8.81432   -2.46339  7.18550   1.000 14.04116  ? 62  ASN A C   1 
ATOM   448 O O   . ASN A 1 62 ? 7.97115   -1.75163  7.74406   1.000 14.62807  ? 62  ASN A O   1 
ATOM   449 C CB  . ASN A 1 62 ? 10.51887  -0.82835  6.26244   1.000 14.27013  ? 62  ASN A CB  1 
ATOM   450 C CG  . ASN A 1 62 ? 11.86775  -0.16457  6.51295   1.000 15.42817  ? 62  ASN A CG  1 
ATOM   451 O OD1 . ASN A 1 62 ? 12.52040  0.33792   5.58383   1.000 16.96782  ? 62  ASN A OD1 1 
ATOM   452 N ND2 . ASN A 1 62 ? 12.29321  -0.15924  7.76913   1.000 16.21247  ? 62  ASN A ND2 1 
ATOM   453 N N   . VAL A 1 63 ? 8.48912   -3.62109  6.61307   1.000 12.93839  ? 63  VAL A N   1 
ATOM   454 C CA  . VAL A 1 63 ? 7.10578   -4.08791  6.65336   1.000 13.08841  ? 63  VAL A CA  1 
ATOM   455 C C   . VAL A 1 63 ? 6.62868   -4.24487  8.09792   1.000 12.88312  ? 63  VAL A C   1 
ATOM   456 O O   . VAL A 1 63 ? 5.55458   -3.75377  8.47193   1.000 13.30423  ? 63  VAL A O   1 
ATOM   457 C CB  . VAL A 1 63 ? 6.94392   -5.37865  5.83014   1.000 13.87008  ? 63  VAL A CB  1 
ATOM   458 C CG1 . VAL A 1 63 ? 5.58415   -6.03335  6.09674   1.000 15.53607  ? 63  VAL A CG1 1 
ATOM   459 C CG2 . VAL A 1 63 ? 7.11682   -5.08076  4.34138   1.000 15.06760  ? 63  VAL A CG2 1 
ATOM   460 N N   . ASN A 1 64 ? 7.42099   -4.91981  8.93812   1.000 14.24644  ? 64  ASN A N   1 
ATOM   461 C CA  . ASN A 1 64 ? 6.99560   -5.11144  10.32204  1.000 16.33880  ? 64  ASN A CA  1 
ATOM   462 C C   . ASN A 1 64 ? 6.87458   -3.78646  11.05430  1.000 15.05180  ? 64  ASN A C   1 
ATOM   463 O O   . ASN A 1 64 ? 6.03791   -3.64847  11.95567  1.000 15.48607  ? 64  ASN A O   1 
ATOM   464 C CB  . ASN A 1 64 ? 7.94967   -6.04358  11.07109  1.000 20.56826  ? 64  ASN A CB  1 
ATOM   465 C CG  . ASN A 1 64 ? 7.73343   -7.50704  10.72884  1.000 26.91112  ? 64  ASN A CG  1 
ATOM   466 O OD1 . ASN A 1 64 ? 6.68342   -7.88636  10.21228  1.000 29.15876  ? 64  ASN A OD1 1 
ATOM   467 N ND2 . ASN A 1 64 ? 8.72462   -8.33943  11.03131  1.000 29.74830  ? 64  ASN A ND2 1 
ATOM   468 N N   . HIS A 1 65 ? 7.70865   -2.80779  10.69551  1.000 14.21223  ? 65  HIS A N   1 
ATOM   469 C CA  . HIS A 1 65 ? 7.60655   -1.49657  11.32162  1.000 14.17538  ? 65  HIS A CA  1 
ATOM   470 C C   . HIS A 1 65 ? 6.25097   -0.84991  11.03997  1.000 13.47530  ? 65  HIS A C   1 
ATOM   471 O O   . HIS A 1 65 ? 5.65516   -0.23194  11.93151  1.000 14.09643  ? 65  HIS A O   1 
ATOM   472 C CB  . HIS A 1 65 ? 8.76382   -0.60618  10.88244  1.000 14.67281  ? 65  HIS A CB  1 
ATOM   473 C CG  . HIS A 1 65 ? 10.11046  -1.22259  11.09920  1.000 14.88336  ? 65  HIS A CG  1 
ATOM   474 N ND1 . HIS A 1 65 ? 11.25808  -0.69881  10.54603  1.000 15.29920  ? 65  HIS A ND1 1 
ATOM   475 C CD2 . HIS A 1 65 ? 10.49844  -2.31389  11.80378  1.000 15.13603  ? 65  HIS A CD2 1 
ATOM   476 C CE1 . HIS A 1 65 ? 12.29408  -1.44142  10.89280  1.000 14.95179  ? 65  HIS A CE1 1 
ATOM   477 N NE2 . HIS A 1 65 ? 11.86044  -2.42968  11.65357  1.000 15.65714  ? 65  HIS A NE2 1 
ATOM   478 N N   . VAL A 1 66 ? 5.74325   -0.97800  9.80771   1.000 12.87786  ? 66  VAL A N   1 
ATOM   479 C CA  . VAL A 1 66 ? 4.39418   -0.50137  9.51817   1.000 12.48044  ? 66  VAL A CA  1 
ATOM   480 C C   . VAL A 1 66 ? 3.39728   -1.18948  10.43814  1.000 12.15935  ? 66  VAL A C   1 
ATOM   481 O O   . VAL A 1 66 ? 2.54711   -0.54275  11.07333  1.000 12.39622  ? 66  VAL A O   1 
ATOM   482 C CB  . VAL A 1 66 ? 4.03248   -0.76267  8.04546   1.000 13.06736  ? 66  VAL A CB  1 
ATOM   483 C CG1 . VAL A 1 66 ? 2.55257   -0.44475  7.81058   1.000 12.90418  ? 66  VAL A CG1 1 
ATOM   484 C CG2 . VAL A 1 66 ? 4.92784   0.02722   7.09572   1.000 14.65702  ? 66  VAL A CG2 1 
ATOM   485 N N   . LEU A 1 67 ? 3.47529   -2.52406  10.50742  1.000 12.76206  ? 67  LEU A N   1 
ATOM   486 C CA  . LEU A 1 67 ? 2.42789   -3.30554  11.15585  1.000 13.46477  ? 67  LEU A CA  1 
ATOM   487 C C   . LEU A 1 67 ? 2.34962   -3.01409  12.64671  1.000 13.98852  ? 67  LEU A C   1 
ATOM   488 O O   . LEU A 1 67 ? 1.26013   -3.06307  13.22666  1.000 15.80979  ? 67  LEU A O   1 
ATOM   489 C CB  . LEU A 1 67 ? 2.66440   -4.79511  10.92102  1.000 14.56227  ? 67  LEU A CB  1 
ATOM   490 C CG  . LEU A 1 67 ? 2.71585   -5.20379  9.44244   1.000 16.53619  ? 67  LEU A CG  1 
ATOM   491 C CD1 . LEU A 1 67 ? 3.03967   -6.67748  9.31927   1.000 18.03111  ? 67  LEU A CD1 1 
ATOM   492 C CD2 . LEU A 1 67 ? 1.41097   -4.87841  8.73200   1.000 17.00204  ? 67  LEU A CD2 1 
ATOM   493 N N   . GLN A 1 68 ? 3.47629   -2.70522  13.28888  1.000 13.85429  ? 68  GLN A N   1 
ATOM   494 C CA  . GLN A 1 68 ? 3.45556   -2.49060  14.72585  1.000 14.87020  ? 68  GLN A CA  1 
ATOM   495 C C   . GLN A 1 68 ? 3.18255   -1.04464  15.11925  1.000 13.94904  ? 68  GLN A C   1 
ATOM   496 O O   . GLN A 1 68 ? 3.07939   -0.75315  16.31556  1.000 14.16222  ? 68  GLN A O   1 
ATOM   497 C CB  . GLN A 1 68 ? 4.71713   -3.04312  15.37915  1.000 18.43905  ? 68  GLN A CB  1 
ATOM   498 C CG  . GLN A 1 68 ? 5.98725   -2.39363  14.97592  1.000 21.51311  ? 68  GLN A CG  1 
ATOM   499 C CD  . GLN A 1 68 ? 7.19636   -3.19971  15.43582  1.000 22.86064  ? 68  GLN A CD  1 
ATOM   500 O OE1 . GLN A 1 68 ? 7.06766   -4.33993  15.89636  1.000 24.04236  ? 68  GLN A OE1 1 
ATOM   501 N NE2 . GLN A 1 68 ? 8.37291   -2.60907  15.32268  1.000 21.96053  ? 68  GLN A NE2 1 
ATOM   502 N N   . ASN A 1 69 ? 2.98485   -0.15679  14.15052  1.000 12.79101  ? 69  ASN A N   1 
ATOM   503 C CA  . ASN A 1 69 ? 2.77529   1.25920   14.41941  1.000 12.67784  ? 69  ASN A CA  1 
ATOM   504 C C   . ASN A 1 69 ? 1.41457   1.74638   13.93494  1.000 13.82797  ? 69  ASN A C   1 
ATOM   505 O O   . ASN A 1 69 ? 1.26733   2.90188   13.52387  1.000 15.09918  ? 69  ASN A O   1 
ATOM   506 C CB  . ASN A 1 69 ? 3.90826   2.10056   13.83330  1.000 12.99893  ? 69  ASN A CB  1 
ATOM   507 C CG  . ASN A 1 69 ? 5.16799   2.01175   14.65584  1.000 13.37002  ? 69  ASN A CG  1 
ATOM   508 O OD1 . ASN A 1 69 ? 5.15945   2.33395   15.84412  1.000 13.88588  ? 69  ASN A OD1 1 
ATOM   509 N ND2 . ASN A 1 69 ? 6.25308   1.54732   14.03738  1.000 15.39132  ? 69  ASN A ND2 1 
ATOM   510 N N   . GLY A 1 70 ? 0.41062   0.87264   13.96861  1.000 14.44910  ? 70  GLY A N   1 
ATOM   511 C CA  . GLY A 1 70 ? -0.93632  1.25514   13.61416  1.000 15.54397  ? 70  GLY A CA  1 
ATOM   512 C C   . GLY A 1 70 ? -1.67536  1.82383   14.81040  1.000 16.79412  ? 70  GLY A C   1 
ATOM   513 O O   . GLY A 1 70 ? -1.11467  1.97302   15.90009  1.000 18.85752  ? 70  GLY A O   1 
ATOM   514 N N   . PRO A 1 71 ? -2.95419  2.15749   14.63300  1.000 18.17586  ? 71  PRO A N   1 
ATOM   515 C CA  . PRO A 1 71 ? -3.71594  2.05775   13.38455  1.000 18.18113  ? 71  PRO A CA  1 
ATOM   516 C C   . PRO A 1 71 ? -3.29079  3.12241   12.39139  1.000 16.85728  ? 71  PRO A C   1 
ATOM   517 O O   . PRO A 1 71 ? -2.65852  4.11862   12.74097  1.000 18.44695  ? 71  PRO A O   1 
ATOM   518 C CB  . PRO A 1 71 ? -5.16338  2.26831   13.84286  1.000 20.40508  ? 71  PRO A CB  1 
ATOM   519 C CG  . PRO A 1 71 ? -5.03011  3.17728   15.02236  1.000 21.88683  ? 71  PRO A CG  1 
ATOM   520 C CD  . PRO A 1 71 ? -3.76541  2.73082   15.72362  1.000 20.22611  ? 71  PRO A CD  1 
ATOM   521 N N   . HIS A 1 72 ? -3.63945  2.91588   11.12829  1.000 14.91495  ? 72  HIS A N   1 
ATOM   522 C CA  . HIS A 1 72 ? -3.25359  3.81046   10.05152  1.000 14.56754  ? 72  HIS A CA  1 
ATOM   523 C C   . HIS A 1 72 ? -4.49922  4.42457   9.44445   1.000 15.77294  ? 72  HIS A C   1 
ATOM   524 O O   . HIS A 1 72 ? -5.45626  3.71031   9.12740   1.000 16.26248  ? 72  HIS A O   1 
ATOM   525 C CB  . HIS A 1 72 ? -2.51007  3.02889   8.98104   1.000 14.85704  ? 72  HIS A CB  1 
ATOM   526 C CG  . HIS A 1 72 ? -1.27697  2.37135   9.50133   1.000 13.91746  ? 72  HIS A CG  1 
ATOM   527 N ND1 . HIS A 1 72 ? -0.08031  3.04245   9.62988   1.000 15.28078  ? 72  HIS A ND1 1 
ATOM   528 C CD2 . HIS A 1 72 ? -1.06131  1.11727   9.96457   1.000 14.03326  ? 72  HIS A CD2 1 
ATOM   529 C CE1 . HIS A 1 72 ? 0.82249   2.22510   10.14102  1.000 15.77558  ? 72  HIS A CE1 1 
ATOM   530 N NE2 . HIS A 1 72 ? 0.25215   1.05258   10.35605  1.000 14.85441  ? 72  HIS A NE2 1 
ATOM   531 N N   . THR A 1 73 ? -4.48713  5.74341   9.29151   1.000 16.65989  ? 73  THR A N   1 
ATOM   532 C CA  . THR A 1 73 ? -5.58323  6.46131   8.66354   1.000 17.51789  ? 73  THR A CA  1 
ATOM   533 C C   . THR A 1 73 ? -5.04984  7.24312   7.47465   1.000 16.04929  ? 73  THR A C   1 
ATOM   534 O O   . THR A 1 73 ? -3.94334  7.79930   7.52253   1.000 17.89162  ? 73  THR A O   1 
ATOM   535 C CB  . THR A 1 73 ? -6.28597  7.40206   9.64583   1.000 21.47363  ? 73  THR A CB  1 
ATOM   536 O OG1 . THR A 1 73 ? -5.34442  8.34244   10.16343  1.000 26.03470  ? 73  THR A OG1 1 
ATOM   537 C CG2 . THR A 1 73 ? -6.88671  6.62686   10.79736  1.000 22.07370  ? 73  THR A CG2 1 
ATOM   538 N N   . LEU A 1 74 ? -5.82657  7.24747   6.39728   1.000 14.26487  ? 74  LEU A N   1 
ATOM   539 C CA  . LEU A 1 74 ? -5.46078  7.98907   5.20094   1.000 14.13064  ? 74  LEU A CA  1 
ATOM   540 C C   . LEU A 1 74 ? -6.74643  8.45249   4.53815   1.000 13.93588  ? 74  LEU A C   1 
ATOM   541 O O   . LEU A 1 74 ? -7.64323  7.63506   4.29536   1.000 14.37541  ? 74  LEU A O   1 
ATOM   542 C CB  . LEU A 1 74 ? -4.65666  7.09993   4.24784   1.000 14.75177  ? 74  LEU A CB  1 
ATOM   543 C CG  . LEU A 1 74 ? -4.08406  7.75546   2.99281   1.000 15.18866  ? 74  LEU A CG  1 
ATOM   544 C CD1 . LEU A 1 74 ? -3.21073  8.96001   3.34034   1.000 16.49408  ? 74  LEU A CD1 1 
ATOM   545 C CD2 . LEU A 1 74 ? -3.28970  6.73148   2.20790   1.000 16.26774  ? 74  LEU A CD2 1 
ATOM   546 N N   . ASP A 1 75 ? -6.84352  9.76034   4.28481   1.000 14.16222  ? 75  ASP A N   1 
ATOM   547 C CA  . ASP A 1 75 ? -8.03799  10.33803  3.66516   1.000 15.84664  ? 75  ASP A CA  1 
ATOM   548 C C   . ASP A 1 75 ? -9.30433  9.98227   4.44510   1.000 17.33366  ? 75  ASP A C   1 
ATOM   549 O O   . ASP A 1 75 ? -10.36722 9.72638   3.87356   1.000 19.32600  ? 75  ASP A O   1 
ATOM   550 C CB  . ASP A 1 75 ? -8.14594  9.93753   2.19409   1.000 16.02561  ? 75  ASP A CB  1 
ATOM   551 C CG  . ASP A 1 75 ? -7.04239  10.53406  1.34849   1.000 16.66252  ? 75  ASP A CG  1 
ATOM   552 O OD1 . ASP A 1 75 ? -6.54750  11.63213  1.68495   1.000 18.61276  ? 75  ASP A OD1 1 
ATOM   553 O OD2 . ASP A 1 75 ? -6.69135  9.91472   0.32368   1.000 17.00204  ? 75  ASP A OD2 1 
ATOM   554 N N   . GLY A 1 76 ? -9.19446  9.97731   5.77035   1.000 18.25745  ? 76  GLY A N   1 
ATOM   555 C CA  . GLY A 1 76 ? -10.34620 9.76286   6.62245   1.000 19.94713  ? 76  GLY A CA  1 
ATOM   556 C C   . GLY A 1 76 ? -10.77971 8.32065   6.77909   1.000 20.00240  ? 76  GLY A C   1 
ATOM   557 O O   . GLY A 1 76 ? -11.80231 8.06615   7.42300   1.000 22.86853  ? 76  GLY A O   1 
ATOM   558 N N   . ARG A 1 77 ? -10.05364 7.36872   6.20484   1.000 18.72067  ? 77  ARG A N   1 
ATOM   559 C CA  . ARG A 1 77 ? -10.36776 5.95341   6.33408   1.000 17.88899  ? 77  ARG A CA  1 
ATOM   560 C C   . ARG A 1 77 ? -9.31357  5.27561   7.19503   1.000 16.54935  ? 77  ARG A C   1 
ATOM   561 O O   . ARG A 1 77 ? -8.12600  5.59239   7.09618   1.000 16.56778  ? 77  ARG A O   1 
ATOM   562 C CB  . ARG A 1 77 ? -10.35455 5.26962   4.96222   1.000 20.38402  ? 77  ARG A CB  1 
ATOM   563 C CG  . ARG A 1 77 ? -11.37789 5.79663   3.97575   1.000 25.43989  ? 77  ARG A CG  1 
ATOM   564 C CD  . ARG A 1 77 ? -12.77655 5.31288   4.32689   1.000 31.15374  ? 77  ARG A CD  1 
ATOM   565 N NE  . ARG A 1 77 ? -13.62940 5.24006   3.14563   1.000 36.99654  ? 77  ARG A NE  1 
ATOM   566 C CZ  . ARG A 1 77 ? -13.76305 4.16140   2.38463   1.000 40.62066  ? 77  ARG A CZ  1 
ATOM   567 N NH1 . ARG A 1 77 ? -13.11428 3.03924   2.65388   1.000 41.66289  ? 77  ARG A NH1 1 
ATOM   568 N NH2 . ARG A 1 77 ? -14.56993 4.20846   1.32859   1.000 41.99714  ? 77  ARG A NH2 1 
ATOM   569 N N   . THR A 1 78 ? -9.73776  4.31937   8.01529   1.000 16.12562  ? 78  THR A N   1 
ATOM   570 C CA  . THR A 1 78 ? -8.79034  3.41352   8.65161   1.000 16.63884  ? 78  THR A CA  1 
ATOM   571 C C   . THR A 1 78 ? -8.41263  2.35502   7.62280   1.000 15.74662  ? 78  THR A C   1 
ATOM   572 O O   . THR A 1 78 ? -9.27253  1.59951   7.15314   1.000 17.38893  ? 78  THR A O   1 
ATOM   573 C CB  . THR A 1 78 ? -9.41617  2.77307   9.88828   1.000 18.86805  ? 78  THR A CB  1 
ATOM   574 O OG1 . THR A 1 78 ? -9.76154  3.78452   10.84535  1.000 21.08411  ? 78  THR A OG1 1 
ATOM   575 C CG2 . THR A 1 78 ? -8.43544  1.81187   10.53373  1.000 19.37338  ? 78  THR A CG2 1 
ATOM   576 N N   . ILE A 1 79 ? -7.14719  2.32489   7.23161   1.000 13.86219  ? 79  ILE A N   1 
ATOM   577 C CA  . ILE A 1 79 ? -6.70821  1.46264   6.15674   1.000 13.61479  ? 79  ILE A CA  1 
ATOM   578 C C   . ILE A 1 79 ? -6.09880  0.19825   6.74227   1.000 13.79113  ? 79  ILE A C   1 
ATOM   579 O O   . ILE A 1 79 ? -5.86653  0.09481   7.94210   1.000 15.33342  ? 79  ILE A O   1 
ATOM   580 C CB  . ILE A 1 79 ? -5.80409  2.20245   5.14705   1.000 13.64111  ? 79  ILE A CB  1 
ATOM   581 C CG1 . ILE A 1 79 ? -4.50988  2.68560   5.81423   1.000 13.84113  ? 79  ILE A CG1 1 
ATOM   582 C CG2 . ILE A 1 79 ? -6.59258  3.36437   4.54144   1.000 13.78850  ? 79  ILE A CG2 1 
ATOM   583 C CD1 . ILE A 1 79 ? -3.53532  3.36045   4.87606   1.000 14.41489  ? 79  ILE A CD1 1 
ATOM   584 N N   . ASP A 1 80 ? -5.81502  -0.78198  5.88761   1.000 13.62005  ? 80  ASP A N   1 
ATOM   585 C CA  . ASP A 1 80 ? -5.55182  -2.14802  6.33604   1.000 14.00431  ? 80  ASP A CA  1 
ATOM   586 C C   . ASP A 1 80 ? -4.28792  -2.70393  5.69327   1.000 12.79101  ? 80  ASP A C   1 
ATOM   587 O O   . ASP A 1 80 ? -4.36030  -3.50892  4.75199   1.000 12.63836  ? 80  ASP A O   1 
ATOM   588 C CB  . ASP A 1 80 ? -6.76365  -3.02271  6.01993   1.000 16.37302  ? 80  ASP A CB  1 
ATOM   589 C CG  . ASP A 1 80 ? -6.68209  -4.40050  6.62797   1.000 19.52339  ? 80  ASP A CG  1 
ATOM   590 O OD1 . ASP A 1 80 ? -5.91886  -4.61787  7.59686   1.000 20.92883  ? 80  ASP A OD1 1 
ATOM   591 O OD2 . ASP A 1 80 ? -7.41446  -5.27045  6.12592   1.000 21.76314  ? 80  ASP A OD2 1 
ATOM   592 N N   . PRO A 1 81 ? -3.10716  -2.32637  6.19340   1.000 13.15947  ? 81  PRO A N   1 
ATOM   593 C CA  . PRO A 1 81 ? -1.87072  -2.90592  5.65630   1.000 13.37002  ? 81  PRO A CA  1 
ATOM   594 C C   . PRO A 1 81 ? -1.65425  -4.32284  6.16572   1.000 13.09631  ? 81  PRO A C   1 
ATOM   595 O O   . PRO A 1 81 ? -1.83636  -4.61575  7.35144   1.000 14.52806  ? 81  PRO A O   1 
ATOM   596 C CB  . PRO A 1 81 ? -0.78205  -1.96506  6.18375   1.000 15.05444  ? 81  PRO A CB  1 
ATOM   597 C CG  . PRO A 1 81 ? -1.35548  -1.38106  7.40899   1.000 16.68358  ? 81  PRO A CG  1 
ATOM   598 C CD  . PRO A 1 81 ? -2.83476  -1.27653  7.19375   1.000 14.62807  ? 81  PRO A CD  1 
ATOM   599 N N   . LYS A 1 82 ? -1.27059  -5.21092  5.24371   1.000 12.20936  ? 82  LYS A N   1 
ATOM   600 C CA  . LYS A 1 82 ? -1.00660  -6.61276  5.55683   1.000 13.25948  ? 82  LYS A CA  1 
ATOM   601 C C   . LYS A 1 82 ? 0.22260   -7.05875  4.77975   1.000 13.31212  ? 82  LYS A C   1 
ATOM   602 O O   . LYS A 1 82 ? 0.36647   -6.70661  3.60524   1.000 13.86482  ? 82  LYS A O   1 
ATOM   603 C CB  . LYS A 1 82 ? -2.17965  -7.52265  5.15056   1.000 15.35974  ? 82  LYS A CB  1 
ATOM   604 C CG  . LYS A 1 82 ? -3.52145  -7.13345  5.73736   1.000 17.06784  ? 82  LYS A CG  1 
ATOM   605 C CD  . LYS A 1 82 ? -4.63431  -8.03829  5.21579   1.000 20.33665  ? 82  LYS A CD  1 
ATOM   606 C CE  . LYS A 1 82 ? -4.56613  -9.42542  5.83075   1.000 24.40556  ? 82  LYS A CE  1 
ATOM   607 N NZ  . LYS A 1 82 ? -4.80334  -9.40065  7.29939   1.000 26.99008  ? 82  LYS A NZ  1 
ATOM   608 N N   . PRO A 1 83 ? 1.09732   -7.86144  5.37612   1.000 13.19369  ? 83  PRO A N   1 
ATOM   609 C CA  . PRO A 1 83 ? 2.20121   -8.42907  4.59317   1.000 13.95167  ? 83  PRO A CA  1 
ATOM   610 C C   . PRO A 1 83 ? 1.65111   -9.36234  3.52597   1.000 13.22790  ? 83  PRO A C   1 
ATOM   611 O O   . PRO A 1 83 ? 0.62506   -10.01163 3.71833   1.000 14.84915  ? 83  PRO A O   1 
ATOM   612 C CB  . PRO A 1 83 ? 3.00688   -9.20661  5.63905   1.000 15.30447  ? 83  PRO A CB  1 
ATOM   613 C CG  . PRO A 1 83 ? 1.99682   -9.57098  6.68704   1.000 17.12311  ? 83  PRO A CG  1 
ATOM   614 C CD  . PRO A 1 83 ? 1.02400   -8.42362  6.73369   1.000 14.72282  ? 83  PRO A CD  1 
ATOM   615 N N   . CYS A 1 84 ? 2.31576   -9.41543  2.37387   1.000 14.68071  ? 84  CYS A N   1 
ATOM   616 C CA  . CYS A 1 84 ? 1.85615   -10.35467 1.36246   1.000 16.30722  ? 84  CYS A CA  1 
ATOM   617 C C   . CYS A 1 84 ? 3.02036   -11.09071 0.72402   1.000 16.64410  ? 84  CYS A C   1 
ATOM   618 O O   . CYS A 1 84 ? 4.12930   -10.56138 0.61743   1.000 19.62604  ? 84  CYS A O   1 
ATOM   619 C CB  . CYS A 1 84 ? 0.92874   -9.71471  0.31981   1.000 18.75225  ? 84  CYS A CB  1 
ATOM   620 S SG  . CYS A 1 84 ? 1.66805   -8.51725  -0.81980  1.000 21.36835  ? 84  CYS A SG  1 
ATOM   621 N N   . ASN A 1 85 ? 2.75336   -12.33682 0.33640   1.000 15.37553  ? 85  ASN A N   1 
ATOM   622 C CA  . ASN A 1 85 ? 3.66707   -13.07773 -0.52120  1.000 16.43618  ? 85  ASN A CA  1 
ATOM   623 C C   . ASN A 1 85 ? 3.42081   -12.63454 -1.95699  1.000 15.55713  ? 85  ASN A C   1 
ATOM   624 O O   . ASN A 1 85 ? 2.30789   -12.82814 -2.47133  1.000 15.83874  ? 85  ASN A O   1 
ATOM   625 C CB  . ASN A 1 85 ? 3.40424   -14.57537 -0.38355  1.000 19.25231  ? 85  ASN A CB  1 
ATOM   626 C CG  . ASN A 1 85 ? 4.58129   -15.43284 -0.84731  1.000 21.66576  ? 85  ASN A CG  1 
ATOM   627 O OD1 . ASN A 1 85 ? 5.65643   -14.91748 -1.15777  1.000 23.59493  ? 85  ASN A OD1 1 
ATOM   628 N ND2 . ASN A 1 85 ? 4.37865   -16.75253 -0.88886  1.000 23.41070  ? 85  ASN A ND2 1 
ATOM   629 N N   . PRO A 1 86 ? 4.40422   -12.02911 -2.62846  1.000 15.09655  ? 86  PRO A N   1 
ATOM   630 C CA  . PRO A 1 86 ? 4.12993   -11.36934 -3.91068  1.000 15.28604  ? 86  PRO A CA  1 
ATOM   631 C C   . PRO A 1 86 ? 3.82574   -12.34836 -5.03120  1.000 15.01759  ? 86  PRO A C   1 
ATOM   632 O O   . PRO A 1 86 ? 4.32147   -13.48071 -5.06179  1.000 16.28616  ? 86  PRO A O   1 
ATOM   633 C CB  . PRO A 1 86 ? 5.43162   -10.61322 -4.20628  1.000 16.62568  ? 86  PRO A CB  1 
ATOM   634 C CG  . PRO A 1 86 ? 6.08929   -10.43872 -2.87137  1.000 18.03637  ? 86  PRO A CG  1 
ATOM   635 C CD  . PRO A 1 86 ? 5.75547   -11.71119 -2.12973  1.000 16.66516  ? 86  PRO A CD  1 
ATOM   636 N N   . ARG A 1 87 ? 3.00718   -11.87721 -5.97701  1.000 16.14000  ? 87  ARG A N   1 
ATOM   637 C CA  . ARG A 1 87 ? 2.83541   -12.57441 -7.24155  1.000 15.69000  ? 87  ARG A CA  1 
ATOM   638 C C   . ARG A 1 87 ? 4.20413   -12.88587 -7.82150  1.000 16.76000  ? 87  ARG A C   1 
ATOM   639 O O   . ARG A 1 87 ? 5.10139   -12.04166 -7.80676  1.000 18.12000  ? 87  ARG A O   1 
ATOM   640 C CB  . ARG A 1 87 ? 2.06829   -11.68477 -8.22782  1.000 16.83000  ? 87  ARG A CB  1 
ATOM   641 C CG  . ARG A 1 87 ? 1.89223   -12.29245 -9.61325  1.000 17.53000  ? 87  ARG A CG  1 
ATOM   642 C CD  . ARG A 1 87 ? 1.22405   -11.31922 -10.59322 1.000 18.87000  ? 87  ARG A CD  1 
ATOM   643 N NE  . ARG A 1 87 ? -0.23337  -11.25718 -10.47986 1.000 19.43000  ? 87  ARG A NE  1 
ATOM   644 C CZ  . ARG A 1 87 ? -1.06986  -12.13432 -11.02230 1.000 18.25000  ? 87  ARG A CZ  1 
ATOM   645 N NH1 . ARG A 1 87 ? -0.63366  -13.23575 -11.60915 1.000 19.93000  ? 87  ARG A NH1 1 
ATOM   646 N NH2 . ARG A 1 87 ? -2.37764  -11.89884 -10.97436 1.000 20.13000  ? 87  ARG A NH2 1 
ATOM   647 N N   . THR A 1 88 ? 4.36576   -14.09894 -8.33091  1.000 16.75000  ? 88  THR A N   1 
ATOM   648 C CA  . THR A 1 88 ? 5.62490   -14.52670 -8.92136  1.000 18.87000  ? 88  THR A CA  1 
ATOM   649 C C   . THR A 1 88 ? 5.58310   -14.35844 -10.43758 1.000 33.89000  ? 88  THR A C   1 
ATOM   650 O O   . THR A 1 88 ? 4.53889   -14.52358 -11.07673 1.000 23.46000  ? 88  THR A O   1 
ATOM   651 C CB  . THR A 1 88 ? 5.94559   -15.97734 -8.55175  1.000 23.92000  ? 88  THR A CB  1 
ATOM   652 O OG1 . THR A 1 88 ? 4.81241   -16.80905 -8.82507  1.000 25.76000  ? 88  THR A OG1 1 
ATOM   653 C CG2 . THR A 1 88 ? 6.29262   -16.07353 -7.07201  1.000 30.26000  ? 88  THR A CG2 1 
ATOM   654 N N   . LEU A 1 89 ? 6.73085   -14.01667 -11.00892 1.000 89.67000  ? 89  LEU A N   1 
ATOM   655 C CA  . LEU A 1 89 ? 6.84523   -13.73175 -12.43093 1.000 105.14000 ? 89  LEU A CA  1 
ATOM   656 C C   . LEU A 1 89 ? 7.68054   -14.80969 -13.11697 1.000 48.94000  ? 89  LEU A C   1 
ATOM   657 O O   . LEU A 1 89 ? 8.08776   -15.80292 -12.50704 1.000 62.02000  ? 89  LEU A O   1 
ATOM   658 C CB  . LEU A 1 89 ? 7.42903   -12.33394 -12.65583 1.000 56.69000  ? 89  LEU A CB  1 
ATOM   659 C CG  . LEU A 1 89 ? 6.69447   -11.15612 -12.00543 1.000 93.12000  ? 89  LEU A CG  1 
ATOM   660 C CD1 . LEU A 1 89 ? 5.20014   -11.21130 -12.30084 1.000 69.02000  ? 89  LEU A CD1 1 
ATOM   661 C CD2 . LEU A 1 89 ? 6.95282   -11.09918 -10.50394 1.000 83.23000  ? 89  LEU A CD2 1 
ATOM   662 N N   . GLN A 1 90 ? 7.92915   -14.60521 -14.40664 1.000 61.11000  ? 90  GLN A N   1 
ATOM   663 C CA  . GLN A 1 90 ? 8.72524   -15.53974 -15.19391 1.000 98.25000  ? 90  GLN A CA  1 
ATOM   664 C C   . GLN A 1 90 ? 10.17590  -15.07683 -15.26998 1.000 116.90000 ? 90  GLN A C   1 
ATOM   665 O O   . GLN A 1 90 ? 10.46661  -13.88909 -15.12376 1.000 84.44000  ? 90  GLN A O   1 
ATOM   666 C CB  . GLN A 1 90 ? 8.14323   -15.68131 -16.60183 1.000 45.58000  ? 90  GLN A CB  1 
ATOM   667 C CG  . GLN A 1 90 ? 8.15191   -14.38969 -17.40478 1.000 91.57000  ? 90  GLN A CG  1 
ATOM   668 C CD  . GLN A 1 90 ? 7.12319   -14.38648 -18.51915 1.000 119.35000 ? 90  GLN A CD  1 
ATOM   669 O OE1 . GLN A 1 90 ? 6.39634   -15.36052 -18.71146 1.000 85.59000  ? 90  GLN A OE1 1 
ATOM   670 N NE2 . GLN A 1 90 ? 7.05235   -13.28411 -19.25622 1.000 64.72000  ? 90  GLN A NE2 1 
HETATM 671 C C1  . GOL B 2 .  ? 9.80729   6.04844   -8.00492  1.000 52.46000  ? 101 GOL A C1  1 
HETATM 672 O O1  . GOL B 2 .  ? 9.68766   7.24798   -8.71372  1.000 139.30000 ? 101 GOL A O1  1 
HETATM 673 C C2  . GOL B 2 .  ? 8.50284   5.87248   -7.20827  1.000 71.23000  ? 101 GOL A C2  1 
HETATM 674 O O2  . GOL B 2 .  ? 7.38430   5.87025   -8.02185  1.000 105.19000 ? 101 GOL A O2  1 
HETATM 675 C C3  . GOL B 2 .  ? 8.70099   4.54524   -6.46978  1.000 46.67000  ? 101 GOL A C3  1 
HETATM 676 O O3  . GOL B 2 .  ? 7.42421   4.08966   -6.10472  1.000 80.64000  ? 101 GOL A O3  1 
HETATM 677 H H11 . GOL B 2 .  ? 10.56053  6.04849   -7.39376  1.000 62.97000  ? 101 GOL A H11 1 
HETATM 678 H H12 . GOL B 2 .  ? 9.93614   5.28208   -8.58543  1.000 62.97000  ? 101 GOL A H12 1 
HETATM 679 H HO1 . GOL B 2 .  ? 9.40631   7.82796   -8.15235  1.000 167.18000 ? 101 GOL A HO1 1 
HETATM 680 H H2  . GOL B 2 .  ? 8.36541   6.60784   -6.59080  1.000 85.49000  ? 101 GOL A H2  1 
HETATM 681 H HO2 . GOL B 2 .  ? 7.48459   5.26763   -8.60867  1.000 126.25000 ? 101 GOL A HO2 1 
HETATM 682 H H31 . GOL B 2 .  ? 9.28891   4.69157   -5.71226  1.000 56.03000  ? 101 GOL A H31 1 
HETATM 683 H H32 . GOL B 2 .  ? 9.17797   3.93096   -7.04948  1.000 56.03000  ? 101 GOL A H32 1 
HETATM 684 H HO3 . GOL B 2 .  ? 6.94390   4.09958   -6.80202  1.000 96.78000  ? 101 GOL A HO3 1 
HETATM 685 C C1  . GOL C 2 .  ? -0.72220  -7.10283  -9.49491  1.000 38.93000  ? 102 GOL A C1  1 
HETATM 686 O O1  . GOL C 2 .  ? -1.74552  -6.17297  -9.48023  1.000 130.01000 ? 102 GOL A O1  1 
HETATM 687 C C2  . GOL C 2 .  ? 0.12310   -6.88037  -8.21460  1.000 45.91000  ? 102 GOL A C2  1 
HETATM 688 O O2  . GOL C 2 .  ? 1.07903   -7.86330  -8.11820  1.000 21.94000  ? 102 GOL A O2  1 
HETATM 689 C C3  . GOL C 2 .  ? 0.66493   -5.46990  -8.35138  1.000 36.70000  ? 102 GOL A C3  1 
HETATM 690 O O3  . GOL C 2 .  ? 1.65336   -5.28931  -7.35716  1.000 23.82000  ? 102 GOL A O3  1 
HETATM 691 H H11 . GOL C 2 .  ? -0.15092  -7.01507  -10.27391 1.000 46.74000  ? 102 GOL A H11 1 
HETATM 692 H H12 . GOL C 2 .  ? -1.04938  -8.01592  -9.50682  1.000 46.74000  ? 102 GOL A H12 1 
HETATM 693 H HO1 . GOL C 2 .  ? -2.19163  -6.31988  -8.77734  1.000 156.04000 ? 102 GOL A HO1 1 
HETATM 694 H H2  . GOL C 2 .  ? -0.39461  -6.93389  -7.39604  1.000 55.11000  ? 102 GOL A H2  1 
HETATM 695 H HO2 . GOL C 2 .  ? 1.61672   -7.77596  -8.77561  1.000 26.35000  ? 102 GOL A HO2 1 
HETATM 696 H H31 . GOL C 2 .  ? -0.07348  -4.84571  -8.27376  1.000 44.06000  ? 102 GOL A H31 1 
HETATM 697 H H32 . GOL C 2 .  ? 1.00424   -5.35466  -9.25277  1.000 44.06000  ? 102 GOL A H32 1 
HETATM 698 H HO3 . GOL C 2 .  ? 2.28496   -5.81610  -7.54045  1.000 28.61000  ? 102 GOL A HO3 1 
HETATM 699 O O   . HOH D 3 .  ? 6.02461   5.54180   -5.09847  1.000 24.04000  ? 201 HOH A O   1 
HETATM 700 O O   . HOH D 3 .  ? 3.51492   9.57093   6.79045   1.000 25.89000  ? 202 HOH A O   1 
HETATM 701 O O   . HOH D 3 .  ? -13.19487 -5.52539  -15.08619 1.000 52.30000  ? 203 HOH A O   1 
HETATM 702 O O   . HOH D 3 .  ? 5.56498   -6.05834  16.85117  1.000 49.60000  ? 204 HOH A O   1 
HETATM 703 O O   . HOH D 3 .  ? 11.45134  8.66559   -7.68085  1.000 43.65000  ? 205 HOH A O   1 
HETATM 704 O O   . HOH D 3 .  ? -12.26004 12.73915  1.72486   1.000 20.65000  ? 206 HOH A O   1 
HETATM 705 O O   . HOH D 3 .  ? 4.42138   -0.89477  -10.69881 1.000 38.94000  ? 207 HOH A O   1 
HETATM 706 O O   . HOH D 3 .  ? 0.21936   7.81188   -11.39386 1.000 47.48000  ? 208 HOH A O   1 
HETATM 707 O O   . HOH D 3 .  ? -3.87538  -3.88028  8.99858   1.000 26.42000  ? 209 HOH A O   1 
HETATM 708 O O   . HOH D 3 .  ? -7.65375  4.40250   -3.80520  1.000 14.50000  ? 210 HOH A O   1 
HETATM 709 O O   . HOH D 3 .  ? -3.01846  10.23409  7.13327   1.000 31.64000  ? 211 HOH A O   1 
HETATM 710 O O   . HOH D 3 .  ? -5.05237  -12.02071 7.43171   1.000 44.74000  ? 212 HOH A O   1 
HETATM 711 O O   . HOH D 3 .  ? 10.95121  7.71256   8.81946   1.000 22.19000  ? 213 HOH A O   1 
HETATM 712 O O   . HOH D 3 .  ? 15.52620  -2.32321  9.89893   1.000 30.47000  ? 214 HOH A O   1 
HETATM 713 O O   . HOH D 3 .  ? -11.45836 1.72567   5.21851   1.000 23.47000  ? 215 HOH A O   1 
HETATM 714 O O   . HOH D 3 .  ? 6.34453   -14.78507 -3.72766  1.000 23.03000  ? 216 HOH A O   1 
HETATM 715 O O   . HOH D 3 .  ? -8.56540  -4.98867  3.72512   1.000 28.41000  ? 217 HOH A O   1 
HETATM 716 O O   . HOH D 3 .  ? -1.04617  -10.88998 5.61701   1.000 15.95000  ? 218 HOH A O   1 
HETATM 717 O O   . HOH D 3 .  ? 3.14679   14.34544  4.30700   1.000 62.45000  ? 219 HOH A O   1 
HETATM 718 O O   . HOH D 3 .  ? -8.44395  10.63059  -6.81323  1.000 22.85000  ? 220 HOH A O   1 
HETATM 719 O O   . HOH D 3 .  ? 12.01104  -5.40764  -1.07102  1.000 34.97000  ? 221 HOH A O   1 
HETATM 720 O O   . HOH D 3 .  ? 3.28048   -8.30537  -9.61152  1.000 30.35000  ? 222 HOH A O   1 
HETATM 721 O O   . HOH D 3 .  ? 3.30398   -3.63993  -8.70888  1.000 26.73000  ? 223 HOH A O   1 
HETATM 722 O O   . HOH D 3 .  ? -1.59285  3.15150   18.27896  1.000 30.07000  ? 224 HOH A O   1 
HETATM 723 O O   . HOH D 3 .  ? -0.07993  -1.66608  15.11171  1.000 20.46000  ? 225 HOH A O   1 
HETATM 724 O O   . HOH D 3 .  ? 14.96609  1.71345   3.35450   1.000 17.38000  ? 226 HOH A O   1 
HETATM 725 O O   . HOH D 3 .  ? 4.05888   -2.55050  -4.67149  1.000 14.77000  ? 227 HOH A O   1 
HETATM 726 O O   . HOH D 3 .  ? -1.57703  12.66992  -5.10715  1.000 14.95000  ? 228 HOH A O   1 
HETATM 727 O O   . HOH D 3 .  ? 8.29585   -0.21432  -9.72405  1.000 44.90000  ? 229 HOH A O   1 
HETATM 728 O O   . HOH D 3 .  ? -12.59451 9.16385   2.41428   1.000 24.38000  ? 230 HOH A O   1 
HETATM 729 O O   . HOH D 3 .  ? 7.09716   -5.33472  -5.73171  1.000 29.49000  ? 231 HOH A O   1 
HETATM 730 O O   . HOH D 3 .  ? -15.33106 1.30166   -11.53092 1.000 45.21000  ? 232 HOH A O   1 
HETATM 731 O O   . HOH D 3 .  ? 17.20944  0.45567   4.53008   1.000 25.18000  ? 233 HOH A O   1 
HETATM 732 O O   . HOH D 3 .  ? 7.69662   -12.11736 -6.91614  1.000 46.64000  ? 234 HOH A O   1 
HETATM 733 O O   . HOH D 3 .  ? 1.02089   5.54629   12.82291  1.000 36.42000  ? 235 HOH A O   1 
HETATM 734 O O   . HOH D 3 .  ? 14.71947  0.38414   8.95819   1.000 29.88000  ? 236 HOH A O   1 
HETATM 735 O O   . HOH D 3 .  ? 13.85420  -4.20172  12.36214  1.000 34.10000  ? 237 HOH A O   1 
HETATM 736 O O   . HOH D 3 .  ? -4.91823  0.42468   10.51343  1.000 18.00000  ? 238 HOH A O   1 
HETATM 737 O O   . HOH D 3 .  ? 1.56575   11.32988  6.79347   1.000 32.28000  ? 239 HOH A O   1 
HETATM 738 O O   . HOH D 3 .  ? -5.27305  -7.09482  8.76362   1.000 47.10000  ? 240 HOH A O   1 
HETATM 739 O O   . HOH D 3 .  ? -9.61760  -1.15060  7.09733   1.000 29.71000  ? 241 HOH A O   1 
HETATM 740 O O   . HOH D 3 .  ? 5.28784   10.64512  5.16246   1.000 39.43000  ? 242 HOH A O   1 
HETATM 741 O O   . HOH D 3 .  ? 12.61537  0.53666   2.71810   1.000 12.92000  ? 243 HOH A O   1 
HETATM 742 O O   . HOH D 3 .  ? -11.76954 0.19956   0.00161   1.000 25.18000  ? 244 HOH A O   1 
HETATM 743 O O   . HOH D 3 .  ? 11.46068  -5.90767  10.89819  1.000 26.08000  ? 245 HOH A O   1 
HETATM 744 O O   . HOH D 3 .  ? -7.85635  5.94563   1.85801   1.000 18.01000  ? 246 HOH A O   1 
HETATM 745 O O   . HOH D 3 .  ? 2.85591   6.46941   -8.95290  1.000 42.53000  ? 247 HOH A O   1 
HETATM 746 O O   . HOH D 3 .  ? 4.47243   10.29417  -3.37340  1.000 29.10000  ? 248 HOH A O   1 
HETATM 747 O O   . HOH D 3 .  ? -6.20218  6.18213   -7.15626  1.000 17.97000  ? 249 HOH A O   1 
HETATM 748 O O   . HOH D 3 .  ? 8.39846   -18.05807 -10.89108 1.000 57.20000  ? 250 HOH A O   1 
HETATM 749 O O   . HOH D 3 .  ? 6.65052   -9.36943  0.46718   1.000 18.29000  ? 251 HOH A O   1 
HETATM 750 O O   . HOH D 3 .  ? -7.04372  -3.95337  -11.14118 1.000 20.85000  ? 252 HOH A O   1 
HETATM 751 O O   . HOH D 3 .  ? -14.33446 4.60270   -2.02943  1.000 45.87000  ? 253 HOH A O   1 
HETATM 752 O O   . HOH D 3 .  ? 14.30050  -4.90110  -2.09044  1.000 34.90000  ? 254 HOH A O   1 
HETATM 753 O O   . HOH D 3 .  ? -2.23200  7.20663   10.42274  1.000 23.42000  ? 255 HOH A O   1 
HETATM 754 O O   . HOH D 3 .  ? -12.15110 -6.37804  -6.10104  1.000 40.05000  ? 256 HOH A O   1 
HETATM 755 O O   . HOH D 3 .  ? -2.66284  8.34035   -9.50741  1.000 27.16000  ? 257 HOH A O   1 
HETATM 756 O O   . HOH D 3 .  ? 2.79200   -2.56847  18.46729  1.000 22.08000  ? 258 HOH A O   1 
HETATM 757 O O   . HOH D 3 .  ? -2.14167  -9.82030  8.17417   1.000 45.73000  ? 259 HOH A O   1 
HETATM 758 O O   . HOH D 3 .  ? -10.16057 6.52652   -8.55275  1.000 31.71000  ? 260 HOH A O   1 
HETATM 759 O O   . HOH D 3 .  ? 3.63533   5.35900   -6.95528  1.000 38.24000  ? 261 HOH A O   1 
HETATM 760 O O   . HOH D 3 .  ? 9.40073   -6.86548  8.07923   1.000 17.35000  ? 262 HOH A O   1 
HETATM 761 O O   . HOH D 3 .  ? 4.78871   -9.22950  -7.55134  1.000 25.81000  ? 263 HOH A O   1 
HETATM 762 O O   . HOH D 3 .  ? 9.62437   -9.08888  5.52787   1.000 48.16000  ? 264 HOH A O   1 
HETATM 763 O O   . HOH D 3 .  ? -7.11871  10.82736  7.53731   1.000 39.45000  ? 265 HOH A O   1 
HETATM 764 O O   . HOH D 3 .  ? -3.24852  -9.56314  -9.57385  1.000 31.24000  ? 266 HOH A O   1 
HETATM 765 O O   . HOH D 3 .  ? 5.74794   -8.65652  3.39909   1.000 23.75000  ? 267 HOH A O   1 
HETATM 766 O O   . HOH D 3 .  ? -4.96737  11.62191  5.40229   1.000 19.78000  ? 268 HOH A O   1 
HETATM 767 O O   . HOH D 3 .  ? 8.86014   -13.37239 -9.18695  1.000 43.63000  ? 269 HOH A O   1 
HETATM 768 O O   . HOH D 3 .  ? 5.47047   2.68395   -8.18562  1.000 23.91000  ? 270 HOH A O   1 
HETATM 769 O O   . HOH D 3 .  ? 7.67368   9.05437   -9.72506  1.000 52.89000  ? 271 HOH A O   1 
HETATM 770 O O   . HOH D 3 .  ? -12.92584 -4.26926  -7.62279  1.000 29.15000  ? 272 HOH A O   1 
HETATM 771 O O   . HOH D 3 .  ? 5.75360   -9.75755  8.20757   1.000 48.26000  ? 273 HOH A O   1 
HETATM 772 O O   . HOH D 3 .  ? -4.48854  -1.25784  -11.96859 1.000 25.33000  ? 274 HOH A O   1 
HETATM 773 O O   . HOH D 3 .  ? -3.63519  6.28139   -8.23328  1.000 17.49000  ? 275 HOH A O   1 
HETATM 774 O O   . HOH D 3 .  ? -12.58762 3.72612   7.88748   1.000 29.01000  ? 276 HOH A O   1 
HETATM 775 O O   . HOH D 3 .  ? -10.10447 -3.05704  0.26999   1.000 25.07000  ? 277 HOH A O   1 
HETATM 776 O O   . HOH D 3 .  ? -14.90371 7.23715   -0.70649  1.000 27.77000  ? 278 HOH A O   1 
HETATM 777 O O   . HOH D 3 .  ? -10.64876 -4.57472  -13.70802 1.000 45.02000  ? 279 HOH A O   1 
HETATM 778 O O   . HOH D 3 .  ? -2.67664  3.66201   -12.46059 1.000 43.94000  ? 280 HOH A O   1 
HETATM 779 O O   . HOH D 3 .  ? -13.63362 0.79200   -9.12986  1.000 40.33000  ? 281 HOH A O   1 
HETATM 780 O O   . HOH D 3 .  ? -0.70884  -1.70630  11.49065  1.000 23.17000  ? 282 HOH A O   1 
HETATM 781 O O   . HOH D 3 .  ? 16.40881  -5.46150  -0.55970  1.000 38.64000  ? 283 HOH A O   1 
HETATM 782 O O   . HOH D 3 .  ? 8.63546   -13.31982 -4.81001  1.000 39.10000  ? 284 HOH A O   1 
HETATM 783 O O   . HOH D 3 .  ? 5.81034   -7.09832  -6.94208  1.000 43.76000  ? 285 HOH A O   1 
HETATM 784 O O   . HOH D 3 .  ? -1.11704  11.74125  6.12334   1.000 39.76000  ? 286 HOH A O   1 
HETATM 785 O O   . HOH D 3 .  ? -8.42916  3.93372   13.52270  1.000 41.20000  ? 287 HOH A O   1 
HETATM 786 O O   . HOH D 3 .  ? -11.33398 -2.62303  -1.73537  1.000 39.09000  ? 288 HOH A O   1 
HETATM 787 O O   . HOH D 3 .  ? -4.12820  6.77275   12.70299  1.000 42.85000  ? 289 HOH A O   1 
HETATM 788 O O   . HOH D 3 .  ? -13.43617 -3.03539  -5.56937  1.000 49.55000  ? 290 HOH A O   1 
HETATM 789 O O   . HOH D 3 .  ? -6.64301  -1.77209  -14.87838 1.000 43.96000  ? 291 HOH A O   1 
HETATM 790 O O   . HOH D 3 .  ? -2.60778  -6.94360  9.18798   1.000 42.26000  ? 292 HOH A O   1 
HETATM 791 O O   . HOH D 3 .  ? -2.31139  -0.15658  -10.95577 1.000 48.04000  ? 293 HOH A O   1 
HETATM 792 O O   . HOH D 3 .  ? 0.72499   2.81175   -12.24137 1.000 56.30000  ? 294 HOH A O   1 
HETATM 793 O O   . HOH D 3 .  ? -8.16065  7.89047   -7.75209  1.000 44.55000  ? 295 HOH A O   1 
HETATM 794 O O   . HOH D 3 .  ? 9.50631   -6.63163  16.19036  1.000 50.49000  ? 296 HOH A O   1 
HETATM 795 O O   . HOH D 3 .  ? -3.10206  -9.71484  -13.48113 1.000 61.39000  ? 297 HOH A O   1 
HETATM 796 O O   . HOH D 3 .  ? 11.80830  -8.38534  9.54381   1.000 49.86000  ? 298 HOH A O   1 
HETATM 797 O O   . HOH D 3 .  ? 12.20822  -8.84243  6.64531   1.000 38.29000  ? 299 HOH A O   1 
HETATM 798 O O   . HOH D 3 .  ? -3.11846  -1.25946  13.74232  1.000 43.01000  ? 300 HOH A O   1 
HETATM 799 O O   . HOH D 3 .  ? 10.64342  -5.07465  13.76323  1.000 42.52000  ? 301 HOH A O   1 
HETATM 800 O O   . HOH D 3 .  ? 7.50065   -9.24164  6.79262   1.000 48.74000  ? 302 HOH A O   1 
HETATM 801 O O   . HOH D 3 .  ? 0.66022   15.79987  -0.11013  1.000 42.25000  ? 303 HOH A O   1 
HETATM 802 O O   . HOH D 3 .  ? -1.77150  0.00662   19.13141  1.000 40.81000  ? 304 HOH A O   1 
HETATM 803 O O   . HOH D 3 .  ? -10.77936 -2.89205  5.02915   1.000 43.87000  ? 305 HOH A O   1 
HETATM 804 O O   . HOH D 3 .  ? 7.26929   -17.41695 -3.84161  1.000 40.11000  ? 306 HOH A O   1 
HETATM 805 O O   . HOH D 3 .  ? 9.41233   -3.97610  -6.97473  1.000 38.72000  ? 307 HOH A O   1 
HETATM 806 O O   . HOH D 3 .  ? 0.77572   12.42131  -10.73259 1.000 54.63000  ? 308 HOH A O   1 
HETATM 807 O O   . HOH D 3 .  ? -1.99501  6.93522   -11.70549 1.000 55.38000  ? 309 HOH A O   1 
HETATM 808 O O   . HOH D 3 .  ? -0.90990  6.19445   15.90077  1.000 47.45000  ? 310 HOH A O   1 
HETATM 809 O O   . HOH D 3 .  ? -13.12015 1.01987   8.65838   1.000 46.21000  ? 311 HOH A O   1 
HETATM 810 O O   . HOH D 3 .  ? -3.20178  -1.72981  10.81016  1.000 26.92000  ? 312 HOH A O   1 
HETATM 811 O O   . HOH D 3 .  ? -8.75996  -7.86368  2.93120   1.000 41.26000  ? 313 HOH A O   1 
HETATM 812 O O   . HOH D 3 .  ? -11.86782 -0.31560  10.10523  1.000 48.46000  ? 314 HOH A O   1 
HETATM 813 O O   . HOH D 3 .  ? -8.63046  1.22102   14.29173  1.000 37.34000  ? 315 HOH A O   1 
HETATM 814 O O   . HOH D 3 .  ? 2.56911   -8.07642  -12.33309 1.000 51.92000  ? 316 HOH A O   1 
HETATM 815 O O   . HOH D 3 .  ? -14.14500 -8.39394  -7.54172  1.000 55.06000  ? 317 HOH A O   1 
HETATM 816 O O   . HOH D 3 .  ? -6.74413  -0.75502  12.38774  1.000 36.29000  ? 318 HOH A O   1 
HETATM 817 O O   . HOH D 3 .  ? -11.42682 -6.14971  -3.15889  1.000 37.92000  ? 319 HOH A O   1 
HETATM 818 O O   . HOH D 3 .  ? 6.26801   13.81507  2.22763   1.000 46.03000  ? 320 HOH A O   1 
HETATM 819 O O   . HOH D 3 .  ? -5.27313  9.11083   -9.83476  1.000 56.41000  ? 321 HOH A O   1 
# 
loop_
_atom_site_anisotrop.id 
_atom_site_anisotrop.type_symbol 
_atom_site_anisotrop.pdbx_label_atom_id 
_atom_site_anisotrop.pdbx_label_alt_id 
_atom_site_anisotrop.pdbx_label_comp_id 
_atom_site_anisotrop.pdbx_label_asym_id 
_atom_site_anisotrop.pdbx_label_seq_id 
_atom_site_anisotrop.pdbx_PDB_ins_code 
_atom_site_anisotrop.U[1][1] 
_atom_site_anisotrop.U[2][2] 
_atom_site_anisotrop.U[3][3] 
_atom_site_anisotrop.U[1][2] 
_atom_site_anisotrop.U[1][3] 
_atom_site_anisotrop.U[2][3] 
_atom_site_anisotrop.pdbx_auth_seq_id 
_atom_site_anisotrop.pdbx_auth_comp_id 
_atom_site_anisotrop.pdbx_auth_asym_id 
_atom_site_anisotrop.pdbx_auth_atom_id 
21  N N   . GLY A 9  ? 0.25104 0.74757 0.64968 -0.02193 -0.13060 -0.11218 9  GLY A N   
22  C CA  . GLY A 9  ? 0.14821 0.46354 0.42985 -0.02433 -0.08237 -0.03765 9  GLY A CA  
23  C C   . GLY A 9  ? 0.15189 0.22680 0.23840 -0.02016 -0.04023 0.00545  9  GLY A C   
24  O O   . GLY A 9  ? 0.16968 0.16632 0.18031 -0.01937 -0.01686 0.01709  9  GLY A O   
25  N N   . LYS A 10 ? 0.13950 0.16977 0.23054 -0.00128 -0.03496 0.00715  10 LYS A N   
26  C CA  . LYS A 10 ? 0.14265 0.16226 0.20820 -0.00056 -0.02777 0.00829  10 LYS A CA  
27  C C   . LYS A 10 ? 0.14611 0.13093 0.18856 -0.00569 -0.02144 0.01843  10 LYS A C   
28  O O   . LYS A 10 ? 0.16109 0.14434 0.22226 -0.00161 -0.00069 0.02456  10 LYS A O   
29  C CB  . LYS A 10 ? 0.15115 0.17748 0.20437 0.00006  -0.03778 -0.00553 10 LYS A CB  
30  C CG  . LYS A 10 ? 0.16581 0.16168 0.19761 -0.00411 -0.02215 -0.00916 10 LYS A CG  
31  C CD  . LYS A 10 ? 0.18144 0.15371 0.19916 -0.00048 -0.02186 -0.00338 10 LYS A CD  
32  C CE  . LYS A 10 ? 0.19578 0.14526 0.21416 0.01056  0.00233  -0.00327 10 LYS A CE  
33  N NZ  . LYS A 10 ? 0.20079 0.18581 0.18940 -0.00812 0.01396  -0.01168 10 LYS A NZ  
34  N N   . LEU A 11 ? 0.14880 0.15250 0.17211 0.00850  -0.02603 0.01932  11 LEU A N   
35  C CA  . LEU A 11 ? 0.18651 0.19040 0.17249 0.02148  -0.00960 0.02411  11 LEU A CA  
36  C C   . LEU A 11 ? 0.16215 0.19470 0.17735 0.02663  0.00565  0.06142  11 LEU A C   
37  O O   . LEU A 11 ? 0.15218 0.24487 0.20275 0.01307  -0.00138 0.11062  11 LEU A O   
38  C CB  . LEU A 11 ? 0.29438 0.20711 0.18581 0.02784  -0.02001 0.01263  11 LEU A CB  
39  C CG  . LEU A 11 ? 0.31925 0.23313 0.19113 -0.02099 -0.01097 0.00460  11 LEU A CG  
40  C CD1 . LEU A 11 ? 0.27789 0.28218 0.14423 -0.02760 -0.01169 0.03481  11 LEU A CD1 
41  C CD2 . LEU A 11 ? 0.34530 0.23831 0.20039 -0.03729 0.00624  -0.00923 11 LEU A CD2 
42  N N   . PHE A 12 ? 0.15856 0.15423 0.17931 0.02566  0.00123  0.02163  12 PHE A N   
43  C CA  . PHE A 12 ? 0.16542 0.13608 0.14550 -0.00152 0.00768  0.00486  12 PHE A CA  
44  C C   . PHE A 12 ? 0.14595 0.12864 0.13430 0.01508  -0.00954 0.01597  12 PHE A C   
45  O O   . PHE A 12 ? 0.18322 0.15583 0.13675 0.02160  -0.00822 0.02825  12 PHE A O   
46  C CB  . PHE A 12 ? 0.18450 0.13433 0.18268 0.01206  0.00886  0.00821  12 PHE A CB  
47  C CG  . PHE A 12 ? 0.20193 0.11867 0.18801 0.00211  0.00556  0.01556  12 PHE A CG  
48  C CD1 . PHE A 12 ? 0.19886 0.15123 0.20200 -0.00496 -0.01309 -0.00955 12 PHE A CD1 
49  C CD2 . PHE A 12 ? 0.18949 0.15514 0.19797 -0.00026 0.00084  0.01694  12 PHE A CD2 
50  C CE1 . PHE A 12 ? 0.22187 0.14827 0.20177 -0.00313 -0.00621 -0.00514 12 PHE A CE1 
51  C CE2 . PHE A 12 ? 0.19749 0.16464 0.21237 -0.00333 -0.00702 0.02437  12 PHE A CE2 
52  C CZ  . PHE A 12 ? 0.20349 0.15639 0.21002 -0.01152 -0.00965 0.00302  12 PHE A CZ  
53  N N   . VAL A 13 ? 0.13719 0.13224 0.15277 0.01327  -0.01134 0.01246  13 VAL A N   
54  C CA  . VAL A 13 ? 0.14404 0.13929 0.16927 0.00485  -0.00788 0.01252  13 VAL A CA  
55  C C   . VAL A 13 ? 0.14091 0.15964 0.15295 0.00270  -0.01650 0.01570  13 VAL A C   
56  O O   . VAL A 13 ? 0.14779 0.18359 0.14772 0.00948  -0.01747 0.01308  13 VAL A O   
57  C CB  . VAL A 13 ? 0.15886 0.14535 0.18359 0.00134  -0.01136 -0.00296 13 VAL A CB  
58  C CG1 . VAL A 13 ? 0.17811 0.14217 0.19371 -0.00451 -0.00532 -0.01095 13 VAL A CG1 
59  C CG2 . VAL A 13 ? 0.13965 0.17639 0.20356 -0.01016 -0.00598 0.00472  13 VAL A CG2 
60  N N   . GLY A 14 ? 0.12403 0.16143 0.16654 -0.01224 -0.00675 0.01035  14 GLY A N   
61  C CA  . GLY A 14 ? 0.13822 0.16301 0.18487 -0.01316 -0.00835 0.01318  14 GLY A CA  
62  C C   . GLY A 14 ? 0.13966 0.16505 0.17749 0.00045  -0.00415 0.02664  14 GLY A C   
63  O O   . GLY A 14 ? 0.16333 0.16875 0.17243 0.00961  -0.01158 0.01182  14 GLY A O   
64  N N   . GLY A 15 ? 0.14129 0.17787 0.19535 0.00997  -0.00107 0.02790  15 GLY A N   
65  C CA  . GLY A 15 ? 0.16028 0.16453 0.21669 0.01069  0.00686  0.02475  15 GLY A CA  
66  C C   . GLY A 15 ? 0.15760 0.15276 0.20874 0.01467  0.01139  0.01457  15 GLY A C   
67  O O   . GLY A 15 ? 0.21279 0.17866 0.22965 0.03637  0.02244  0.00482  15 GLY A O   
68  N N   . LEU A 16 ? 0.14793 0.16287 0.18720 0.00874  0.00695  0.02700  16 LEU A N   
69  C CA  . LEU A 16 ? 0.18406 0.14229 0.18335 0.01264  -0.00373 0.03396  16 LEU A CA  
70  C C   . LEU A 16 ? 0.21752 0.17484 0.21585 0.03286  -0.00275 0.03953  16 LEU A C   
71  O O   . LEU A 16 ? 0.18163 0.21122 0.24065 0.03336  -0.01429 0.04005  16 LEU A O   
72  C CB  . LEU A 16 ? 0.15914 0.17299 0.19067 0.01626  -0.02518 0.01530  16 LEU A CB  
73  C CG  . LEU A 16 ? 0.15076 0.18635 0.19199 0.01549  -0.02522 0.01712  16 LEU A CG  
74  C CD1 . LEU A 16 ? 0.15947 0.20016 0.21097 0.00938  -0.00349 0.00355  16 LEU A CD1 
75  C CD2 . LEU A 16 ? 0.15829 0.23600 0.21020 0.01373  -0.03963 -0.01160 16 LEU A CD2 
76  N N   A SER A 17 ? 0.24768 0.17655 0.22567 0.04806  0.00789  0.04006  17 SER A N   
77  N N   B SER A 17 ? 0.21691 0.18591 0.23758 0.04193  -0.00256 0.03069  17 SER A N   
78  C CA  A SER A 17 ? 0.24923 0.19053 0.24074 0.05747  0.00531  0.04327  17 SER A CA  
79  C CA  B SER A 17 ? 0.20475 0.20372 0.25912 0.04691  -0.00508 0.02511  17 SER A CA  
80  C C   A SER A 17 ? 0.23217 0.17752 0.24661 0.03541  -0.00837 0.02910  17 SER A C   
81  C C   B SER A 17 ? 0.20089 0.20237 0.26344 0.03808  -0.00943 0.02479  17 SER A C   
82  O O   A SER A 17 ? 0.19410 0.14186 0.22014 0.02857  -0.01821 0.01831  17 SER A O   
83  O O   B SER A 17 ? 0.17552 0.19632 0.25916 0.04201  -0.00870 0.02048  17 SER A O   
84  C CB  A SER A 17 ? 0.27931 0.20095 0.24454 0.05762  0.02173  0.04587  17 SER A CB  
85  C CB  B SER A 17 ? 0.20725 0.21654 0.27401 0.04712  -0.00029 0.01410  17 SER A CB  
86  O OG  A SER A 17 ? 0.27778 0.18050 0.23662 0.05614  0.00847  0.04562  17 SER A OG  
87  O OG  B SER A 17 ? 0.20531 0.21708 0.28400 0.04791  -0.00395 0.00361  17 SER A OG  
88  N N   . TRP A 18 ? 0.20174 0.20282 0.26773 0.02944  -0.01455 0.03528  18 TRP A N   
89  C CA  . TRP A 18 ? 0.20258 0.22828 0.28094 0.02576  -0.06015 0.00924  18 TRP A CA  
90  C C   . TRP A 18 ? 0.19567 0.19401 0.24433 0.02538  -0.04729 0.01031  18 TRP A C   
91  O O   . TRP A 18 ? 0.24051 0.21357 0.24632 0.03045  -0.04145 -0.00456 18 TRP A O   
92  C CB  . TRP A 18 ? 0.27523 0.27856 0.33191 0.02819  -0.05830 0.00522  18 TRP A CB  
93  C CG  . TRP A 18 ? 0.32450 0.33705 0.38445 0.04140  -0.04475 -0.00026 18 TRP A CG  
94  C CD1 . TRP A 18 ? 0.32291 0.37800 0.40369 0.04986  -0.03814 -0.00559 18 TRP A CD1 
95  C CD2 . TRP A 18 ? 0.38087 0.36692 0.41500 0.05428  -0.03211 0.00174  18 TRP A CD2 
96  N NE1 . TRP A 18 ? 0.35996 0.37384 0.41589 0.04894  -0.03875 -0.00309 18 TRP A NE1 
97  C CE2 . TRP A 18 ? 0.38499 0.37343 0.42188 0.05500  -0.03923 0.00083  18 TRP A CE2 
98  C CE3 . TRP A 18 ? 0.42532 0.37251 0.43427 0.06335  -0.02658 0.01054  18 TRP A CE3 
99  C CZ2 . TRP A 18 ? 0.42564 0.37656 0.43590 0.05634  -0.03354 0.00436  18 TRP A CZ2 
100 C CZ3 . TRP A 18 ? 0.44241 0.38884 0.43915 0.06510  -0.02739 0.00695  18 TRP A CZ3 
101 C CH2 . TRP A 18 ? 0.44549 0.38496 0.43914 0.06074  -0.02849 0.00758  18 TRP A CH2 
102 N N   . GLU A 19 ? 0.20068 0.16421 0.22411 0.02032  -0.03360 0.00816  19 GLU A N   
103 C CA  . GLU A 19 ? 0.21662 0.16351 0.22027 0.02056  -0.02308 0.00647  19 GLU A CA  
104 C C   . GLU A 19 ? 0.20421 0.16182 0.19568 0.00680  -0.01331 0.00405  19 GLU A C   
105 O O   . GLU A 19 ? 0.21376 0.16987 0.22847 -0.00493 -0.01046 0.02019  19 GLU A O   
106 C CB  . GLU A 19 ? 0.21931 0.19757 0.23952 0.03127  -0.04598 -0.00600 19 GLU A CB  
107 C CG  . GLU A 19 ? 0.25789 0.21985 0.22746 0.03532  -0.02059 0.01879  19 GLU A CG  
108 C CD  . GLU A 19 ? 0.26348 0.24146 0.22655 0.04397  -0.00257 0.01472  19 GLU A CD  
109 O OE1 . GLU A 19 ? 0.21687 0.24333 0.24140 0.03158  0.00920  0.01305  19 GLU A OE1 
110 O OE2 . GLU A 19 ? 0.29601 0.26250 0.20888 0.04538  -0.00275 -0.00279 19 GLU A OE2 
111 N N   . THR A 20 ? 0.18546 0.14116 0.19788 0.02389  -0.00735 0.00329  20 THR A N   
112 C CA  . THR A 20 ? 0.18030 0.15039 0.19031 0.02549  -0.00806 0.01079  20 THR A CA  
113 C C   . THR A 20 ? 0.18265 0.15387 0.17168 0.02385  -0.02119 -0.00148 20 THR A C   
114 O O   . THR A 20 ? 0.18759 0.15709 0.19202 0.02556  -0.03069 -0.00390 20 THR A O   
115 C CB  . THR A 20 ? 0.18075 0.17871 0.18103 0.01294  -0.01127 0.01611  20 THR A CB  
116 O OG1 . THR A 20 ? 0.22495 0.17113 0.20102 0.00190  0.01291  0.01893  20 THR A OG1 
117 C CG2 . THR A 20 ? 0.18800 0.17685 0.19085 0.00857  -0.01884 0.02763  20 THR A CG2 
118 N N   . THR A 21 ? 0.15905 0.18037 0.17848 0.02225  -0.01051 0.00998  21 THR A N   
119 C CA  . THR A 21 ? 0.17389 0.16113 0.18388 0.03888  -0.01699 0.01357  21 THR A CA  
120 C C   . THR A 21 ? 0.18157 0.16155 0.17699 0.02814  -0.01215 0.00479  21 THR A C   
121 O O   . THR A 21 ? 0.18317 0.15632 0.16851 0.02441  -0.01274 0.01387  21 THR A O   
122 C CB  . THR A 21 ? 0.19757 0.16712 0.18250 0.02628  -0.02734 0.01009  21 THR A CB  
123 O OG1 . THR A 21 ? 0.19241 0.17278 0.16661 0.00364  -0.01390 0.02522  21 THR A OG1 
124 C CG2 . THR A 21 ? 0.19740 0.18408 0.18163 0.04440  -0.01852 0.02432  21 THR A CG2 
125 N N   . GLN A 22 ? 0.18504 0.17275 0.18041 0.02972  -0.01021 -0.01370 22 GLN A N   
126 C CA  . GLN A 22 ? 0.17246 0.18410 0.19534 0.02858  -0.01990 -0.02269 22 GLN A CA  
127 C C   . GLN A 22 ? 0.19386 0.16028 0.17386 0.02741  0.00619  0.00810  22 GLN A C   
128 O O   . GLN A 22 ? 0.17139 0.17256 0.17334 0.02466  -0.00878 0.00774  22 GLN A O   
129 C CB  . GLN A 22 ? 0.21330 0.21998 0.20232 0.03384  -0.00363 0.00315  22 GLN A CB  
130 C CG  . GLN A 22 ? 0.24746 0.22607 0.19847 0.02970  0.01424  0.02709  22 GLN A CG  
131 C CD  . GLN A 22 ? 0.27132 0.24453 0.20715 0.00679  0.02093  0.03263  22 GLN A CD  
132 O OE1 . GLN A 22 ? 0.26996 0.25070 0.20663 0.00869  0.01701  0.06309  22 GLN A OE1 
133 N NE2 . GLN A 22 ? 0.28009 0.28188 0.20332 0.01318  0.04049  0.03526  22 GLN A NE2 
134 N N   . GLU A 23 ? 0.17685 0.17667 0.14548 0.01916  -0.00222 0.00503  23 GLU A N   
135 C CA  . GLU A 23 ? 0.18799 0.17813 0.17208 0.01941  0.00042  0.01688  23 GLU A CA  
136 C C   . GLU A 23 ? 0.16923 0.15567 0.17580 0.01557  -0.00822 0.02244  23 GLU A C   
137 O O   . GLU A 23 ? 0.16245 0.14990 0.18386 0.01553  0.00453  0.03339  23 GLU A O   
138 C CB  . GLU A 23 ? 0.22495 0.20648 0.18167 0.02551  0.01955  0.02081  23 GLU A CB  
139 C CG  . GLU A 23 ? 0.29160 0.27856 0.19934 0.03905  0.03218  0.01223  23 GLU A CG  
140 C CD  . GLU A 23 ? 0.31572 0.30699 0.21510 0.05919  0.05049  0.01789  23 GLU A CD  
141 O OE1 . GLU A 23 ? 0.28954 0.28000 0.21846 0.08310  0.04429  0.04667  23 GLU A OE1 
142 O OE2 . GLU A 23 ? 0.36924 0.33657 0.25739 0.06189  0.05058  0.00394  23 GLU A OE2 
143 N N   . ASN A 24 ? 0.15784 0.14238 0.16928 0.02007  0.00669  0.02015  24 ASN A N   
144 C CA  . ASN A 24 ? 0.16389 0.15083 0.16478 0.03307  0.00623  0.01003  24 ASN A CA  
145 C C   . ASN A 24 ? 0.14419 0.14616 0.15715 0.01750  -0.00939 0.00305  24 ASN A C   
146 O O   . ASN A 24 ? 0.15705 0.14621 0.16464 0.02871  -0.01593 0.00349  24 ASN A O   
147 C CB  . ASN A 24 ? 0.19041 0.15180 0.17819 0.05753  0.00987  0.00726  24 ASN A CB  
148 C CG  . ASN A 24 ? 0.18550 0.16080 0.19330 0.04157  0.00964  0.01708  24 ASN A CG  
149 O OD1 . ASN A 24 ? 0.20547 0.20072 0.17112 0.03537  -0.01760 0.00370  24 ASN A OD1 
150 N ND2 . ASN A 24 ? 0.21905 0.17809 0.22466 0.03105  0.02958  0.01190  24 ASN A ND2 
151 N N   . LEU A 25 ? 0.15566 0.13008 0.15786 0.02010  -0.00644 0.01013  25 LEU A N   
152 C CA  . LEU A 25 ? 0.14199 0.14531 0.16210 0.01188  -0.02123 0.01172  25 LEU A CA  
153 C C   . LEU A 25 ? 0.14530 0.13230 0.15610 0.00795  -0.01866 0.00730  25 LEU A C   
154 O O   . LEU A 25 ? 0.14898 0.13817 0.17215 0.01455  -0.01412 0.02074  25 LEU A O   
155 C CB  . LEU A 25 ? 0.15835 0.15694 0.17132 0.00547  -0.00835 0.01173  25 LEU A CB  
156 C CG  . LEU A 25 ? 0.15486 0.15554 0.17950 0.00968  -0.02361 0.02399  25 LEU A CG  
157 C CD1 . LEU A 25 ? 0.19641 0.16413 0.19277 0.00962  -0.00294 0.04035  25 LEU A CD1 
158 C CD2 . LEU A 25 ? 0.16016 0.17157 0.18757 0.00449  -0.03427 -0.00158 25 LEU A CD2 
159 N N   . SER A 26 ? 0.13597 0.17122 0.17042 0.00478  0.01192  0.01721  26 SER A N   
160 C CA  . SER A 26 ? 0.14595 0.18426 0.17409 0.00763  0.00902  0.00969  26 SER A CA  
161 C C   . SER A 26 ? 0.16297 0.19276 0.15967 -0.00695 0.00237  0.01726  26 SER A C   
162 O O   . SER A 26 ? 0.14153 0.23838 0.18229 0.00301  -0.00461 0.01435  26 SER A O   
163 C CB  . SER A 26 ? 0.14390 0.22935 0.20025 0.01271  0.02730  0.01072  26 SER A CB  
164 O OG  . SER A 26 ? 0.15130 0.29266 0.23374 0.00868  0.01409  0.00455  26 SER A OG  
165 N N   . ARG A 27 ? 0.17560 0.16841 0.19720 -0.01125 -0.00324 0.01659  27 ARG A N   
166 C CA  . ARG A 27 ? 0.19679 0.17803 0.19198 -0.01503 -0.00885 0.01139  27 ARG A CA  
167 C C   . ARG A 27 ? 0.16058 0.19587 0.19086 -0.01600 -0.00524 0.00558  27 ARG A C   
168 O O   . ARG A 27 ? 0.19278 0.22306 0.19686 -0.02779 -0.02783 0.00163  27 ARG A O   
169 C CB  . ARG A 27 ? 0.23307 0.17163 0.21320 -0.02989 -0.01951 0.00381  27 ARG A CB  
170 C CG  . ARG A 27 ? 0.27346 0.18101 0.25164 -0.02838 -0.02122 -0.00292 27 ARG A CG  
171 C CD  . ARG A 27 ? 0.27772 0.23019 0.26509 -0.02339 -0.01834 -0.00121 27 ARG A CD  
172 N NE  . ARG A 27 ? 0.30982 0.25852 0.25106 -0.00715 -0.01462 -0.00047 27 ARG A NE  
173 C CZ  . ARG A 27 ? 0.34049 0.28482 0.24088 0.00454  -0.02504 -0.01668 27 ARG A CZ  
174 N NH1 . ARG A 27 ? 0.36389 0.28303 0.25619 0.01056  -0.04791 -0.04196 27 ARG A NH1 
175 N NH2 . ARG A 27 ? 0.34867 0.28997 0.22496 0.01196  -0.02467 0.00555  27 ARG A NH2 
176 N N   . TYR A 28 ? 0.16609 0.16058 0.18903 0.00320  0.00980  0.01434  28 TYR A N   
177 C CA  . TYR A 28 ? 0.15875 0.16858 0.17317 0.00808  0.01470  0.00519  28 TYR A CA  
178 C C   . TYR A 28 ? 0.17121 0.17373 0.14916 -0.00485 -0.00204 -0.00539 28 TYR A C   
179 O O   . TYR A 28 ? 0.20154 0.16852 0.16654 0.00904  -0.01650 -0.01272 28 TYR A O   
180 C CB  . TYR A 28 ? 0.15217 0.19357 0.17416 0.00740  0.01971  -0.00265 28 TYR A CB  
181 C CG  . TYR A 28 ? 0.19349 0.17834 0.18097 -0.00472 0.02605  -0.01016 28 TYR A CG  
182 C CD1 . TYR A 28 ? 0.24369 0.18686 0.21255 0.01082  0.05610  -0.00505 28 TYR A CD1 
183 C CD2 . TYR A 28 ? 0.18243 0.19419 0.18128 -0.01900 0.00876  -0.00384 28 TYR A CD2 
184 C CE1 . TYR A 28 ? 0.31180 0.18825 0.20125 -0.00344 0.04616  -0.00316 28 TYR A CE1 
185 C CE2 . TYR A 28 ? 0.22864 0.20798 0.18388 -0.02391 0.01000  -0.01569 28 TYR A CE2 
186 C CZ  . TYR A 28 ? 0.29249 0.20479 0.17963 -0.01667 0.03549  -0.00228 28 TYR A CZ  
187 O OH  . TYR A 28 ? 0.33693 0.24219 0.18828 -0.02014 0.04663  0.00747  28 TYR A OH  
188 N N   . PHE A 29 ? 0.14392 0.14970 0.17237 0.00438  -0.00047 -0.00012 29 PHE A N   
189 C CA  . PHE A 29 ? 0.15647 0.14831 0.17191 0.00294  -0.00040 -0.00222 29 PHE A CA  
190 C C   . PHE A 29 ? 0.15793 0.15722 0.17545 0.01074  -0.00862 -0.00798 29 PHE A C   
191 O O   . PHE A 29 ? 0.14665 0.17487 0.16818 0.01315  -0.01827 -0.01315 29 PHE A O   
192 C CB  . PHE A 29 ? 0.15631 0.14838 0.17772 0.00251  -0.01423 -0.00539 29 PHE A CB  
193 C CG  . PHE A 29 ? 0.14356 0.15298 0.17046 -0.00604 -0.02028 0.01287  29 PHE A CG  
194 C CD1 . PHE A 29 ? 0.18957 0.17008 0.17155 -0.00947 -0.02475 0.03489  29 PHE A CD1 
195 C CD2 . PHE A 29 ? 0.13393 0.14627 0.18281 -0.00511 -0.03204 0.00515  29 PHE A CD2 
196 C CE1 . PHE A 29 ? 0.18875 0.17610 0.18794 -0.01497 -0.02077 0.02918  29 PHE A CE1 
197 C CE2 . PHE A 29 ? 0.15752 0.15366 0.16882 0.00900  -0.01606 0.01602  29 PHE A CE2 
198 C CZ  . PHE A 29 ? 0.17163 0.16136 0.18651 -0.00029 -0.02416 0.02929  29 PHE A CZ  
199 N N   . CYS A 30 ? 0.12789 0.18670 0.19691 -0.00213 0.00347  -0.01063 30 CYS A N   
200 C CA  . CYS A 30 ? 0.15947 0.20265 0.19398 -0.02012 0.01298  -0.00198 30 CYS A CA  
201 C C   . CYS A 30 ? 0.14971 0.17507 0.24012 -0.00586 0.00288  -0.02081 30 CYS A C   
202 O O   . CYS A 30 ? 0.14267 0.19542 0.25611 -0.01944 0.00369  -0.02861 30 CYS A O   
203 C CB  . CYS A 30 ? 0.15375 0.31263 0.22462 -0.02793 0.00401  -0.00091 30 CYS A CB  
204 S SG  . CYS A 30 ? 0.21785 0.30065 0.25240 -0.02108 -0.00683 0.02174  30 CYS A SG  
205 N N   . ARG A 31 ? 0.15319 0.18132 0.25019 0.00777  -0.01123 -0.04801 31 ARG A N   
206 C CA  . ARG A 31 ? 0.16864 0.21811 0.26606 0.02049  -0.00856 -0.06554 31 ARG A CA  
207 C C   . ARG A 31 ? 0.16243 0.23734 0.22033 0.00039  -0.02110 -0.07786 31 ARG A C   
208 O O   . ARG A 31 ? 0.20619 0.26058 0.23303 -0.00117 -0.04826 -0.09560 31 ARG A O   
209 C CB  . ARG A 31 ? 0.22040 0.26036 0.33414 0.04407  0.02641  -0.06197 31 ARG A CB  
210 C CG  . ARG A 31 ? 0.23841 0.30860 0.41959 0.07839  0.05170  -0.05799 31 ARG A CG  
211 C CD  . ARG A 31 ? 0.29598 0.36505 0.50227 0.09478  0.08081  -0.04860 31 ARG A CD  
212 N NE  . ARG A 31 ? 0.33800 0.40014 0.56147 0.10952  0.08747  -0.04834 31 ARG A NE  
213 C CZ  . ARG A 31 ? 0.37419 0.41838 0.59803 0.12476  0.08753  -0.05743 31 ARG A CZ  
214 N NH1 . ARG A 31 ? 0.38002 0.41851 0.60987 0.13233  0.08955  -0.06014 31 ARG A NH1 
215 N NH2 . ARG A 31 ? 0.37363 0.42690 0.61067 0.12981  0.09071  -0.05698 31 ARG A NH2 
216 N N   . PHE A 32 ? 0.16695 0.20487 0.15328 -0.02430 0.00589  -0.04547 32 PHE A N   
217 C CA  . PHE A 32 ? 0.16366 0.22039 0.15755 -0.01277 -0.00012 -0.02383 32 PHE A CA  
218 C C   . PHE A 32 ? 0.16445 0.20896 0.15719 -0.00379 0.00574  0.00015  32 PHE A C   
219 O O   . PHE A 32 ? 0.19905 0.23881 0.15533 0.02264  0.01289  0.03104  32 PHE A O   
220 C CB  . PHE A 32 ? 0.16754 0.23418 0.17088 -0.00901 0.00995  -0.01986 32 PHE A CB  
221 C CG  . PHE A 32 ? 0.17744 0.22528 0.16517 -0.02299 0.00311  -0.02978 32 PHE A CG  
222 C CD1 . PHE A 32 ? 0.20151 0.22495 0.15104 -0.03381 0.00499  -0.03129 32 PHE A CD1 
223 C CD2 . PHE A 32 ? 0.15342 0.29561 0.19207 -0.00636 0.01564  -0.02317 32 PHE A CD2 
224 C CE1 . PHE A 32 ? 0.20990 0.26503 0.14856 -0.03770 0.01601  -0.02947 32 PHE A CE1 
225 C CE2 . PHE A 32 ? 0.19194 0.29876 0.20590 -0.01929 0.02632  -0.01960 32 PHE A CE2 
226 C CZ  . PHE A 32 ? 0.20833 0.27333 0.18645 -0.03411 0.02169  -0.03060 32 PHE A CZ  
227 N N   . GLY A 33 ? 0.14090 0.17829 0.16431 -0.01732 0.00311  -0.00387 33 GLY A N   
228 C CA  . GLY A 33 ? 0.13771 0.21397 0.16262 0.00104  0.01067  0.00501  33 GLY A CA  
229 C C   . GLY A 33 ? 0.15569 0.15623 0.17858 -0.00270 -0.00333 -0.00676 33 GLY A C   
230 O O   . GLY A 33 ? 0.15147 0.18099 0.18524 0.01031  -0.00175 -0.00782 33 GLY A O   
231 N N   . ASP A 34 ? 0.13921 0.15929 0.16839 -0.01234 -0.00365 -0.00334 34 ASP A N   
232 C CA  . ASP A 34 ? 0.12241 0.17519 0.17249 -0.00801 -0.00351 0.00681  34 ASP A CA  
233 C C   . ASP A 34 ? 0.11947 0.15275 0.17038 0.00233  0.00716  0.01332  34 ASP A C   
234 O O   . ASP A 34 ? 0.14372 0.14603 0.16786 -0.00311 -0.00965 0.00477  34 ASP A O   
235 C CB  . ASP A 34 ? 0.13114 0.17469 0.19428 -0.02243 -0.00918 -0.00045 34 ASP A CB  
236 C CG  . ASP A 34 ? 0.13324 0.15892 0.22773 0.00767  -0.01786 -0.00034 34 ASP A CG  
237 O OD1 . ASP A 34 ? 0.14370 0.18007 0.21563 -0.01090 0.00052  0.01666  34 ASP A OD1 
238 O OD2 . ASP A 34 ? 0.16922 0.17788 0.23290 -0.01118 -0.03375 -0.01530 34 ASP A OD2 
239 N N   . ILE A 35 ? 0.12926 0.14674 0.15210 -0.00092 -0.00398 0.00154  35 ILE A N   
240 C CA  . ILE A 35 ? 0.12184 0.16501 0.14255 -0.00235 0.00062  0.00150  35 ILE A CA  
241 C C   . ILE A 35 ? 0.13671 0.15810 0.14279 0.00150  0.00259  0.01761  35 ILE A C   
242 O O   . ILE A 35 ? 0.16636 0.15971 0.15282 -0.00440 0.00329  0.01093  35 ILE A O   
243 C CB  . ILE A 35 ? 0.13584 0.17026 0.15699 0.00072  -0.00916 -0.01249 35 ILE A CB  
244 C CG1 . ILE A 35 ? 0.14653 0.20348 0.17599 -0.00046 0.00598  -0.02735 35 ILE A CG1 
245 C CG2 . ILE A 35 ? 0.12329 0.18584 0.18097 -0.00721 -0.01324 -0.01465 35 ILE A CG2 
246 C CD1 . ILE A 35 ? 0.14916 0.21474 0.20200 0.00473  0.02596  -0.04245 35 ILE A CD1 
247 N N   . ILE A 36 ? 0.12832 0.17079 0.13760 0.00951  -0.00205 -0.00281 36 ILE A N   
248 C CA  . ILE A 36 ? 0.13849 0.17058 0.14353 0.00328  0.00807  -0.00166 36 ILE A CA  
249 C C   . ILE A 36 ? 0.14511 0.17469 0.14770 -0.01232 0.00457  -0.00015 36 ILE A C   
250 O O   . ILE A 36 ? 0.15765 0.21559 0.15206 -0.01463 0.01210  -0.00353 36 ILE A O   
251 C CB  . ILE A 36 ? 0.16037 0.16522 0.17621 0.01065  0.00991  0.00616  36 ILE A CB  
252 C CG1 . ILE A 36 ? 0.20446 0.16720 0.18854 0.02864  0.01462  0.03070  36 ILE A CG1 
253 C CG2 . ILE A 36 ? 0.14362 0.22987 0.18481 0.01176  -0.00313 -0.00056 36 ILE A CG2 
254 C CD1 . ILE A 36 ? 0.22477 0.17453 0.23210 0.03685  0.01917  0.01817  36 ILE A CD1 
255 N N   . ASP A 37 ? 0.12569 0.16816 0.15435 0.00440  -0.00115 0.01599  37 ASP A N   
256 C CA  . ASP A 37 ? 0.15147 0.17014 0.15539 -0.00853 -0.00911 0.01528  37 ASP A CA  
257 C C   . ASP A 37 ? 0.13948 0.17658 0.14734 -0.00559 -0.01572 0.01857  37 ASP A C   
258 O O   . ASP A 37 ? 0.15523 0.17484 0.14563 0.01118  -0.01290 0.02017  37 ASP A O   
259 C CB  . ASP A 37 ? 0.14349 0.23328 0.16823 -0.02862 -0.01671 -0.00645 37 ASP A CB  
260 C CG  . ASP A 37 ? 0.18645 0.29600 0.20415 -0.03751 -0.01014 0.00237  37 ASP A CG  
261 O OD1 . ASP A 37 ? 0.22840 0.33445 0.22405 -0.03113 -0.01383 0.02102  37 ASP A OD1 
262 O OD2 . ASP A 37 ? 0.21580 0.31389 0.21530 -0.04244 -0.02512 0.00581  37 ASP A OD2 
263 N N   . CYS A 38 ? 0.14890 0.17531 0.15569 -0.00620 -0.01276 0.02145  38 CYS A N   
264 C CA  . CYS A 38 ? 0.14448 0.16395 0.17287 0.00863  -0.02135 0.02833  38 CYS A CA  
265 C C   . CYS A 38 ? 0.17225 0.19545 0.17750 0.00423  -0.01201 0.06910  38 CYS A C   
266 O O   . CYS A 38 ? 0.18102 0.23804 0.22305 -0.02050 -0.03553 0.08447  38 CYS A O   
267 C CB  . CYS A 38 ? 0.17554 0.17274 0.23152 0.01991  0.00437  0.01445  38 CYS A CB  
268 S SG  . CYS A 38 ? 0.20569 0.18137 0.26614 0.03908  0.02716  0.01952  38 CYS A SG  
269 N N   . VAL A 39 ? 0.14513 0.17851 0.17887 -0.00016 -0.01984 0.04655  39 VAL A N   
270 C CA  . VAL A 39 ? 0.15263 0.21246 0.16161 0.00958  -0.02227 0.03991  39 VAL A CA  
271 C C   . VAL A 39 ? 0.14445 0.19177 0.16427 0.00848  -0.02387 0.04530  39 VAL A C   
272 O O   . VAL A 39 ? 0.16565 0.19886 0.18099 0.01222  -0.02176 0.06893  39 VAL A O   
273 C CB  . VAL A 39 ? 0.19307 0.23731 0.18772 0.00490  -0.02397 0.01436  39 VAL A CB  
274 C CG1 . VAL A 39 ? 0.24060 0.29091 0.21959 0.01647  0.00445  0.00736  39 VAL A CG1 
275 C CG2 . VAL A 39 ? 0.22951 0.21328 0.20851 0.01263  -0.02353 0.00292  39 VAL A CG2 
276 N N   . VAL A 40 ? 0.15240 0.16893 0.16086 0.00629  -0.02777 0.03002  40 VAL A N   
277 C CA  . VAL A 40 ? 0.14892 0.16963 0.17305 0.01961  -0.04104 0.01277  40 VAL A CA  
278 C C   . VAL A 40 ? 0.17060 0.17775 0.15685 0.01356  -0.02773 0.02873  40 VAL A C   
279 O O   . VAL A 40 ? 0.19846 0.19541 0.15172 0.00299  -0.02858 0.02952  40 VAL A O   
280 C CB  . VAL A 40 ? 0.16395 0.17713 0.19561 0.02727  -0.04964 0.00653  40 VAL A CB  
281 C CG1 . VAL A 40 ? 0.16778 0.18717 0.19515 0.03247  -0.03540 -0.02215 40 VAL A CG1 
282 C CG2 . VAL A 40 ? 0.21187 0.19193 0.20720 0.02092  -0.03722 0.00038  40 VAL A CG2 
283 N N   . MET A 41 ? 0.16310 0.16451 0.17199 0.00912  -0.03757 0.01346  41 MET A N   
284 C CA  . MET A 41 ? 0.19201 0.16753 0.16747 0.00718  -0.06180 0.00759  41 MET A CA  
285 C C   . MET A 41 ? 0.20953 0.19208 0.18299 0.01714  -0.07613 0.00158  41 MET A C   
286 O O   . MET A 41 ? 0.19033 0.20403 0.19554 0.01398  -0.05745 0.00897  41 MET A O   
287 C CB  . MET A 41 ? 0.20712 0.17251 0.19377 0.01783  -0.05655 0.00171  41 MET A CB  
288 C CG  . MET A 41 ? 0.22286 0.24049 0.19115 0.04657  -0.02817 0.00820  41 MET A CG  
289 S SD  . MET A 41 ? 0.25183 0.34234 0.22022 0.10543  -0.02292 0.01456  41 MET A SD  
290 C CE  . MET A 41 ? 0.30385 0.36970 0.26365 0.10259  -0.02133 -0.00961 41 MET A CE  
291 N N   . LYS A 42 ? 0.23016 0.20957 0.18057 0.00549  -0.08555 0.00578  42 LYS A N   
292 C CA  . LYS A 42 ? 0.26047 0.23001 0.18772 -0.00452 -0.10364 0.02028  42 LYS A CA  
293 C C   . LYS A 42 ? 0.28117 0.25281 0.18843 -0.01388 -0.10342 0.03015  42 LYS A C   
294 O O   . LYS A 42 ? 0.27113 0.24510 0.20558 -0.01500 -0.09312 0.01665  42 LYS A O   
295 C CB  . LYS A 42 ? 0.27967 0.23584 0.24838 0.00122  -0.09407 0.02226  42 LYS A CB  
296 C CG  . LYS A 42 ? 0.29936 0.24898 0.27906 0.00694  -0.09483 0.01114  42 LYS A CG  
297 C CD  . LYS A 42 ? 0.28993 0.26348 0.26259 0.00139  -0.09043 0.00913  42 LYS A CD  
298 C CE  . LYS A 42 ? 0.27064 0.22789 0.26417 -0.00195 -0.10298 0.01757  42 LYS A CE  
299 N NZ  . LYS A 42 ? 0.28236 0.22163 0.24971 -0.00114 -0.07139 0.04973  42 LYS A NZ  
300 N N   . ASN A 43 ? 0.26692 0.31173 0.22735 -0.02631 -0.12382 0.02367  43 ASN A N   
301 C CA  . ASN A 43 ? 0.31311 0.42854 0.27894 -0.02524 -0.14415 0.01339  43 ASN A CA  
302 C C   . ASN A 43 ? 0.40360 0.51214 0.28495 -0.00572 -0.15414 0.02140  43 ASN A C   
303 O O   . ASN A 43 ? 0.40579 0.52441 0.24219 -0.00708 -0.15818 0.03355  43 ASN A O   
304 C CB  . ASN A 43 ? 0.28982 0.47983 0.32465 -0.03702 -0.14942 -0.00370 43 ASN A CB  
305 C CG  . ASN A 43 ? 0.31604 0.51364 0.37712 -0.04118 -0.12755 0.00302  43 ASN A CG  
306 O OD1 . ASN A 43 ? 0.36440 0.53155 0.41095 -0.02866 -0.09980 0.01789  43 ASN A OD1 
307 N ND2 . ASN A 43 ? 0.31246 0.52650 0.37204 -0.05239 -0.13650 -0.00668 43 ASN A ND2 
308 N N   . ASN A 44 ? 0.50587 0.57701 0.32492 0.00989  -0.14508 0.02363  44 ASN A N   
309 C CA  . ASN A 44 ? 0.61592 0.63110 0.39148 0.04025  -0.11786 0.04181  44 ASN A CA  
310 C C   . ASN A 44 ? 0.65111 0.65354 0.40604 0.03902  -0.13848 0.03247  44 ASN A C   
311 O O   . ASN A 44 ? 0.66008 0.66586 0.40687 0.03214  -0.13699 0.03235  44 ASN A O   
312 C CB  . ASN A 44 ? 0.67782 0.65881 0.44268 0.06999  -0.07645 0.06395  44 ASN A CB  
313 C CG  . ASN A 44 ? 0.73241 0.67555 0.49135 0.09372  -0.04276 0.08244  44 ASN A CG  
314 O OD1 . ASN A 44 ? 0.75282 0.68842 0.51097 0.10089  -0.03197 0.08221  44 ASN A OD1 
315 N ND2 . ASN A 44 ? 0.75113 0.67741 0.50975 0.10152  -0.03198 0.08997  44 ASN A ND2 
316 N N   . GLU A 45 ? 0.66857 0.66166 0.42536 0.05040  -0.16473 0.02121  45 GLU A N   
317 C CA  . GLU A 45 ? 0.68679 0.66762 0.45289 0.06485  -0.18032 0.01472  45 GLU A CA  
318 C C   . GLU A 45 ? 0.66502 0.66605 0.40893 0.07486  -0.19959 0.01212  45 GLU A C   
319 O O   . GLU A 45 ? 0.68958 0.68681 0.40041 0.07516  -0.20479 0.00456  45 GLU A O   
320 C CB  . GLU A 45 ? 0.71672 0.67400 0.52798 0.06711  -0.17492 0.00919  45 GLU A CB  
321 C CG  . GLU A 45 ? 0.74020 0.68274 0.59617 0.06903  -0.16963 0.00179  45 GLU A CG  
322 C CD  . GLU A 45 ? 0.75596 0.69495 0.65890 0.07334  -0.16487 -0.00654 45 GLU A CD  
323 O OE1 . GLU A 45 ? 0.76394 0.70214 0.68002 0.07465  -0.16127 -0.01051 45 GLU A OE1 
324 O OE2 . GLU A 45 ? 0.75957 0.69706 0.68068 0.07470  -0.16421 -0.00857 45 GLU A OE2 
325 N N   . SER A 46 ? 0.59933 0.64201 0.36786 0.08298  -0.21897 0.01464  46 SER A N   
326 C CA  . SER A 46 ? 0.53603 0.59690 0.34727 0.09642  -0.21549 0.03606  46 SER A CA  
327 C C   . SER A 46 ? 0.54098 0.54836 0.31756 0.09543  -0.17111 0.06656  46 SER A C   
328 O O   . SER A 46 ? 0.56583 0.53523 0.30544 0.10258  -0.15711 0.09292  46 SER A O   
329 C CB  . SER A 46 ? 0.48411 0.59618 0.37801 0.10547  -0.22782 0.02977  46 SER A CB  
330 O OG  . SER A 46 ? 0.44413 0.59139 0.39728 0.10168  -0.22834 0.02594  46 SER A OG  
331 N N   . GLY A 47 ? 0.51032 0.49852 0.28316 0.08947  -0.15162 0.08289  47 GLY A N   
332 C CA  . GLY A 47 ? 0.48409 0.44358 0.28203 0.08088  -0.13057 0.08293  47 GLY A CA  
333 C C   . GLY A 47 ? 0.43192 0.38871 0.28307 0.08545  -0.13318 0.08372  47 GLY A C   
334 O O   . GLY A 47 ? 0.43211 0.37843 0.30726 0.08345  -0.11116 0.09011  47 GLY A O   
335 N N   . ARG A 48 ? 0.40327 0.36254 0.28489 0.08416  -0.14192 0.06456  48 ARG A N   
336 C CA  . ARG A 48 ? 0.38514 0.35699 0.28757 0.08810  -0.12020 0.06292  48 ARG A CA  
337 C C   . ARG A 48 ? 0.31251 0.27631 0.25487 0.06166  -0.10983 0.03747  48 ARG A C   
338 O O   . ARG A 48 ? 0.30510 0.28096 0.22994 0.04985  -0.11182 0.01612  48 ARG A O   
339 C CB  . ARG A 48 ? 0.41627 0.45927 0.34406 0.12090  -0.12581 0.06380  48 ARG A CB  
340 C CG  . ARG A 48 ? 0.47154 0.56175 0.41411 0.13240  -0.12368 0.04568  48 ARG A CG  
341 C CD  . ARG A 48 ? 0.53294 0.65107 0.47090 0.13579  -0.11899 0.02819  48 ARG A CD  
342 N NE  . ARG A 48 ? 0.59276 0.72302 0.51603 0.14031  -0.11435 0.01823  48 ARG A NE  
343 C CZ  . ARG A 48 ? 0.64238 0.77300 0.54682 0.14289  -0.10770 0.01484  48 ARG A CZ  
344 N NH1 . ARG A 48 ? 0.66436 0.78726 0.55579 0.14620  -0.10574 0.01456  48 ARG A NH1 
345 N NH2 . ARG A 48 ? 0.65568 0.78920 0.55883 0.14115  -0.10427 0.01255  48 ARG A NH2 
346 N N   . SER A 49 ? 0.23308 0.23958 0.24074 0.04893  -0.10138 0.01398  49 SER A N   
347 C CA  . SER A 49 ? 0.21294 0.21387 0.22529 0.02180  -0.06520 0.00622  49 SER A CA  
348 C C   . SER A 49 ? 0.17063 0.22443 0.22754 0.02437  -0.06145 0.00320  49 SER A C   
349 O O   . SER A 49 ? 0.17710 0.26417 0.25363 0.02211  -0.06157 -0.00529 49 SER A O   
350 C CB  . SER A 49 ? 0.21577 0.20626 0.20708 0.01759  -0.05408 -0.01226 49 SER A CB  
351 O OG  . SER A 49 ? 0.19012 0.18149 0.19949 0.01167  -0.03698 -0.00320 49 SER A OG  
352 N N   . ARG A 50 ? 0.19369 0.17428 0.20623 0.02161  -0.06126 0.00216  50 ARG A N   
353 C CA  . ARG A 50 ? 0.18771 0.19625 0.22194 0.02501  -0.05670 0.00391  50 ARG A CA  
354 C C   . ARG A 50 ? 0.15952 0.20832 0.22146 0.00787  -0.04771 -0.00254 50 ARG A C   
355 O O   . ARG A 50 ? 0.17486 0.23164 0.23380 -0.00385 -0.04436 0.00575  50 ARG A O   
356 C CB  . ARG A 50 ? 0.19850 0.20059 0.20771 0.02034  -0.07435 -0.00303 50 ARG A CB  
357 C CG  . ARG A 50 ? 0.21130 0.20691 0.20909 0.01533  -0.07615 -0.01067 50 ARG A CG  
358 C CD  . ARG A 50 ? 0.24305 0.17658 0.20886 0.00574  -0.06505 -0.00227 50 ARG A CD  
359 N NE  . ARG A 50 ? 0.23428 0.15642 0.20860 -0.00218 -0.06890 0.00214  50 ARG A NE  
360 C CZ  . ARG A 50 ? 0.22136 0.17218 0.18626 -0.01307 -0.05659 0.00715  50 ARG A CZ  
361 N NH1 . ARG A 50 ? 0.22594 0.21039 0.17656 -0.00179 -0.05622 -0.01095 50 ARG A NH1 
362 N NH2 . ARG A 50 ? 0.22947 0.17528 0.20705 -0.01814 -0.05759 0.01180  50 ARG A NH2 
363 N N   . GLY A 51 ? 0.15865 0.20029 0.20156 0.01614  -0.04335 -0.01671 51 GLY A N   
364 C CA  . GLY A 51 ? 0.16257 0.22050 0.19234 0.01743  -0.02991 -0.01462 51 GLY A CA  
365 C C   . GLY A 51 ? 0.15342 0.20551 0.17057 0.00081  -0.02463 -0.01062 51 GLY A C   
366 O O   . GLY A 51 ? 0.16795 0.20069 0.17136 -0.00307 -0.01204 -0.00972 51 GLY A O   
367 N N   . PHE A 52 ? 0.14568 0.18544 0.17568 -0.00315 -0.03638 -0.00260 52 PHE A N   
368 C CA  . PHE A 52 ? 0.14890 0.17822 0.17328 0.00290  -0.02250 0.01491  52 PHE A CA  
369 C C   . PHE A 52 ? 0.15854 0.16704 0.15262 0.00120  -0.02648 0.00577  52 PHE A C   
370 O O   . PHE A 52 ? 0.15646 0.18617 0.14307 0.00216  -0.03271 -0.00473 52 PHE A O   
371 C CB  . PHE A 52 ? 0.16074 0.18031 0.17626 0.00305  -0.03267 0.00429  52 PHE A CB  
372 C CG  . PHE A 52 ? 0.15595 0.17700 0.17186 -0.00729 -0.02618 0.01279  52 PHE A CG  
373 C CD1 . PHE A 52 ? 0.17580 0.20234 0.16915 0.00072  -0.03629 -0.00194 52 PHE A CD1 
374 C CD2 . PHE A 52 ? 0.18348 0.17939 0.17603 -0.00572 -0.02655 0.00746  52 PHE A CD2 
375 C CE1 . PHE A 52 ? 0.20833 0.19826 0.21312 0.02068  -0.05690 -0.01166 52 PHE A CE1 
376 C CE2 . PHE A 52 ? 0.19719 0.19467 0.18585 0.00367  -0.03987 -0.00046 52 PHE A CE2 
377 C CZ  . PHE A 52 ? 0.20015 0.19124 0.19981 0.00557  -0.05774 -0.01009 52 PHE A CZ  
378 N N   . GLY A 53 ? 0.14406 0.17556 0.14078 0.00436  -0.02174 0.00928  53 GLY A N   
379 C CA  . GLY A 53 ? 0.14326 0.18453 0.14510 0.00695  -0.01292 0.01108  53 GLY A CA  
380 C C   . GLY A 53 ? 0.15774 0.15318 0.12508 -0.00426 -0.01462 0.01037  53 GLY A C   
381 O O   . GLY A 53 ? 0.14254 0.15557 0.13728 -0.00456 -0.00882 -0.00065 53 GLY A O   
382 N N   . PHE A 54 ? 0.13286 0.15033 0.13281 0.00212  -0.01855 0.00923  54 PHE A N   
383 C CA  . PHE A 54 ? 0.13453 0.14278 0.14998 0.01960  -0.02458 0.00933  54 PHE A CA  
384 C C   . PHE A 54 ? 0.14179 0.15034 0.13527 0.00717  -0.01368 0.03317  54 PHE A C   
385 O O   . PHE A 54 ? 0.16049 0.17954 0.14327 -0.01830 -0.03192 0.04141  54 PHE A O   
386 C CB  . PHE A 54 ? 0.15060 0.15017 0.15133 0.00847  0.00837  0.00166  54 PHE A CB  
387 C CG  . PHE A 54 ? 0.15319 0.14699 0.14541 0.00354  -0.00160 -0.00152 54 PHE A CG  
388 C CD1 . PHE A 54 ? 0.15450 0.12844 0.16416 0.00197  0.00874  0.00138  54 PHE A CD1 
389 C CD2 . PHE A 54 ? 0.16462 0.16474 0.16814 -0.00535 -0.01655 -0.01397 54 PHE A CD2 
390 C CE1 . PHE A 54 ? 0.16464 0.15601 0.15725 -0.00872 -0.01305 -0.00682 54 PHE A CE1 
391 C CE2 . PHE A 54 ? 0.17895 0.17927 0.17048 -0.01252 -0.01875 0.00052  54 PHE A CE2 
392 C CZ  . PHE A 54 ? 0.19167 0.16324 0.15229 -0.01283 -0.01569 0.00656  54 PHE A CZ  
393 N N   . VAL A 55 ? 0.11652 0.16559 0.13799 0.00488  -0.01500 0.02474  55 VAL A N   
394 C CA  . VAL A 55 ? 0.12359 0.17411 0.14930 -0.00461 -0.02229 0.00095  55 VAL A CA  
395 C C   . VAL A 55 ? 0.11549 0.17086 0.14814 0.00063  -0.01271 0.02208  55 VAL A C   
396 O O   . VAL A 55 ? 0.14049 0.17985 0.16556 0.00004  0.00451  0.03998  55 VAL A O   
397 C CB  . VAL A 55 ? 0.15345 0.18705 0.18060 0.00224  -0.01963 -0.01981 55 VAL A CB  
398 C CG1 . VAL A 55 ? 0.18453 0.20225 0.19292 -0.02228 -0.02061 -0.02574 55 VAL A CG1 
399 C CG2 . VAL A 55 ? 0.20415 0.21243 0.21592 0.04150  -0.02592 -0.02326 55 VAL A CG2 
400 N N   . THR A 56 ? 0.12914 0.15151 0.15135 0.00064  -0.01394 0.00236  56 THR A N   
401 C CA  . THR A 56 ? 0.13539 0.16462 0.15309 -0.00861 -0.01464 -0.00921 56 THR A CA  
402 C C   . THR A 56 ? 0.12955 0.15034 0.14141 0.00212  -0.00113 0.01870  56 THR A C   
403 O O   . THR A 56 ? 0.12808 0.15995 0.15257 -0.00296 0.00010  0.02078  56 THR A O   
404 C CB  . THR A 56 ? 0.15329 0.19071 0.17739 0.00064  -0.01334 -0.01952 56 THR A CB  
405 O OG1 . THR A 56 ? 0.17516 0.20172 0.18722 -0.01825 0.00047  -0.00321 56 THR A OG1 
406 C CG2 . THR A 56 ? 0.18438 0.18978 0.19495 0.01232  -0.00640 -0.01447 56 THR A CG2 
407 N N   . PHE A 57 ? 0.12971 0.15315 0.13984 0.00537  -0.00918 0.01489  57 PHE A N   
408 C CA  . PHE A 57 ? 0.13004 0.15782 0.15044 -0.00437 0.00374  0.01197  57 PHE A CA  
409 C C   . PHE A 57 ? 0.13646 0.15648 0.14056 -0.00319 -0.00692 0.00201  57 PHE A C   
410 O O   . PHE A 57 ? 0.14881 0.16454 0.19726 0.00661  0.00328  -0.02029 57 PHE A O   
411 C CB  . PHE A 57 ? 0.14397 0.16202 0.15162 0.00708  0.00312  0.01530  57 PHE A CB  
412 C CG  . PHE A 57 ? 0.14953 0.15437 0.14470 -0.00723 0.00536  0.00697  57 PHE A CG  
413 C CD1 . PHE A 57 ? 0.14532 0.18258 0.14720 -0.00482 0.00432  -0.00465 57 PHE A CD1 
414 C CD2 . PHE A 57 ? 0.15540 0.19707 0.15853 -0.00016 0.02726  -0.00459 57 PHE A CD2 
415 C CE1 . PHE A 57 ? 0.16415 0.17897 0.14709 0.00648  0.00302  -0.00394 57 PHE A CE1 
416 C CE2 . PHE A 57 ? 0.16703 0.21100 0.17237 0.00162  0.04178  -0.00294 57 PHE A CE2 
417 C CZ  . PHE A 57 ? 0.17356 0.20333 0.16942 0.01207  0.01302  -0.00355 57 PHE A CZ  
418 N N   . ALA A 58 ? 0.13658 0.17774 0.14417 -0.00870 0.00847  0.01152  58 ALA A N   
419 C CA  . ALA A 58 ? 0.13193 0.20143 0.17404 0.00694  0.00142  0.00412  58 ALA A CA  
420 C C   . ALA A 58 ? 0.13436 0.20138 0.17966 0.02187  -0.00711 0.00251  58 ALA A C   
421 O O   . ALA A 58 ? 0.16941 0.21913 0.20896 0.04450  -0.01419 -0.00372 58 ALA A O   
422 C CB  . ALA A 58 ? 0.15895 0.20659 0.19686 -0.01544 0.01298  -0.00193 58 ALA A CB  
423 N N   . ASP A 59 ? 0.14385 0.21572 0.15453 0.01402  -0.00267 0.01787  59 ASP A N   
424 C CA  . ASP A 59 ? 0.14876 0.19680 0.17054 0.00386  -0.00969 0.01888  59 ASP A CA  
425 C C   . ASP A 59 ? 0.14987 0.19316 0.17926 0.00597  -0.00614 0.02141  59 ASP A C   
426 O O   . ASP A 59 ? 0.16521 0.17040 0.16049 0.00053  -0.00370 0.01591  59 ASP A O   
427 C CB  . ASP A 59 ? 0.17298 0.19583 0.17849 -0.00031 -0.01748 0.02338  59 ASP A CB  
428 C CG  . ASP A 59 ? 0.18093 0.22092 0.17755 -0.01434 -0.03051 0.02932  59 ASP A CG  
429 O OD1 . ASP A 59 ? 0.17306 0.22651 0.18913 -0.00711 -0.03193 0.03504  59 ASP A OD1 
430 O OD2 . ASP A 59 ? 0.19590 0.23795 0.19294 -0.00849 -0.04736 0.02745  59 ASP A OD2 
431 N N   . PRO A 60 ? 0.14879 0.19159 0.21262 0.00322  -0.00007 0.00308  60 PRO A N   
432 C CA  . PRO A 60 ? 0.14707 0.19287 0.22076 0.00450  -0.00513 0.00125  60 PRO A CA  
433 C C   . PRO A 60 ? 0.16251 0.18731 0.22318 0.00651  -0.00256 0.02394  60 PRO A C   
434 O O   . PRO A 60 ? 0.16683 0.19695 0.23562 -0.01038 0.00592  0.00644  60 PRO A O   
435 C CB  . PRO A 60 ? 0.18343 0.20843 0.25354 0.01677  0.00403  -0.01328 60 PRO A CB  
436 C CG  . PRO A 60 ? 0.21530 0.20854 0.29296 0.01585  0.01677  -0.00566 60 PRO A CG  
437 C CD  . PRO A 60 ? 0.18940 0.18647 0.25172 0.01906  0.02242  0.00321  60 PRO A CD  
438 N N   . THR A 61 ? 0.17896 0.18460 0.20724 -0.00196 -0.02359 0.02452  61 THR A N   
439 C CA  . THR A 61 ? 0.19397 0.23911 0.19353 -0.02664 -0.02060 0.02424  61 THR A CA  
440 C C   . THR A 61 ? 0.22227 0.22578 0.16896 -0.03276 -0.00644 0.02922  61 THR A C   
441 O O   . THR A 61 ? 0.25057 0.24249 0.17063 -0.04521 0.00074  0.03183  61 THR A O   
442 C CB  . THR A 61 ? 0.21176 0.26238 0.21647 -0.03072 -0.03308 0.03862  61 THR A CB  
443 O OG1 . THR A 61 ? 0.21878 0.29183 0.22370 -0.03724 -0.05242 0.02293  61 THR A OG1 
444 C CG2 . THR A 61 ? 0.21157 0.27335 0.23258 -0.00713 -0.04689 0.05421  61 THR A CG2 
445 N N   . ASN A 62 ? 0.19153 0.20517 0.17541 -0.03237 -0.00424 0.01951  62 ASN A N   
446 C CA  . ASN A 62 ? 0.18911 0.20498 0.17171 -0.02441 0.01082  0.01338  62 ASN A CA  
447 C C   . ASN A 62 ? 0.20470 0.17212 0.15668 -0.02930 0.00524  -0.00378 62 ASN A C   
448 O O   . ASN A 62 ? 0.20473 0.18448 0.16659 -0.02091 0.01991  -0.01391 62 ASN A O   
449 C CB  . ASN A 62 ? 0.18966 0.19518 0.15736 -0.04356 0.01088  -0.00016 62 ASN A CB  
450 C CG  . ASN A 62 ? 0.22204 0.20755 0.15661 -0.05183 0.01829  -0.00483 62 ASN A CG  
451 O OD1 . ASN A 62 ? 0.22170 0.22795 0.19505 -0.05624 0.02625  0.00046  62 ASN A OD1 
452 N ND2 . ASN A 62 ? 0.20502 0.24847 0.16250 -0.06830 0.01327  -0.00420 62 ASN A ND2 
453 N N   . VAL A 63 ? 0.17401 0.16030 0.15729 -0.02168 -0.00384 -0.00314 63 VAL A N   
454 C CA  . VAL A 63 ? 0.17603 0.15636 0.16490 -0.01778 -0.00868 -0.00197 63 VAL A CA  
455 C C   . VAL A 63 ? 0.16009 0.16614 0.16327 -0.00826 -0.00705 0.00624  63 VAL A C   
456 O O   . VAL A 63 ? 0.17690 0.18476 0.14384 -0.01472 -0.00340 -0.01158 63 VAL A O   
457 C CB  . VAL A 63 ? 0.16756 0.17777 0.18167 -0.01062 -0.00099 -0.00008 63 VAL A CB  
458 C CG1 . VAL A 63 ? 0.18039 0.19398 0.21593 -0.00716 0.00600  0.01285  63 VAL A CG1 
459 C CG2 . VAL A 63 ? 0.20510 0.20145 0.16595 -0.02384 0.00182  0.00575  63 VAL A CG2 
460 N N   . ASN A 64 ? 0.18417 0.19450 0.16263 0.00610  0.00612  0.01825  64 ASN A N   
461 C CA  . ASN A 64 ? 0.23256 0.22336 0.16488 0.02397  -0.00935 0.02074  64 ASN A CA  
462 C C   . ASN A 64 ? 0.18689 0.23082 0.15419 0.01815  -0.01268 0.01296  64 ASN A C   
463 O O   . ASN A 64 ? 0.19519 0.24224 0.15097 0.02416  -0.00032 0.00820  64 ASN A O   
464 C CB  . ASN A 64 ? 0.31019 0.24533 0.22599 0.04119  -0.02330 0.03196  64 ASN A CB  
465 C CG  . ASN A 64 ? 0.36891 0.33483 0.31876 0.06271  -0.03414 0.02087  64 ASN A CG  
466 O OD1 . ASN A 64 ? 0.39152 0.35825 0.35813 0.05608  -0.04058 0.00597  64 ASN A OD1 
467 N ND2 . ASN A 64 ? 0.41002 0.37596 0.34432 0.07710  -0.03531 0.02202  64 ASN A ND2 
468 N N   . HIS A 65 ? 0.16565 0.21515 0.15920 0.00855  -0.03236 0.00866  65 HIS A N   
469 C CA  . HIS A 65 ? 0.17042 0.21117 0.15701 0.00373  -0.02943 -0.00616 65 HIS A CA  
470 C C   . HIS A 65 ? 0.15630 0.21697 0.13874 0.00795  -0.03097 -0.01835 65 HIS A C   
471 O O   . HIS A 65 ? 0.17045 0.22635 0.13880 0.01206  -0.02065 -0.03628 65 HIS A O   
472 C CB  . HIS A 65 ? 0.18346 0.20743 0.16662 -0.00130 -0.03450 -0.01253 65 HIS A CB  
473 C CG  . HIS A 65 ? 0.18076 0.22359 0.16115 0.01182  -0.03179 -0.00367 65 HIS A CG  
474 N ND1 . HIS A 65 ? 0.17072 0.24194 0.16864 0.00948  -0.02043 -0.01277 65 HIS A ND1 
475 C CD2 . HIS A 65 ? 0.16143 0.24713 0.16655 0.00320  -0.02549 -0.00972 65 HIS A CD2 
476 C CE1 . HIS A 65 ? 0.16923 0.23118 0.16769 0.00481  -0.02055 -0.01514 65 HIS A CE1 
477 N NE2 . HIS A 65 ? 0.18886 0.22792 0.17812 0.00518  -0.01796 -0.00421 65 HIS A NE2 
478 N N   . VAL A 66 ? 0.16026 0.18710 0.14194 0.00201  -0.03695 -0.01009 66 VAL A N   
479 C CA  . VAL A 66 ? 0.15273 0.18072 0.14076 -0.00869 -0.03135 0.00656  66 VAL A CA  
480 C C   . VAL A 66 ? 0.15332 0.16626 0.14242 -0.01581 -0.02438 -0.00971 66 VAL A C   
481 O O   . VAL A 66 ? 0.15990 0.18104 0.13006 0.00604  -0.01932 -0.00326 66 VAL A O   
482 C CB  . VAL A 66 ? 0.17002 0.19587 0.13061 -0.01884 -0.03068 0.00544  66 VAL A CB  
483 C CG1 . VAL A 66 ? 0.17088 0.18254 0.13688 0.00727  -0.03653 -0.00897 66 VAL A CG1 
484 C CG2 . VAL A 66 ? 0.20979 0.21756 0.12955 -0.03832 -0.00266 0.02118  66 VAL A CG2 
485 N N   . LEU A 67 ? 0.17310 0.16753 0.14427 -0.00685 -0.02285 -0.00834 67 LEU A N   
486 C CA  . LEU A 67 ? 0.18657 0.16401 0.16102 -0.01349 -0.01843 -0.01181 67 LEU A CA  
487 C C   . LEU A 67 ? 0.19494 0.19385 0.14271 -0.01309 -0.01986 0.00229  67 LEU A C   
488 O O   . LEU A 67 ? 0.18490 0.25386 0.16194 -0.00786 0.00148  0.01538  67 LEU A O   
489 C CB  . LEU A 67 ? 0.21293 0.15887 0.18150 -0.01909 -0.02889 -0.02208 67 LEU A CB  
490 C CG  . LEU A 67 ? 0.22153 0.20047 0.20630 -0.00766 -0.02027 -0.02871 67 LEU A CG  
491 C CD1 . LEU A 67 ? 0.24383 0.20264 0.23863 -0.00068 -0.01788 -0.04548 67 LEU A CD1 
492 C CD2 . LEU A 67 ? 0.23387 0.21374 0.19840 -0.00594 -0.03498 -0.02336 67 LEU A CD2 
493 N N   . GLN A 68 ? 0.20322 0.18532 0.13787 -0.00442 -0.01492 0.01573  68 GLN A N   
494 C CA  . GLN A 68 ? 0.21437 0.21522 0.13541 -0.00242 -0.03085 -0.00401 68 GLN A CA  
495 C C   . GLN A 68 ? 0.19586 0.18991 0.14423 -0.01700 -0.01787 0.00347  68 GLN A C   
496 O O   . GLN A 68 ? 0.21609 0.19121 0.13080 -0.01309 -0.02041 0.01028  68 GLN A O   
497 C CB  . GLN A 68 ? 0.24899 0.28454 0.16707 0.00954  -0.04495 -0.01344 68 GLN A CB  
498 C CG  . GLN A 68 ? 0.29040 0.31665 0.21034 0.00976  -0.03502 0.00177  68 GLN A CG  
499 C CD  . GLN A 68 ? 0.27485 0.33968 0.25407 0.00774  -0.03636 0.01178  68 GLN A CD  
500 O OE1 . GLN A 68 ? 0.25731 0.37776 0.27843 -0.00295 -0.02335 0.00821  68 GLN A OE1 
501 N NE2 . GLN A 68 ? 0.25529 0.31123 0.26788 0.00749  -0.04390 0.01602  68 GLN A NE2 
502 N N   . ASN A 69 ? 0.16926 0.17704 0.13971 -0.00322 -0.02064 0.00854  69 ASN A N   
503 C CA  . ASN A 69 ? 0.15618 0.18395 0.14157 0.00355  -0.01771 0.00653  69 ASN A CA  
504 C C   . ASN A 69 ? 0.17719 0.22185 0.12636 0.00762  -0.02460 0.00094  69 ASN A C   
505 O O   . ASN A 69 ? 0.20862 0.20278 0.16230 0.01122  -0.02302 0.00814  69 ASN A O   
506 C CB  . ASN A 69 ? 0.16253 0.19396 0.13741 -0.00992 -0.02081 -0.00775 69 ASN A CB  
507 C CG  . ASN A 69 ? 0.16269 0.19020 0.15510 -0.01013 -0.01394 -0.03493 69 ASN A CG  
508 O OD1 . ASN A 69 ? 0.19073 0.18673 0.15014 -0.00697 -0.01187 -0.03533 69 ASN A OD1 
509 N ND2 . ASN A 69 ? 0.16474 0.23413 0.18593 0.00891  -0.01603 -0.04977 69 ASN A ND2 
510 N N   . GLY A 70 ? 0.17273 0.24016 0.13611 -0.00181 -0.02233 -0.00773 70 GLY A N   
511 C CA  . GLY A 70 ? 0.16731 0.27880 0.14450 0.01638  -0.02109 -0.01336 70 GLY A CA  
512 C C   . GLY A 70 ? 0.17056 0.33994 0.12761 0.02850  -0.01821 -0.00441 70 GLY A C   
513 O O   . GLY A 70 ? 0.21019 0.36386 0.14244 0.04466  -0.03189 -0.00877 70 GLY A O   
514 N N   . PRO A 71 ? 0.17515 0.37469 0.14076 0.04562  0.00199  -0.00309 71 PRO A N   
515 C CA  . PRO A 71 ? 0.17469 0.35812 0.15799 0.03331  0.00382  0.00245  71 PRO A CA  
516 C C   . PRO A 71 ? 0.18972 0.29248 0.15829 0.03140  -0.01442 -0.00741 71 PRO A C   
517 O O   . PRO A 71 ? 0.23566 0.30210 0.16314 0.01795  -0.03389 -0.01491 71 PRO A O   
518 C CB  . PRO A 71 ? 0.19181 0.41084 0.17265 0.04494  0.01483  -0.00120 71 PRO A CB  
519 C CG  . PRO A 71 ? 0.20547 0.43105 0.19508 0.05988  0.00454  -0.02123 71 PRO A CG  
520 C CD  . PRO A 71 ? 0.19231 0.40775 0.16844 0.06051  -0.00084 -0.02016 71 PRO A CD  
521 N N   . HIS A 72 ? 0.17963 0.24898 0.13809 0.03924  -0.00991 0.00748  72 HIS A N   
522 C CA  . HIS A 72 ? 0.17826 0.22527 0.14997 0.03671  -0.00775 0.01245  72 HIS A CA  
523 C C   . HIS A 72 ? 0.19861 0.23701 0.16368 0.04389  -0.01179 0.00420  72 HIS A C   
524 O O   . HIS A 72 ? 0.19785 0.24528 0.17477 0.05188  -0.00753 -0.00501 72 HIS A O   
525 C CB  . HIS A 72 ? 0.16567 0.24096 0.15788 0.04806  -0.00898 0.00599  72 HIS A CB  
526 C CG  . HIS A 72 ? 0.16087 0.22648 0.14144 0.02278  -0.02097 -0.00128 72 HIS A CG  
527 N ND1 . HIS A 72 ? 0.17742 0.25480 0.14838 0.00438  -0.01310 -0.00351 72 HIS A ND1 
528 C CD2 . HIS A 72 ? 0.18981 0.21643 0.12696 0.01800  -0.02461 -0.00212 72 HIS A CD2 
529 C CE1 . HIS A 72 ? 0.16913 0.27357 0.15670 0.01383  -0.01676 -0.00535 72 HIS A CE1 
530 N NE2 . HIS A 72 ? 0.18925 0.25777 0.11738 0.01740  -0.02757 -0.01954 72 HIS A NE2 
531 N N   . THR A 73 ? 0.21049 0.24337 0.17915 0.05174  0.00035  0.02571  73 THR A N   
532 C CA  . THR A 73 ? 0.21735 0.24893 0.19933 0.05690  0.02004  0.03290  73 THR A CA  
533 C C   . THR A 73 ? 0.18464 0.23540 0.18977 0.03730  0.01891  0.03283  73 THR A C   
534 O O   . THR A 73 ? 0.20422 0.26742 0.20817 0.02937  -0.00703 0.03183  73 THR A O   
535 C CB  . THR A 73 ? 0.29834 0.27254 0.24502 0.06564  0.03521  0.01365  73 THR A CB  
536 O OG1 . THR A 73 ? 0.35493 0.32539 0.30888 0.06006  0.03519  -0.01020 73 THR A OG1 
537 C CG2 . THR A 73 ? 0.33770 0.26657 0.23442 0.07111  0.05610  0.01849  73 THR A CG2 
538 N N   . LEU A 74 ? 0.18443 0.19276 0.16481 0.04585  0.01935  0.02972  74 LEU A N   
539 C CA  . LEU A 74 ? 0.17924 0.18140 0.17626 0.03572  0.02678  0.03642  74 LEU A CA  
540 C C   . LEU A 74 ? 0.17890 0.16703 0.18356 0.02910  0.01841  0.02514  74 LEU A C   
541 O O   . LEU A 74 ? 0.17204 0.17892 0.19523 0.02236  0.02759  0.01637  74 LEU A O   
542 C CB  . LEU A 74 ? 0.14983 0.21347 0.19720 0.04251  0.02369  0.02944  74 LEU A CB  
543 C CG  . LEU A 74 ? 0.16603 0.21520 0.19587 0.01911  0.01833  0.02498  74 LEU A CG  
544 C CD1 . LEU A 74 ? 0.19437 0.21086 0.22147 -0.00086 0.01956  0.03039  74 LEU A CD1 
545 C CD2 . LEU A 74 ? 0.17650 0.24038 0.20122 0.04273  0.01481  0.01210  74 LEU A CD2 
546 N N   . ASP A 75 ? 0.18955 0.16583 0.18273 0.03567  0.00698  0.01664  75 ASP A N   
547 C CA  . ASP A 75 ? 0.21461 0.20741 0.18007 0.04510  0.01724  0.02328  75 ASP A CA  
548 C C   . ASP A 75 ? 0.21657 0.21478 0.22726 0.04605  0.02498  0.03484  75 ASP A C   
549 O O   . ASP A 75 ? 0.23551 0.23527 0.26352 0.04310  0.01095  0.03689  75 ASP A O   
550 C CB  . ASP A 75 ? 0.23189 0.20735 0.16965 0.04218  0.02512  0.02505  75 ASP A CB  
551 C CG  . ASP A 75 ? 0.28238 0.17326 0.17747 0.01567  0.01757  0.01300  75 ASP A CG  
552 O OD1 . ASP A 75 ? 0.32983 0.18282 0.19454 0.00245  0.01578  0.00689  75 ASP A OD1 
553 O OD2 . ASP A 75 ? 0.28515 0.16900 0.19185 0.00423  0.02553  0.00008  75 ASP A OD2 
554 N N   . GLY A 76 ? 0.24706 0.20832 0.23831 0.05173  0.06845  0.05094  76 GLY A N   
555 C CA  . GLY A 76 ? 0.25444 0.23101 0.27246 0.05306  0.09203  0.04853  76 GLY A CA  
556 C C   . GLY A 76 ? 0.25152 0.23296 0.27552 0.05036  0.09135  0.05919  76 GLY A C   
557 O O   . GLY A 76 ? 0.29325 0.25363 0.32202 0.04698  0.10966  0.04991  76 GLY A O   
558 N N   . ARG A 77 ? 0.21782 0.22179 0.27169 0.04676  0.03262  0.04583  77 ARG A N   
559 C CA  . ARG A 77 ? 0.20142 0.23348 0.24480 0.03436  0.03437  0.05151  77 ARG A CA  
560 C C   . ARG A 77 ? 0.19693 0.20318 0.22868 0.04063  0.03305  0.04878  77 ARG A C   
561 O O   . ARG A 77 ? 0.17338 0.21845 0.23768 0.03085  0.03406  0.04939  77 ARG A O   
562 C CB  . ARG A 77 ? 0.23475 0.28750 0.25225 0.04619  0.01339  0.05048  77 ARG A CB  
563 C CG  . ARG A 77 ? 0.26928 0.37359 0.32373 0.07407  -0.00273 0.03396  77 ARG A CG  
564 C CD  . ARG A 77 ? 0.30734 0.48634 0.39002 0.09749  -0.02033 0.01229  77 ARG A CD  
565 N NE  . ARG A 77 ? 0.39056 0.56546 0.44969 0.11312  -0.02123 -0.00012 77 ARG A NE  
566 C CZ  . ARG A 77 ? 0.41982 0.62853 0.49505 0.12986  -0.02594 -0.00811 77 ARG A CZ  
567 N NH1 . ARG A 77 ? 0.41965 0.64880 0.51455 0.14213  -0.02313 -0.00433 77 ARG A NH1 
568 N NH2 . ARG A 77 ? 0.43030 0.65297 0.51243 0.13561  -0.02911 -0.01034 77 ARG A NH2 
569 N N   . THR A 78 ? 0.19856 0.19839 0.21575 0.03242  0.03123  0.04095  78 THR A N   
570 C CA  . THR A 78 ? 0.22564 0.19404 0.21252 0.02870  0.03883  0.05471  78 THR A CA  
571 C C   . THR A 78 ? 0.19480 0.18966 0.21384 0.01397  0.01951  0.03041  78 THR A C   
572 O O   . THR A 78 ? 0.19240 0.22708 0.24122 -0.00086 0.03200  0.01629  78 THR A O   
573 C CB  . THR A 78 ? 0.25413 0.23903 0.22374 0.04582  0.05215  0.05514  78 THR A CB  
574 O OG1 . THR A 78 ? 0.28874 0.28326 0.22909 0.04147  0.06764  0.03745  78 THR A OG1 
575 C CG2 . THR A 78 ? 0.24735 0.27127 0.21748 0.05562  0.04325  0.06259  78 THR A CG2 
576 N N   . ILE A 79 ? 0.16041 0.19353 0.17276 0.01856  0.00253  0.01530  79 ILE A N   
577 C CA  . ILE A 79 ? 0.15669 0.19700 0.16362 0.01940  -0.00848 0.01982  79 ILE A CA  
578 C C   . ILE A 79 ? 0.16358 0.20670 0.15372 0.02048  -0.02218 0.01672  79 ILE A C   
579 O O   . ILE A 79 ? 0.22254 0.20124 0.15882 0.02604  -0.02852 0.00835  79 ILE A O   
580 C CB  . ILE A 79 ? 0.15599 0.19464 0.16766 0.00877  -0.02355 0.02259  79 ILE A CB  
581 C CG1 . ILE A 79 ? 0.16680 0.18448 0.17462 -0.00867 -0.02238 0.01080  79 ILE A CG1 
582 C CG2 . ILE A 79 ? 0.18291 0.18198 0.15901 0.02351  -0.01544 0.02858  79 ILE A CG2 
583 C CD1 . ILE A 79 ? 0.18409 0.18784 0.17577 -0.00436 -0.00317 0.00733  79 ILE A CD1 
584 N N   . ASP A 80 ? 0.17396 0.17858 0.16496 0.00773  -0.00684 0.02127  80 ASP A N   
585 C CA  . ASP A 80 ? 0.16677 0.16811 0.19722 -0.00356 -0.00396 0.02709  80 ASP A CA  
586 C C   . ASP A 80 ? 0.17099 0.15039 0.16462 -0.00104 -0.01042 0.01054  80 ASP A C   
587 O O   . ASP A 80 ? 0.15812 0.16565 0.15642 -0.00382 -0.00665 0.01298  80 ASP A O   
588 C CB  . ASP A 80 ? 0.18131 0.18829 0.25250 -0.01399 0.00332  0.03734  80 ASP A CB  
589 C CG  . ASP A 80 ? 0.21620 0.21199 0.31361 -0.03188 0.00539  0.02638  80 ASP A CG  
590 O OD1 . ASP A 80 ? 0.27260 0.22350 0.29910 -0.01898 0.02726  0.05681  80 ASP A OD1 
591 O OD2 . ASP A 80 ? 0.25376 0.21474 0.35840 -0.05179 0.00512  0.01447  80 ASP A OD2 
592 N N   . PRO A 81 ? 0.17506 0.16226 0.16268 0.00244  -0.01999 0.00248  81 PRO A N   
593 C CA  . PRO A 81 ? 0.17849 0.14888 0.18063 0.01115  -0.03430 -0.00397 81 PRO A CA  
594 C C   . PRO A 81 ? 0.18317 0.16102 0.15342 0.00607  -0.02630 0.01369  81 PRO A C   
595 O O   . PRO A 81 ? 0.20967 0.18881 0.15353 0.00508  -0.02173 0.01888  81 PRO A O   
596 C CB  . PRO A 81 ? 0.18663 0.21128 0.17410 -0.00181 -0.02669 -0.02820 81 PRO A CB  
597 C CG  . PRO A 81 ? 0.19811 0.23095 0.20485 -0.00466 -0.02082 -0.05013 81 PRO A CG  
598 C CD  . PRO A 81 ? 0.18659 0.18417 0.18503 0.00761  -0.02198 -0.02030 81 PRO A CD  
599 N N   . LYS A 82 ? 0.16332 0.14681 0.15378 0.00675  -0.01047 0.01285  82 LYS A N   
600 C CA  . LYS A 82 ? 0.17374 0.14870 0.18136 0.00243  -0.00137 0.03207  82 LYS A CA  
601 C C   . LYS A 82 ? 0.18987 0.14062 0.17531 0.00508  -0.00956 0.03767  82 LYS A C   
602 O O   . LYS A 82 ? 0.17935 0.17380 0.17365 0.01892  0.01371  0.05759  82 LYS A O   
603 C CB  . LYS A 82 ? 0.20630 0.16623 0.21107 0.00241  0.00049  0.03094  82 LYS A CB  
604 C CG  . LYS A 82 ? 0.21995 0.20665 0.22190 -0.01660 -0.00785 0.01822  82 LYS A CG  
605 C CD  . LYS A 82 ? 0.28870 0.23902 0.24497 -0.01611 0.00685  0.02768  82 LYS A CD  
606 C CE  . LYS A 82 ? 0.36445 0.30445 0.25840 -0.01384 0.02233  0.01491  82 LYS A CE  
607 N NZ  . LYS A 82 ? 0.42409 0.32852 0.27288 -0.01451 0.02172  -0.00118 82 LYS A NZ  
608 N N   . PRO A 83 ? 0.19021 0.13922 0.17187 0.00313  -0.03104 0.02455  83 PRO A N   
609 C CA  . PRO A 83 ? 0.17606 0.15610 0.19793 0.00113  -0.02034 0.00951  83 PRO A CA  
610 C C   . PRO A 83 ? 0.13785 0.17530 0.18945 -0.01208 -0.01817 0.01557  83 PRO A C   
611 O O   . PRO A 83 ? 0.17940 0.19702 0.18778 -0.02879 -0.03167 0.00966  83 PRO A O   
612 C CB  . PRO A 83 ? 0.17757 0.19071 0.21322 0.00930  -0.02808 0.01966  83 PRO A CB  
613 C CG  . PRO A 83 ? 0.23763 0.20288 0.21009 0.02924  -0.04126 -0.00118 83 PRO A CG  
614 C CD  . PRO A 83 ? 0.21181 0.17215 0.17544 0.02042  -0.06121 0.00024  83 PRO A CD  
615 N N   . CYS A 84 ? 0.16744 0.19510 0.19526 -0.01351 -0.02307 -0.00393 84 CYS A N   
616 C CA  . CYS A 84 ? 0.18515 0.22907 0.20538 -0.00769 -0.02569 -0.00886 84 CYS A CA  
617 C C   . CYS A 84 ? 0.14958 0.22357 0.25925 -0.02466 -0.00985 -0.03735 84 CYS A C   
618 O O   . CYS A 84 ? 0.17627 0.26102 0.30841 -0.04006 0.01040  -0.06067 84 CYS A O   
619 C CB  . CYS A 84 ? 0.23661 0.27040 0.20549 -0.02702 -0.01144 0.01765  84 CYS A CB  
620 S SG  . CYS A 84 ? 0.30505 0.25559 0.25126 -0.05554 -0.01596 0.01932  84 CYS A SG  
621 N N   . ASN A 85 ? 0.15529 0.19275 0.23616 -0.00439 -0.01815 -0.03022 85 ASN A N   
622 C CA  . ASN A 85 ? 0.18201 0.20002 0.24247 0.01930  -0.01228 -0.00552 85 ASN A CA  
623 C C   . ASN A 85 ? 0.17326 0.20100 0.21685 0.00236  -0.00658 -0.00109 85 ASN A C   
624 O O   . ASN A 85 ? 0.13726 0.23693 0.22761 -0.00337 -0.00602 -0.00126 85 ASN A O   
625 C CB  . ASN A 85 ? 0.23568 0.20098 0.29484 0.00780  -0.01633 0.00296  85 ASN A CB  
626 C CG  . ASN A 85 ? 0.27744 0.19478 0.35098 -0.01591 -0.01782 0.00221  85 ASN A CG  
627 O OD1 . ASN A 85 ? 0.28746 0.23305 0.37598 0.00201  -0.02727 -0.00563 85 ASN A OD1 
628 N ND2 . ASN A 85 ? 0.31124 0.20887 0.36939 -0.02829 -0.00097 0.01076  85 ASN A ND2 
629 N N   . PRO A 86 ? 0.16446 0.19052 0.21861 -0.00532 -0.00721 -0.00293 86 PRO A N   
630 C CA  . PRO A 86 ? 0.19481 0.18204 0.20395 -0.02558 -0.00261 0.00281  86 PRO A CA  
631 C C   . PRO A 86 ? 0.19300 0.16727 0.21033 -0.02349 0.01446  0.00983  86 PRO A C   
632 O O   . PRO A 86 ? 0.22374 0.16232 0.23274 -0.01020 0.02383  0.01550  86 PRO A O   
633 C CB  . PRO A 86 ? 0.19023 0.20522 0.23625 -0.02547 -0.00149 -0.00216 86 PRO A CB  
634 C CG  . PRO A 86 ? 0.20419 0.22366 0.25745 -0.02174 -0.01182 -0.01088 86 PRO A CG  
635 C CD  . PRO A 86 ? 0.16995 0.21032 0.25293 -0.02483 -0.01471 -0.00899 86 PRO A CD  
# 
